data_4EI5
#
_entry.id   4EI5
#
_cell.length_a   102.739
_cell.length_b   140.711
_cell.length_c   160.773
_cell.angle_alpha   90.000
_cell.angle_beta   90.000
_cell.angle_gamma   90.000
#
_symmetry.space_group_name_H-M   'P 21 21 21'
#
loop_
_entity.id
_entity.type
_entity.pdbx_description
1 polymer 'Antigen-presenting glycoprotein CD1d1'
2 polymer Beta-2-microglobulin
3 polymer 'Valpha1 XV19 Type II Natural Killer T cell receptor (mouse variable domain, human constant domain)'
4 polymer 'Vbeta16 XV19 Type II Natural Killer T cell receptor (mouse variable domain, human constant domain)'
5 branched alpha-D-mannopyranose-(1-3)-beta-D-mannopyranose-(1-4)-2-acetamido-2-deoxy-beta-D-glucopyranose-(1-4)-2-acetamido-2-deoxy-beta-D-glucopyranose
6 branched 2-acetamido-2-deoxy-beta-D-glucopyranose-(1-4)-2-acetamido-2-deoxy-beta-D-glucopyranose
7 branched beta-D-mannopyranose-(1-4)-2-acetamido-2-deoxy-beta-D-glucopyranose-(1-4)-2-acetamido-2-deoxy-beta-D-glucopyranose
8 non-polymer 2-acetamido-2-deoxy-beta-D-glucopyranose
9 non-polymer 'CITRATE ANION'
10 non-polymer (15Z)-N-((1S,2R,3E)-2-HYDROXY-1-{[(3-O-SULFO-BETA-D-GALACTOPYRANOSYL)OXY]METHYL}HEPTADEC-3-ENYL)TETRACOS-15-ENAMIDE
#
loop_
_entity_poly.entity_id
_entity_poly.type
_entity_poly.pdbx_seq_one_letter_code
_entity_poly.pdbx_strand_id
1 'polypeptide(L)'
;SEAQQKNYTFRCLQMSSFANRSWSRTDSVVWLGDLQTHRWSNDSATISFTKPWSQGKLSNQQWEKLQHMFQVYRVSFTRD
IQELVKMMSPKEDYPIEIQLSAGCEMYPGNASESFLHVAFQGKYVVRFWGTSWQTVPGAPSWLDLPIKVLNADQGTSATV
QMLLNDTCPLFVRGLLEAGKSDLEKQEKPVAWLSSVPSSAHGHRQLVCHVSGFYPKPVWVMWMRGDQEQQGTHRGDFLPN
ADETWYLQATLDVEAGEEAGLACRVKHSSLGGQDIILYWGSLHHILDAQKMVWNHRHHHHHH
;
A,E
2 'polypeptide(L)'
;IQKTPQIQVYSRHPPENGKPNILNCYVTQFHPPHIEIQMLKNGKKIPKVEMSDMSFSKDWSFYILAHTEFTPTETDTYAC
RVKHASMAEPKTVYWDRDM
;
B,F
3 'polypeptide(L)'
;MQQKVQQSPESLSVPEGGMASLNCTSSDRNFQYFWWYRQHSGEGPKALMSIFSDGDKKEGRFTAHLNKASLHVSLHIRDS
QPSDSALYFCAASEQNNYAQGLTFGLGTRVSVFPYIQNPDPAVYQLRDSKSSDKSVCLFTDFDSQTNVSQSKDSDVYITD
KCVLDMRSMDFKSNSAVAWSNKSDFACANAFNNSIIPEDTFFPSPESS
;
C,G
4 'polypeptide(L)'
;MGPKVLQIPSHQIIDMGQMVTLNCDPVSNHLYFYWYKQILGQQMEFLVNFYNGKVMEKSKLFKDQFSVERPDGSYFTLKI
QPTALEDSAVYFCASSFWGAYAEQFFGPGTRLTVLEDLKNVFPPEVAVFEPSEAEISHTQKATLVCLATGFYPDHVELSW
WVNGKEVHSGVCTDPQPLKEQPALNDSRYALSSRLRVSATFWQNPRNHFRCQVQFYGLSENDEWTQDRAKPVTQIVSAEA
WGRAD
;
D,H
#
# COMPACT_ATOMS: atom_id res chain seq x y z
N ASN A 7 -22.47 33.30 12.95
CA ASN A 7 -21.15 33.64 12.37
C ASN A 7 -20.01 33.37 13.37
N TYR A 8 -18.97 32.65 12.93
CA TYR A 8 -17.84 32.31 13.80
C TYR A 8 -16.52 32.88 13.32
N THR A 9 -15.59 33.16 14.28
CA THR A 9 -14.26 33.65 13.98
C THR A 9 -13.21 32.67 14.51
N PHE A 10 -12.36 32.19 13.60
CA PHE A 10 -11.26 31.28 13.86
C PHE A 10 -10.03 32.15 14.08
N ARG A 11 -9.36 31.96 15.23
CA ARG A 11 -8.23 32.78 15.65
C ARG A 11 -7.01 31.98 16.09
N CYS A 12 -5.84 32.24 15.46
CA CYS A 12 -4.53 31.67 15.81
C CYS A 12 -3.79 32.80 16.48
N LEU A 13 -3.55 32.68 17.76
CA LEU A 13 -2.91 33.74 18.51
C LEU A 13 -1.50 33.35 18.86
N GLN A 14 -0.53 33.99 18.21
CA GLN A 14 0.87 33.70 18.43
C GLN A 14 1.47 34.75 19.34
N MET A 15 2.24 34.28 20.37
CA MET A 15 2.93 35.11 21.34
C MET A 15 4.39 34.81 21.24
N SER A 16 5.17 35.78 20.74
CA SER A 16 6.61 35.64 20.63
C SER A 16 7.31 36.68 21.51
N SER A 17 8.31 36.21 22.30
CA SER A 17 9.08 37.05 23.20
C SER A 17 10.56 36.78 23.04
N PHE A 18 11.33 37.85 22.84
CA PHE A 18 12.78 37.81 22.61
C PHE A 18 13.47 38.60 23.72
N ALA A 19 14.26 37.91 24.56
CA ALA A 19 14.97 38.53 25.69
C ALA A 19 16.38 38.97 25.31
N ASN A 20 17.07 38.16 24.47
CA ASN A 20 18.41 38.40 23.96
C ASN A 20 18.69 37.68 22.63
N ARG A 21 19.94 37.74 22.13
CA ARG A 21 20.37 37.12 20.88
C ARG A 21 20.33 35.57 20.91
N SER A 22 20.14 35.00 22.11
CA SER A 22 20.07 33.55 22.34
C SER A 22 18.72 33.08 22.90
N TRP A 23 18.09 33.87 23.83
CA TRP A 23 16.81 33.54 24.44
C TRP A 23 15.63 34.13 23.67
N SER A 24 14.68 33.25 23.32
CA SER A 24 13.43 33.54 22.61
C SER A 24 12.37 32.50 22.98
N ARG A 25 11.08 32.81 22.80
CA ARG A 25 10.00 31.87 23.11
C ARG A 25 8.77 32.16 22.25
N THR A 26 8.23 31.11 21.57
CA THR A 26 7.05 31.25 20.73
C THR A 26 5.95 30.26 21.12
N ASP A 27 4.83 30.78 21.64
CA ASP A 27 3.68 29.98 22.06
C ASP A 27 2.43 30.44 21.34
N SER A 28 1.61 29.48 20.89
CA SER A 28 0.37 29.77 20.18
C SER A 28 -0.83 29.05 20.78
N VAL A 29 -2.02 29.69 20.68
CA VAL A 29 -3.32 29.17 21.11
C VAL A 29 -4.31 29.41 19.99
N VAL A 30 -5.19 28.43 19.73
CA VAL A 30 -6.17 28.55 18.65
C VAL A 30 -7.60 28.50 19.20
N TRP A 31 -8.49 29.41 18.72
CA TRP A 31 -9.89 29.53 19.15
C TRP A 31 -10.86 29.56 17.99
N LEU A 32 -11.97 28.83 18.13
CA LEU A 32 -13.10 28.86 17.20
C LEU A 32 -14.22 29.42 18.09
N GLY A 33 -14.44 30.72 17.95
CA GLY A 33 -15.36 31.46 18.79
C GLY A 33 -14.74 31.61 20.17
N ASP A 34 -15.46 31.17 21.23
CA ASP A 34 -14.95 31.21 22.61
C ASP A 34 -14.46 29.83 23.10
N LEU A 35 -14.24 28.87 22.17
CA LEU A 35 -13.75 27.52 22.50
C LEU A 35 -12.34 27.31 22.01
N GLN A 36 -11.46 26.83 22.88
CA GLN A 36 -10.07 26.57 22.48
C GLN A 36 -9.98 25.27 21.70
N THR A 37 -9.37 25.31 20.53
CA THR A 37 -9.23 24.15 19.67
C THR A 37 -7.80 23.60 19.67
N HIS A 38 -6.78 24.47 19.80
CA HIS A 38 -5.38 24.04 19.81
C HIS A 38 -4.48 24.84 20.77
N ARG A 39 -3.27 24.32 21.05
CA ARG A 39 -2.22 24.97 21.82
C ARG A 39 -0.86 24.50 21.34
N TRP A 40 0.06 25.43 21.05
CA TRP A 40 1.40 25.06 20.60
C TRP A 40 2.50 25.78 21.39
N SER A 41 2.87 25.21 22.55
CA SER A 41 3.90 25.79 23.44
C SER A 41 5.28 25.51 22.91
N ASN A 42 6.21 26.47 23.10
CA ASN A 42 7.60 26.40 22.64
C ASN A 42 8.23 25.03 22.91
N ASP A 43 8.08 24.49 24.16
CA ASP A 43 8.64 23.20 24.57
C ASP A 43 8.14 21.99 23.76
N SER A 44 6.89 22.06 23.22
CA SER A 44 6.29 21.01 22.38
C SER A 44 6.68 21.23 20.90
N ALA A 45 7.20 20.18 20.25
CA ALA A 45 7.63 20.24 18.84
C ALA A 45 6.45 20.14 17.86
N THR A 46 5.29 19.62 18.34
CA THR A 46 4.08 19.47 17.52
C THR A 46 2.89 20.24 18.09
N ILE A 47 1.93 20.61 17.21
CA ILE A 47 0.67 21.28 17.59
C ILE A 47 -0.24 20.25 18.26
N SER A 48 -0.72 20.59 19.46
CA SER A 48 -1.57 19.75 20.31
C SER A 48 -3.04 20.15 20.22
N PHE A 49 -3.93 19.13 20.07
CA PHE A 49 -5.39 19.31 19.99
C PHE A 49 -5.98 19.43 21.40
N THR A 50 -6.93 20.38 21.60
CA THR A 50 -7.54 20.57 22.92
C THR A 50 -8.99 20.07 22.97
N LYS A 51 -9.47 19.52 21.85
CA LYS A 51 -10.82 18.96 21.70
C LYS A 51 -10.72 17.70 20.85
N PRO A 52 -11.65 16.72 21.02
CA PRO A 52 -11.60 15.52 20.16
C PRO A 52 -11.71 15.82 18.67
N TRP A 53 -12.39 16.92 18.30
CA TRP A 53 -12.65 17.35 16.93
C TRP A 53 -11.69 18.41 16.37
N SER A 54 -10.57 18.66 17.07
CA SER A 54 -9.57 19.68 16.69
C SER A 54 -8.88 19.49 15.33
N GLN A 55 -8.81 18.23 14.82
CA GLN A 55 -8.21 17.98 13.50
C GLN A 55 -9.19 18.30 12.36
N GLY A 56 -10.46 18.52 12.71
CA GLY A 56 -11.55 18.82 11.77
C GLY A 56 -11.77 17.65 10.85
N LYS A 57 -12.02 17.94 9.57
CA LYS A 57 -12.24 16.87 8.60
C LYS A 57 -11.00 16.57 7.72
N LEU A 58 -9.80 17.04 8.17
CA LEU A 58 -8.52 16.79 7.50
C LEU A 58 -8.06 15.37 7.76
N SER A 59 -7.44 14.75 6.73
CA SER A 59 -6.87 13.41 6.85
C SER A 59 -5.59 13.49 7.68
N ASN A 60 -5.11 12.34 8.19
CA ASN A 60 -3.87 12.34 8.97
C ASN A 60 -2.70 12.86 8.15
N GLN A 61 -2.64 12.50 6.84
CA GLN A 61 -1.60 12.96 5.89
C GLN A 61 -1.70 14.47 5.72
N GLN A 62 -2.93 15.00 5.52
CA GLN A 62 -3.21 16.44 5.37
C GLN A 62 -2.70 17.22 6.59
N TRP A 63 -3.06 16.77 7.81
CA TRP A 63 -2.62 17.43 9.03
C TRP A 63 -1.07 17.43 9.19
N GLU A 64 -0.44 16.27 8.89
CA GLU A 64 1.00 16.06 8.97
C GLU A 64 1.75 17.08 8.10
N LYS A 65 1.26 17.28 6.85
CA LYS A 65 1.81 18.20 5.86
C LYS A 65 1.76 19.62 6.39
N LEU A 66 0.64 19.98 7.07
CA LEU A 66 0.41 21.29 7.65
C LEU A 66 1.34 21.52 8.84
N GLN A 67 1.49 20.50 9.72
CA GLN A 67 2.37 20.58 10.90
C GLN A 67 3.81 20.79 10.47
N HIS A 68 4.28 20.01 9.48
CA HIS A 68 5.64 20.10 8.95
C HIS A 68 6.00 21.50 8.51
N MET A 69 5.13 22.17 7.75
CA MET A 69 5.40 23.55 7.33
C MET A 69 5.34 24.54 8.51
N PHE A 70 4.44 24.29 9.51
CA PHE A 70 4.32 25.14 10.69
C PHE A 70 5.56 25.05 11.54
N GLN A 71 6.13 23.82 11.65
CA GLN A 71 7.36 23.54 12.37
C GLN A 71 8.54 24.29 11.72
N VAL A 72 8.63 24.28 10.37
CA VAL A 72 9.65 24.97 9.57
C VAL A 72 9.49 26.48 9.82
N TYR A 73 8.23 26.96 9.78
CA TYR A 73 7.87 28.35 10.01
C TYR A 73 8.39 28.85 11.35
N ARG A 74 8.03 28.18 12.47
CA ARG A 74 8.43 28.60 13.81
C ARG A 74 9.92 28.87 13.93
N VAL A 75 10.73 27.93 13.42
CA VAL A 75 12.19 27.94 13.40
C VAL A 75 12.67 29.18 12.61
N SER A 76 12.23 29.27 11.35
CA SER A 76 12.57 30.33 10.42
C SER A 76 12.15 31.69 10.94
N PHE A 77 10.96 31.80 11.54
CA PHE A 77 10.41 33.04 12.12
C PHE A 77 11.30 33.59 13.24
N THR A 78 11.91 32.70 14.03
CA THR A 78 12.79 33.10 15.12
C THR A 78 14.08 33.64 14.50
N ARG A 79 14.67 32.89 13.53
CA ARG A 79 15.90 33.28 12.80
C ARG A 79 15.70 34.64 12.13
N ASP A 80 14.55 34.80 11.46
CA ASP A 80 14.20 36.02 10.74
C ASP A 80 14.08 37.24 11.62
N ILE A 81 13.36 37.15 12.75
CA ILE A 81 13.22 38.28 13.67
C ILE A 81 14.57 38.65 14.30
N GLN A 82 15.30 37.67 14.86
CA GLN A 82 16.62 37.88 15.49
C GLN A 82 17.58 38.65 14.55
N GLU A 83 17.48 38.41 13.23
CA GLU A 83 18.29 39.09 12.22
C GLU A 83 17.73 40.49 11.89
N LEU A 84 16.39 40.67 11.90
CA LEU A 84 15.75 41.97 11.66
C LEU A 84 15.90 42.92 12.86
N VAL A 85 16.27 42.36 14.03
CA VAL A 85 16.50 43.10 15.27
C VAL A 85 17.81 43.91 15.14
N LYS A 86 18.82 43.31 14.47
CA LYS A 86 20.12 43.94 14.20
C LYS A 86 19.94 45.19 13.32
N MET A 87 19.13 45.07 12.24
CA MET A 87 18.80 46.14 11.29
C MET A 87 17.93 47.24 11.93
N MET A 88 16.96 46.86 12.80
CA MET A 88 16.05 47.78 13.50
C MET A 88 16.79 48.87 14.27
N SER A 89 16.20 50.09 14.27
CA SER A 89 16.78 51.25 14.96
C SER A 89 15.80 51.84 16.01
N PRO A 90 16.25 52.14 17.25
CA PRO A 90 17.63 52.01 17.80
C PRO A 90 18.11 50.55 17.82
N LYS A 91 19.44 50.34 17.63
CA LYS A 91 20.08 49.01 17.59
C LYS A 91 19.82 48.14 18.84
N GLU A 92 19.03 47.05 18.64
CA GLU A 92 18.59 46.05 19.65
C GLU A 92 17.82 46.68 20.83
N ASP A 93 16.48 46.77 20.67
CA ASP A 93 15.60 47.34 21.69
C ASP A 93 14.97 46.27 22.60
N TYR A 94 15.77 45.26 23.04
CA TYR A 94 15.29 44.18 23.91
C TYR A 94 14.75 44.71 25.26
N PRO A 95 13.62 44.17 25.80
CA PRO A 95 12.82 43.03 25.32
C PRO A 95 11.99 43.30 24.05
N ILE A 96 11.76 42.25 23.25
CA ILE A 96 10.98 42.35 22.02
C ILE A 96 9.75 41.48 22.13
N GLU A 97 8.57 42.12 22.05
CA GLU A 97 7.29 41.44 22.13
C GLU A 97 6.51 41.49 20.82
N ILE A 98 6.49 40.37 20.08
CA ILE A 98 5.76 40.25 18.82
C ILE A 98 4.58 39.33 18.99
N GLN A 99 3.38 39.84 18.67
CA GLN A 99 2.13 39.09 18.73
C GLN A 99 1.53 39.04 17.34
N LEU A 100 1.03 37.86 16.95
CA LEU A 100 0.45 37.64 15.63
C LEU A 100 -0.97 37.09 15.80
N SER A 101 -1.95 37.70 15.12
CA SER A 101 -3.37 37.30 15.16
C SER A 101 -3.84 36.93 13.74
N ALA A 102 -3.89 35.62 13.44
CA ALA A 102 -4.27 35.15 12.11
C ALA A 102 -5.43 34.21 12.14
N GLY A 103 -6.25 34.25 11.09
CA GLY A 103 -7.39 33.36 10.96
C GLY A 103 -8.39 33.85 9.96
N CYS A 104 -9.64 33.37 10.07
CA CYS A 104 -10.74 33.74 9.19
C CYS A 104 -12.08 33.78 9.89
N GLU A 105 -12.97 34.65 9.40
CA GLU A 105 -14.33 34.84 9.92
C GLU A 105 -15.28 34.19 8.92
N MET A 106 -16.07 33.22 9.39
CA MET A 106 -17.00 32.50 8.53
C MET A 106 -18.35 33.19 8.40
N TYR A 107 -18.85 33.25 7.17
CA TYR A 107 -20.14 33.86 6.82
C TYR A 107 -21.00 32.81 6.09
N PRO A 108 -22.36 32.98 6.03
CA PRO A 108 -23.19 31.97 5.33
C PRO A 108 -22.79 31.72 3.88
N GLY A 109 -22.79 30.43 3.51
CA GLY A 109 -22.42 29.96 2.18
C GLY A 109 -20.94 29.66 2.11
N ASN A 110 -20.32 29.95 0.95
CA ASN A 110 -18.87 29.77 0.79
C ASN A 110 -18.09 31.06 1.11
N ALA A 111 -18.80 32.09 1.66
CA ALA A 111 -18.25 33.38 2.06
C ALA A 111 -17.46 33.28 3.36
N SER A 112 -16.25 33.88 3.36
CA SER A 112 -15.30 33.91 4.48
C SER A 112 -14.34 35.07 4.26
N GLU A 113 -13.77 35.61 5.35
CA GLU A 113 -12.81 36.70 5.23
C GLU A 113 -11.64 36.43 6.14
N SER A 114 -10.44 36.23 5.55
CA SER A 114 -9.21 35.95 6.29
C SER A 114 -8.48 37.23 6.71
N PHE A 115 -7.58 37.10 7.70
CA PHE A 115 -6.82 38.20 8.28
C PHE A 115 -5.52 37.71 8.90
N LEU A 116 -4.52 38.57 8.94
CA LEU A 116 -3.24 38.29 9.59
C LEU A 116 -2.76 39.63 10.11
N HIS A 117 -2.84 39.82 11.42
CA HIS A 117 -2.44 41.08 12.03
C HIS A 117 -1.29 40.88 12.97
N VAL A 118 -0.33 41.83 12.96
CA VAL A 118 0.87 41.77 13.78
C VAL A 118 1.01 43.03 14.64
N ALA A 119 1.33 42.84 15.94
CA ALA A 119 1.57 43.91 16.90
C ALA A 119 2.98 43.80 17.51
N PHE A 120 3.75 44.87 17.37
CA PHE A 120 5.10 44.98 17.89
C PHE A 120 5.03 45.85 19.14
N GLN A 121 5.46 45.26 20.28
CA GLN A 121 5.41 45.85 21.63
C GLN A 121 3.98 46.21 22.01
N GLY A 122 3.06 45.29 21.73
CA GLY A 122 1.64 45.46 22.01
C GLY A 122 0.90 46.52 21.20
N LYS A 123 1.52 47.03 20.10
CA LYS A 123 0.93 48.04 19.21
C LYS A 123 0.80 47.45 17.80
N TYR A 124 -0.44 47.37 17.27
CA TYR A 124 -0.75 46.87 15.91
C TYR A 124 -0.01 47.67 14.84
N VAL A 125 0.98 47.04 14.20
CA VAL A 125 1.84 47.71 13.21
C VAL A 125 1.76 47.17 11.77
N VAL A 126 1.73 45.82 11.61
CA VAL A 126 1.75 45.19 10.29
C VAL A 126 0.54 44.30 10.03
N ARG A 127 0.18 44.17 8.74
CA ARG A 127 -0.90 43.30 8.29
C ARG A 127 -0.50 42.62 6.96
N PHE A 128 -1.02 41.41 6.72
CA PHE A 128 -0.79 40.77 5.43
C PHE A 128 -2.03 41.13 4.62
N TRP A 129 -1.86 41.85 3.54
CA TRP A 129 -3.01 42.23 2.77
C TRP A 129 -2.82 41.90 1.29
N GLY A 130 -3.72 41.07 0.80
CA GLY A 130 -3.75 40.62 -0.58
C GLY A 130 -2.65 39.64 -0.91
N THR A 131 -1.51 40.19 -1.34
CA THR A 131 -0.31 39.45 -1.76
C THR A 131 0.97 39.88 -1.04
N SER A 132 0.92 40.95 -0.22
CA SER A 132 2.08 41.49 0.46
C SER A 132 1.86 41.86 1.93
N TRP A 133 2.98 41.97 2.69
CA TRP A 133 3.00 42.46 4.06
C TRP A 133 2.98 43.97 3.95
N GLN A 134 2.17 44.65 4.78
CA GLN A 134 2.12 46.12 4.75
C GLN A 134 1.94 46.73 6.11
N THR A 135 2.55 47.92 6.29
CA THR A 135 2.48 48.70 7.51
C THR A 135 1.11 49.35 7.57
N VAL A 136 0.57 49.52 8.76
CA VAL A 136 -0.74 50.14 8.96
C VAL A 136 -0.58 51.65 9.28
N PRO A 137 -1.57 52.54 9.00
CA PRO A 137 -1.37 53.97 9.32
C PRO A 137 -1.01 54.18 10.79
N GLY A 138 0.02 54.99 11.00
CA GLY A 138 0.55 55.30 12.33
C GLY A 138 1.78 54.53 12.73
N ALA A 139 2.01 53.32 12.14
CA ALA A 139 3.16 52.45 12.40
C ALA A 139 4.51 53.18 12.25
N PRO A 140 5.57 52.80 13.02
CA PRO A 140 6.83 53.56 12.93
C PRO A 140 7.58 53.39 11.61
N SER A 141 7.88 54.53 10.96
CA SER A 141 8.55 54.64 9.66
C SER A 141 9.79 53.76 9.45
N TRP A 142 10.47 53.35 10.54
CA TRP A 142 11.65 52.48 10.45
C TRP A 142 11.30 51.06 9.97
N LEU A 143 10.03 50.65 10.13
CA LEU A 143 9.52 49.33 9.75
C LEU A 143 9.39 49.11 8.25
N ASP A 144 9.42 50.18 7.44
CA ASP A 144 9.29 50.10 5.99
C ASP A 144 10.35 49.24 5.29
N LEU A 145 11.62 49.33 5.75
CA LEU A 145 12.71 48.54 5.20
C LEU A 145 12.56 47.04 5.52
N PRO A 146 12.44 46.59 6.81
CA PRO A 146 12.23 45.15 7.06
C PRO A 146 11.02 44.56 6.32
N ILE A 147 9.99 45.39 6.05
CA ILE A 147 8.81 45.03 5.29
C ILE A 147 9.19 44.76 3.82
N LYS A 148 10.00 45.66 3.21
CA LYS A 148 10.46 45.50 1.83
C LYS A 148 11.28 44.21 1.69
N VAL A 149 12.11 43.92 2.71
CA VAL A 149 12.95 42.73 2.84
C VAL A 149 12.05 41.47 2.99
N LEU A 150 10.99 41.59 3.80
CA LEU A 150 10.04 40.50 4.00
C LEU A 150 9.31 40.11 2.73
N ASN A 151 8.93 41.13 1.94
CA ASN A 151 8.20 40.94 0.70
C ASN A 151 9.04 40.29 -0.39
N ALA A 152 10.39 40.31 -0.25
CA ALA A 152 11.32 39.67 -1.19
C ALA A 152 11.19 38.14 -1.14
N ASP A 153 10.77 37.57 0.01
CA ASP A 153 10.54 36.13 0.18
C ASP A 153 9.29 35.76 -0.61
N GLN A 154 9.50 35.18 -1.80
CA GLN A 154 8.41 34.75 -2.68
C GLN A 154 7.68 33.52 -2.12
N GLY A 155 8.43 32.62 -1.50
CA GLY A 155 7.88 31.40 -0.90
C GLY A 155 7.03 31.65 0.32
N THR A 156 7.33 32.71 1.07
CA THR A 156 6.57 33.12 2.25
C THR A 156 5.24 33.73 1.79
N SER A 157 5.26 34.70 0.82
CA SER A 157 4.03 35.31 0.32
C SER A 157 3.09 34.29 -0.31
N ALA A 158 3.64 33.29 -1.05
CA ALA A 158 2.83 32.23 -1.66
C ALA A 158 2.18 31.34 -0.57
N THR A 159 2.96 30.91 0.45
CA THR A 159 2.45 30.09 1.56
C THR A 159 1.38 30.83 2.35
N VAL A 160 1.65 32.10 2.74
CA VAL A 160 0.70 32.92 3.50
C VAL A 160 -0.62 33.09 2.73
N GLN A 161 -0.52 33.30 1.39
CA GLN A 161 -1.67 33.40 0.49
C GLN A 161 -2.51 32.13 0.48
N MET A 162 -1.89 30.94 0.45
CA MET A 162 -2.65 29.68 0.46
C MET A 162 -3.27 29.44 1.83
N LEU A 163 -2.52 29.75 2.91
CA LEU A 163 -3.00 29.57 4.29
C LEU A 163 -4.23 30.39 4.53
N LEU A 164 -4.16 31.68 4.20
CA LEU A 164 -5.26 32.62 4.35
C LEU A 164 -6.40 32.37 3.38
N ASN A 165 -6.12 32.35 2.07
CA ASN A 165 -7.16 32.16 1.04
C ASN A 165 -7.85 30.81 1.00
N ASP A 166 -7.07 29.71 1.08
CA ASP A 166 -7.63 28.36 0.97
C ASP A 166 -7.76 27.62 2.29
N THR A 167 -6.60 27.24 2.87
CA THR A 167 -6.47 26.44 4.08
C THR A 167 -7.38 26.87 5.19
N CYS A 168 -7.30 28.14 5.64
CA CYS A 168 -8.12 28.64 6.74
C CYS A 168 -9.64 28.36 6.56
N PRO A 169 -10.35 28.95 5.56
CA PRO A 169 -11.78 28.67 5.43
C PRO A 169 -12.14 27.20 5.26
N LEU A 170 -11.37 26.47 4.42
CA LEU A 170 -11.57 25.03 4.19
C LEU A 170 -11.51 24.24 5.49
N PHE A 171 -10.48 24.54 6.35
CA PHE A 171 -10.28 23.90 7.66
C PHE A 171 -11.43 24.18 8.63
N VAL A 172 -11.78 25.47 8.79
CA VAL A 172 -12.87 25.94 9.65
C VAL A 172 -14.23 25.33 9.23
N ARG A 173 -14.51 25.25 7.90
CA ARG A 173 -15.75 24.66 7.40
C ARG A 173 -15.95 23.25 8.00
N GLY A 174 -14.90 22.42 7.90
CA GLY A 174 -14.88 21.06 8.42
C GLY A 174 -14.83 20.98 9.93
N LEU A 175 -14.27 22.02 10.58
CA LEU A 175 -14.15 22.15 12.02
C LEU A 175 -15.51 22.41 12.68
N LEU A 176 -16.33 23.28 12.05
CA LEU A 176 -17.67 23.61 12.51
C LEU A 176 -18.60 22.39 12.40
N GLU A 177 -18.34 21.55 11.39
CA GLU A 177 -19.12 20.33 11.15
C GLU A 177 -18.74 19.30 12.21
N ALA A 178 -17.43 19.08 12.41
CA ALA A 178 -16.88 18.11 13.36
C ALA A 178 -17.21 18.40 14.83
N GLY A 179 -17.27 19.68 15.21
CA GLY A 179 -17.56 20.07 16.58
C GLY A 179 -18.86 20.80 16.81
N LYS A 180 -19.88 20.55 15.95
CA LYS A 180 -21.17 21.24 16.08
C LYS A 180 -21.89 20.98 17.39
N SER A 181 -21.88 19.72 17.87
CA SER A 181 -22.49 19.29 19.13
C SER A 181 -21.92 20.09 20.32
N ASP A 182 -20.59 20.25 20.31
CA ASP A 182 -19.84 20.96 21.33
C ASP A 182 -19.94 22.48 21.21
N LEU A 183 -20.16 23.00 19.97
CA LEU A 183 -20.28 24.45 19.72
C LEU A 183 -21.70 24.93 20.00
N GLU A 184 -22.70 24.05 19.78
CA GLU A 184 -24.13 24.31 19.99
C GLU A 184 -24.59 23.80 21.38
N LYS A 185 -23.64 23.57 22.32
CA LYS A 185 -23.96 23.12 23.67
C LYS A 185 -24.70 24.20 24.50
N GLN A 186 -25.68 23.75 25.29
CA GLN A 186 -26.46 24.62 26.16
C GLN A 186 -26.20 24.20 27.60
N GLU A 187 -25.50 25.08 28.34
CA GLU A 187 -25.13 24.82 29.73
C GLU A 187 -25.91 25.74 30.66
N LYS A 188 -26.72 25.14 31.56
CA LYS A 188 -27.59 25.88 32.48
C LYS A 188 -26.88 26.75 33.53
N PRO A 189 -27.23 28.06 33.64
CA PRO A 189 -26.61 28.89 34.68
C PRO A 189 -27.14 28.53 36.05
N VAL A 190 -26.43 28.99 37.09
CA VAL A 190 -26.83 28.79 38.48
C VAL A 190 -26.63 30.13 39.17
N ALA A 191 -27.63 30.56 39.95
CA ALA A 191 -27.56 31.85 40.62
C ALA A 191 -27.60 31.82 42.13
N TRP A 192 -26.97 32.82 42.76
CA TRP A 192 -26.93 33.04 44.20
C TRP A 192 -26.79 34.51 44.58
N LEU A 193 -27.21 34.86 45.80
CA LEU A 193 -27.18 36.24 46.26
C LEU A 193 -26.25 36.49 47.45
N SER A 194 -25.80 37.76 47.60
CA SER A 194 -24.96 38.27 48.67
C SER A 194 -25.11 39.79 48.80
N SER A 195 -24.60 40.35 49.92
CA SER A 195 -24.65 41.80 50.17
C SER A 195 -23.38 42.28 50.84
N VAL A 196 -22.96 43.52 50.50
CA VAL A 196 -21.75 44.17 51.02
C VAL A 196 -22.05 45.65 51.38
N PRO A 197 -21.52 46.18 52.52
CA PRO A 197 -21.80 47.57 52.89
C PRO A 197 -21.34 48.72 51.95
N SER A 198 -20.75 48.44 50.78
CA SER A 198 -20.32 49.51 49.85
C SER A 198 -21.46 50.55 49.50
N SER A 199 -21.14 51.81 49.17
CA SER A 199 -19.85 52.49 49.14
C SER A 199 -20.09 53.84 49.78
N ALA A 200 -21.29 54.41 49.53
CA ALA A 200 -21.77 55.65 50.11
C ALA A 200 -22.44 55.27 51.43
N HIS A 201 -22.36 56.16 52.41
CA HIS A 201 -22.93 55.96 53.75
C HIS A 201 -24.41 55.61 53.72
N GLY A 202 -24.81 54.68 54.60
CA GLY A 202 -26.18 54.21 54.71
C GLY A 202 -26.68 53.38 53.53
N HIS A 203 -25.75 52.97 52.64
CA HIS A 203 -26.06 52.16 51.46
C HIS A 203 -25.47 50.76 51.55
N ARG A 204 -26.15 49.78 50.94
CA ARG A 204 -25.77 48.37 50.95
C ARG A 204 -25.88 47.83 49.50
N GLN A 205 -24.78 47.22 48.98
CA GLN A 205 -24.73 46.66 47.61
C GLN A 205 -25.20 45.22 47.58
N LEU A 206 -26.19 44.92 46.73
CA LEU A 206 -26.79 43.60 46.58
C LEU A 206 -26.23 42.92 45.36
N VAL A 207 -25.50 41.82 45.55
CA VAL A 207 -24.84 41.12 44.44
C VAL A 207 -25.63 39.89 43.98
N CYS A 208 -25.81 39.76 42.67
CA CYS A 208 -26.47 38.59 42.09
C CYS A 208 -25.45 37.85 41.23
N HIS A 209 -25.00 36.68 41.72
CA HIS A 209 -24.00 35.86 41.05
C HIS A 209 -24.65 34.88 40.10
N VAL A 210 -24.15 34.80 38.85
CA VAL A 210 -24.65 33.87 37.83
C VAL A 210 -23.44 33.13 37.25
N SER A 211 -23.44 31.79 37.35
CA SER A 211 -22.31 30.98 36.91
C SER A 211 -22.66 29.68 36.21
N GLY A 212 -21.77 29.27 35.30
CA GLY A 212 -21.85 28.00 34.57
C GLY A 212 -22.72 27.96 33.34
N PHE A 213 -23.03 29.14 32.76
CA PHE A 213 -23.86 29.25 31.58
C PHE A 213 -23.05 29.26 30.31
N TYR A 214 -23.63 28.67 29.26
CA TYR A 214 -23.07 28.63 27.90
C TYR A 214 -24.24 28.43 26.92
N PRO A 215 -24.27 29.15 25.76
CA PRO A 215 -23.31 30.15 25.27
C PRO A 215 -23.33 31.49 26.02
N LYS A 216 -22.35 32.36 25.76
CA LYS A 216 -22.15 33.67 26.39
C LYS A 216 -23.34 34.64 26.60
N PRO A 217 -24.27 34.89 25.66
CA PRO A 217 -25.33 35.89 25.95
C PRO A 217 -26.32 35.55 27.07
N VAL A 218 -26.50 36.53 28.01
CA VAL A 218 -27.42 36.46 29.15
C VAL A 218 -28.15 37.77 29.41
N TRP A 219 -29.02 37.74 30.43
CA TRP A 219 -29.82 38.85 30.90
C TRP A 219 -29.99 38.63 32.39
N VAL A 220 -29.43 39.54 33.17
CA VAL A 220 -29.48 39.51 34.63
C VAL A 220 -29.92 40.89 35.09
N MET A 221 -31.07 40.96 35.75
CA MET A 221 -31.61 42.24 36.21
C MET A 221 -32.26 42.15 37.58
N TRP A 222 -32.01 43.18 38.41
CA TRP A 222 -32.64 43.31 39.72
C TRP A 222 -34.02 43.90 39.46
N MET A 223 -35.05 43.23 39.97
CA MET A 223 -36.46 43.60 39.79
C MET A 223 -37.14 43.90 41.11
N ARG A 224 -38.17 44.73 41.06
CA ARG A 224 -39.05 45.02 42.18
C ARG A 224 -40.42 44.79 41.55
N GLY A 225 -40.75 43.51 41.39
CA GLY A 225 -41.95 43.06 40.74
C GLY A 225 -41.72 42.94 39.26
N ASP A 226 -42.31 43.86 38.49
CA ASP A 226 -42.18 43.91 37.04
C ASP A 226 -41.28 45.09 36.65
N GLN A 227 -40.95 45.95 37.63
CA GLN A 227 -40.11 47.14 37.45
C GLN A 227 -38.62 46.84 37.48
N GLU A 228 -37.96 47.06 36.31
CA GLU A 228 -36.52 46.88 36.13
C GLU A 228 -35.78 47.99 36.88
N GLN A 229 -34.95 47.61 37.89
CA GLN A 229 -34.20 48.59 38.68
C GLN A 229 -33.02 49.14 37.87
N GLN A 230 -33.17 50.40 37.43
CA GLN A 230 -32.25 51.16 36.59
C GLN A 230 -30.81 51.29 37.10
N GLY A 231 -30.62 51.15 38.42
CA GLY A 231 -29.31 51.22 39.06
C GLY A 231 -28.52 49.92 39.09
N THR A 232 -28.86 48.97 38.20
CA THR A 232 -28.17 47.66 38.09
C THR A 232 -26.87 47.84 37.32
N HIS A 233 -25.75 47.34 37.88
CA HIS A 233 -24.44 47.39 37.24
C HIS A 233 -24.05 45.98 36.89
N ARG A 234 -24.03 45.68 35.59
CA ARG A 234 -23.65 44.38 35.08
C ARG A 234 -22.12 44.35 35.01
N GLY A 235 -21.53 43.29 35.55
CA GLY A 235 -20.07 43.11 35.53
C GLY A 235 -19.59 42.49 34.23
N ASP A 236 -18.28 42.26 34.10
CA ASP A 236 -17.73 41.67 32.89
C ASP A 236 -17.92 40.16 32.90
N PHE A 237 -17.82 39.53 31.73
CA PHE A 237 -17.94 38.08 31.61
C PHE A 237 -16.64 37.50 32.05
N LEU A 238 -16.68 36.61 33.05
CA LEU A 238 -15.48 35.99 33.57
C LEU A 238 -15.49 34.49 33.26
N PRO A 239 -14.40 33.99 32.66
CA PRO A 239 -14.39 32.57 32.27
C PRO A 239 -14.26 31.59 33.41
N ASN A 240 -14.77 30.38 33.20
CA ASN A 240 -14.66 29.26 34.12
C ASN A 240 -13.76 28.22 33.42
N ALA A 241 -13.08 27.38 34.20
CA ALA A 241 -12.15 26.38 33.68
C ALA A 241 -12.81 25.38 32.69
N ASP A 242 -14.06 24.96 32.99
CA ASP A 242 -14.84 24.00 32.20
C ASP A 242 -15.39 24.56 30.88
N GLU A 243 -14.92 25.76 30.48
CA GLU A 243 -15.32 26.49 29.27
C GLU A 243 -16.78 26.98 29.33
N THR A 244 -17.18 27.52 30.50
CA THR A 244 -18.50 28.14 30.76
C THR A 244 -18.24 29.58 31.21
N TRP A 245 -19.29 30.30 31.61
CA TRP A 245 -19.17 31.72 31.99
C TRP A 245 -19.68 32.09 33.37
N TYR A 246 -19.17 33.22 33.88
CA TYR A 246 -19.57 33.81 35.16
C TYR A 246 -19.87 35.26 34.93
N LEU A 247 -20.97 35.75 35.53
CA LEU A 247 -21.37 37.14 35.44
C LEU A 247 -22.09 37.54 36.72
N GLN A 248 -21.94 38.80 37.14
CA GLN A 248 -22.63 39.32 38.31
C GLN A 248 -23.27 40.67 38.07
N ALA A 249 -24.41 40.92 38.74
CA ALA A 249 -25.16 42.17 38.67
C ALA A 249 -25.27 42.74 40.07
N THR A 250 -24.92 44.03 40.24
CA THR A 250 -24.97 44.70 41.56
C THR A 250 -26.03 45.79 41.63
N LEU A 251 -26.62 45.99 42.82
CA LEU A 251 -27.61 47.03 43.06
C LEU A 251 -27.37 47.74 44.40
N ASP A 252 -27.07 49.05 44.36
CA ASP A 252 -26.82 49.82 45.58
C ASP A 252 -28.15 50.31 46.13
N VAL A 253 -28.50 49.87 47.35
CA VAL A 253 -29.77 50.19 48.02
C VAL A 253 -29.62 50.66 49.45
N GLU A 254 -30.46 51.62 49.89
CA GLU A 254 -30.48 52.15 51.26
C GLU A 254 -31.01 51.07 52.22
N ALA A 255 -30.76 51.19 53.54
CA ALA A 255 -31.20 50.19 54.53
C ALA A 255 -32.72 49.99 54.54
N GLY A 256 -33.15 48.73 54.52
CA GLY A 256 -34.56 48.35 54.50
C GLY A 256 -35.19 48.27 53.12
N GLU A 257 -34.57 48.92 52.12
CA GLU A 257 -35.01 48.94 50.72
C GLU A 257 -34.80 47.59 50.02
N GLU A 258 -34.11 46.64 50.69
CA GLU A 258 -33.82 45.29 50.17
C GLU A 258 -35.10 44.50 49.95
N ALA A 259 -36.10 44.68 50.83
CA ALA A 259 -37.39 44.00 50.79
C ALA A 259 -38.10 44.27 49.46
N GLY A 260 -38.63 43.20 48.87
CA GLY A 260 -39.35 43.26 47.60
C GLY A 260 -38.48 43.13 46.36
N LEU A 261 -37.14 43.05 46.57
CA LEU A 261 -36.21 42.90 45.45
C LEU A 261 -36.01 41.46 45.07
N ALA A 262 -35.71 41.23 43.78
CA ALA A 262 -35.48 39.91 43.22
C ALA A 262 -34.56 39.97 42.02
N CYS A 263 -33.70 38.95 41.85
CA CYS A 263 -32.81 38.86 40.71
C CYS A 263 -33.42 37.94 39.67
N ARG A 264 -33.60 38.44 38.43
CA ARG A 264 -34.18 37.63 37.35
C ARG A 264 -33.09 37.30 36.34
N VAL A 265 -32.95 36.00 36.04
CA VAL A 265 -31.94 35.49 35.10
C VAL A 265 -32.62 34.82 33.90
N LYS A 266 -32.36 35.35 32.69
CA LYS A 266 -32.86 34.83 31.42
C LYS A 266 -31.65 34.34 30.60
N HIS A 267 -31.70 33.07 30.13
CA HIS A 267 -30.65 32.41 29.33
C HIS A 267 -31.23 31.29 28.47
N SER A 268 -30.68 31.13 27.24
CA SER A 268 -31.06 30.16 26.20
C SER A 268 -31.24 28.69 26.67
N SER A 269 -30.35 28.20 27.57
CA SER A 269 -30.39 26.83 28.09
C SER A 269 -31.58 26.54 29.02
N LEU A 270 -32.13 27.59 29.68
CA LEU A 270 -33.26 27.49 30.61
C LEU A 270 -34.60 27.11 29.92
N GLY A 271 -34.77 27.58 28.69
CA GLY A 271 -35.96 27.31 27.88
C GLY A 271 -37.24 27.96 28.36
N GLY A 272 -37.16 29.24 28.70
CA GLY A 272 -38.31 30.01 29.17
C GLY A 272 -38.54 29.94 30.66
N GLN A 273 -37.83 29.02 31.36
CA GLN A 273 -37.97 28.89 32.80
C GLN A 273 -36.86 29.62 33.51
N ASP A 274 -37.03 30.96 33.56
CA ASP A 274 -36.12 31.96 34.13
C ASP A 274 -35.84 31.74 35.60
N ILE A 275 -34.58 31.95 36.01
CA ILE A 275 -34.18 31.85 37.40
C ILE A 275 -34.66 33.13 38.10
N ILE A 276 -35.50 32.98 39.13
CA ILE A 276 -35.97 34.12 39.92
C ILE A 276 -35.57 33.85 41.35
N LEU A 277 -34.71 34.71 41.91
CA LEU A 277 -34.25 34.57 43.28
C LEU A 277 -34.81 35.72 44.07
N TYR A 278 -35.64 35.42 45.07
CA TYR A 278 -36.25 36.47 45.87
C TYR A 278 -35.43 36.80 47.08
N TRP A 279 -35.07 38.09 47.24
CA TRP A 279 -34.29 38.54 48.40
C TRP A 279 -35.24 38.51 49.60
N GLY A 280 -34.81 37.78 50.64
CA GLY A 280 -35.55 37.57 51.88
C GLY A 280 -36.19 36.19 52.05
N SER A 281 -36.48 35.54 50.91
CA SER A 281 -37.14 34.23 50.79
C SER A 281 -36.41 33.09 51.53
N LEU A 282 -37.13 31.99 51.83
CA LEU A 282 -36.57 30.80 52.48
C LEU A 282 -35.42 30.21 51.63
N HIS A 283 -35.57 30.14 50.27
CA HIS A 283 -34.49 29.66 49.39
C HIS A 283 -33.21 30.50 49.58
N HIS A 284 -33.38 31.82 49.74
CA HIS A 284 -32.31 32.77 50.02
C HIS A 284 -31.71 32.59 51.39
N ILE A 285 -32.51 32.42 52.47
CA ILE A 285 -31.97 32.23 53.83
C ILE A 285 -31.20 30.91 53.88
N LEU A 286 -31.80 29.84 53.34
CA LEU A 286 -31.15 28.53 53.26
C LEU A 286 -29.84 28.47 52.50
N ASP A 287 -29.62 29.37 51.49
CA ASP A 287 -28.36 29.50 50.75
C ASP A 287 -27.37 30.33 51.57
N ALA A 288 -27.83 31.47 52.14
CA ALA A 288 -27.03 32.34 52.99
C ALA A 288 -26.38 31.52 54.11
N GLN A 289 -27.19 30.72 54.85
CA GLN A 289 -26.80 29.83 55.93
C GLN A 289 -25.63 28.88 55.67
N LYS A 290 -25.35 28.47 54.40
CA LYS A 290 -24.28 27.51 54.06
C LYS A 290 -23.06 28.14 53.36
N MET A 291 -23.16 29.45 53.13
CA MET A 291 -22.15 30.24 52.44
C MET A 291 -21.50 31.30 53.31
N VAL A 292 -21.70 31.22 54.62
CA VAL A 292 -21.13 32.18 55.58
C VAL A 292 -19.59 32.02 55.71
N TRP A 293 -18.89 33.09 56.12
CA TRP A 293 -17.46 33.10 56.36
C TRP A 293 -17.11 34.13 57.43
N ASN A 294 -15.89 34.11 57.93
CA ASN A 294 -15.38 34.98 58.98
C ASN A 294 -14.81 36.29 58.35
N HIS A 295 -15.41 37.52 58.67
CA HIS A 295 -14.98 38.77 58.02
C HIS A 295 -15.39 40.22 58.51
N ARG A 296 -15.26 41.22 57.55
CA ARG A 296 -15.48 42.70 57.44
C ARG A 296 -14.98 43.08 56.00
N HIS A 297 -15.76 43.82 55.20
CA HIS A 297 -15.46 44.11 53.77
C HIS A 297 -14.56 45.25 53.28
N HIS A 298 -13.65 44.90 52.35
CA HIS A 298 -12.73 45.86 51.71
C HIS A 298 -12.89 45.84 50.17
N HIS A 299 -12.97 47.03 49.55
CA HIS A 299 -13.15 47.19 48.10
C HIS A 299 -12.05 48.07 47.49
N HIS A 300 -11.44 47.59 46.38
CA HIS A 300 -10.38 48.30 45.67
C HIS A 300 -10.84 48.76 44.27
N HIS A 301 -11.55 47.87 43.54
CA HIS A 301 -12.14 48.08 42.20
C HIS A 301 -11.16 48.68 41.16
N GLN B 2 4.19 49.04 29.05
CA GLN B 2 3.76 48.15 30.13
C GLN B 2 2.34 48.42 30.60
N LYS B 3 1.61 47.36 30.97
CA LYS B 3 0.23 47.45 31.47
C LYS B 3 0.06 46.66 32.78
N THR B 4 -0.48 47.32 33.83
CA THR B 4 -0.72 46.71 35.16
C THR B 4 -1.87 45.71 35.14
N PRO B 5 -1.62 44.46 35.59
CA PRO B 5 -2.67 43.43 35.55
C PRO B 5 -3.85 43.61 36.51
N GLN B 6 -5.04 43.18 36.07
CA GLN B 6 -6.25 43.21 36.89
C GLN B 6 -6.60 41.80 37.34
N ILE B 7 -6.51 41.57 38.66
CA ILE B 7 -6.79 40.27 39.26
C ILE B 7 -8.23 40.20 39.78
N GLN B 8 -8.96 39.10 39.44
CA GLN B 8 -10.35 38.83 39.81
C GLN B 8 -10.48 37.39 40.29
N VAL B 9 -10.73 37.22 41.61
CA VAL B 9 -10.87 35.91 42.27
C VAL B 9 -12.35 35.62 42.54
N TYR B 10 -12.83 34.44 42.09
CA TYR B 10 -14.21 33.97 42.22
C TYR B 10 -14.32 32.43 42.20
N SER B 11 -15.30 31.87 42.93
CA SER B 11 -15.58 30.44 42.96
C SER B 11 -16.45 30.04 41.73
N ARG B 12 -16.27 28.79 41.24
CA ARG B 12 -17.00 28.25 40.08
C ARG B 12 -18.47 27.98 40.41
N HIS B 13 -18.72 27.33 41.56
CA HIS B 13 -20.04 26.99 42.04
C HIS B 13 -20.36 27.84 43.29
N PRO B 14 -21.63 27.90 43.79
CA PRO B 14 -21.89 28.72 44.99
C PRO B 14 -21.00 28.33 46.16
N PRO B 15 -20.44 29.33 46.88
CA PRO B 15 -19.51 29.05 47.98
C PRO B 15 -20.08 28.35 49.22
N GLU B 16 -20.72 27.19 49.01
CA GLU B 16 -21.28 26.37 50.09
C GLU B 16 -20.08 25.73 50.79
N ASN B 17 -20.06 25.86 52.13
CA ASN B 17 -18.99 25.35 52.96
C ASN B 17 -19.04 23.84 53.02
N GLY B 18 -17.87 23.23 53.00
CA GLY B 18 -17.71 21.78 53.05
C GLY B 18 -17.92 21.08 51.72
N LYS B 19 -18.45 21.81 50.73
CA LYS B 19 -18.71 21.25 49.42
C LYS B 19 -17.53 21.52 48.50
N PRO B 20 -16.95 20.47 47.87
CA PRO B 20 -15.84 20.68 46.92
C PRO B 20 -16.27 21.59 45.79
N ASN B 21 -15.42 22.58 45.50
CA ASN B 21 -15.63 23.61 44.49
C ASN B 21 -14.30 23.84 43.77
N ILE B 22 -14.26 24.83 42.86
CA ILE B 22 -13.09 25.24 42.10
C ILE B 22 -12.99 26.77 42.24
N LEU B 23 -11.81 27.26 42.64
CA LEU B 23 -11.57 28.70 42.82
C LEU B 23 -10.80 29.22 41.63
N ASN B 24 -11.36 30.22 40.95
CA ASN B 24 -10.75 30.82 39.78
C ASN B 24 -10.07 32.14 40.13
N CYS B 25 -8.97 32.43 39.44
CA CYS B 25 -8.24 33.68 39.53
C CYS B 25 -8.01 34.11 38.09
N TYR B 26 -8.63 35.24 37.71
CA TYR B 26 -8.61 35.76 36.37
C TYR B 26 -7.77 37.03 36.20
N VAL B 27 -6.50 36.84 35.82
CA VAL B 27 -5.54 37.92 35.57
C VAL B 27 -5.67 38.40 34.12
N THR B 28 -5.89 39.72 33.94
CA THR B 28 -6.09 40.38 32.63
C THR B 28 -5.38 41.73 32.50
N GLN B 29 -5.49 42.38 31.32
CA GLN B 29 -4.98 43.71 30.98
C GLN B 29 -3.48 43.90 31.30
N PHE B 30 -2.66 42.88 31.04
CA PHE B 30 -1.22 43.00 31.32
C PHE B 30 -0.30 42.91 30.12
N HIS B 31 0.87 43.54 30.25
CA HIS B 31 1.91 43.54 29.24
C HIS B 31 3.24 43.87 29.93
N PRO B 32 4.35 43.10 29.73
CA PRO B 32 4.56 41.95 28.84
C PRO B 32 3.90 40.64 29.28
N PRO B 33 3.92 39.57 28.44
CA PRO B 33 3.28 38.31 28.85
C PRO B 33 3.91 37.57 30.03
N HIS B 34 5.16 37.89 30.40
CA HIS B 34 5.82 37.22 31.53
C HIS B 34 5.17 37.62 32.84
N ILE B 35 4.52 36.64 33.48
CA ILE B 35 3.81 36.82 34.74
C ILE B 35 4.05 35.64 35.70
N GLU B 36 3.86 35.86 37.00
CA GLU B 36 3.99 34.83 38.02
C GLU B 36 2.72 34.88 38.90
N ILE B 37 1.83 33.87 38.74
CA ILE B 37 0.58 33.81 39.50
C ILE B 37 0.64 32.72 40.55
N GLN B 38 0.35 33.10 41.80
CA GLN B 38 0.38 32.22 42.97
C GLN B 38 -1.00 32.20 43.61
N MET B 39 -1.50 30.99 43.94
CA MET B 39 -2.79 30.87 44.64
C MET B 39 -2.50 30.44 46.06
N LEU B 40 -3.11 31.14 47.03
CA LEU B 40 -2.82 30.92 48.43
C LEU B 40 -3.98 30.47 49.28
N LYS B 41 -3.71 29.55 50.21
CA LYS B 41 -4.67 29.04 51.20
C LYS B 41 -4.08 29.44 52.54
N ASN B 42 -4.72 30.44 53.18
CA ASN B 42 -4.29 31.03 54.45
C ASN B 42 -2.86 31.58 54.34
N GLY B 43 -2.58 32.21 53.20
CA GLY B 43 -1.27 32.80 52.90
C GLY B 43 -0.17 31.83 52.53
N LYS B 44 -0.47 30.52 52.47
CA LYS B 44 0.46 29.47 52.09
C LYS B 44 0.18 29.07 50.64
N LYS B 45 1.25 28.91 49.83
CA LYS B 45 1.17 28.54 48.42
C LYS B 45 0.44 27.21 48.17
N ILE B 46 -0.65 27.24 47.37
CA ILE B 46 -1.40 26.05 46.98
C ILE B 46 -0.55 25.33 45.90
N PRO B 47 -0.31 24.00 46.00
CA PRO B 47 0.57 23.35 45.01
C PRO B 47 -0.08 22.98 43.68
N LYS B 48 -1.24 22.28 43.71
CA LYS B 48 -1.98 21.81 42.53
C LYS B 48 -2.78 22.93 41.78
N VAL B 49 -2.11 24.05 41.47
CA VAL B 49 -2.74 25.16 40.76
C VAL B 49 -2.57 24.92 39.26
N GLU B 50 -3.70 24.89 38.52
CA GLU B 50 -3.70 24.69 37.07
C GLU B 50 -3.89 26.01 36.35
N MET B 51 -3.13 26.20 35.27
CA MET B 51 -3.18 27.43 34.49
C MET B 51 -3.71 27.18 33.10
N SER B 52 -4.43 28.16 32.58
CA SER B 52 -4.93 28.18 31.23
C SER B 52 -3.76 28.58 30.33
N ASP B 53 -3.83 28.24 29.04
CA ASP B 53 -2.80 28.64 28.09
C ASP B 53 -2.89 30.15 27.95
N MET B 54 -1.74 30.85 27.87
CA MET B 54 -1.82 32.31 27.74
C MET B 54 -2.36 32.72 26.38
N SER B 55 -3.25 33.72 26.39
CA SER B 55 -3.91 34.30 25.23
C SER B 55 -3.98 35.84 25.40
N PHE B 56 -4.48 36.57 24.40
CA PHE B 56 -4.58 38.02 24.47
C PHE B 56 -5.89 38.49 23.89
N SER B 57 -6.35 39.69 24.29
CA SER B 57 -7.64 40.23 23.82
C SER B 57 -7.51 41.15 22.62
N LYS B 58 -8.67 41.67 22.14
CA LYS B 58 -8.79 42.58 20.99
C LYS B 58 -7.82 43.75 21.07
N ASP B 59 -7.46 44.20 22.29
CA ASP B 59 -6.54 45.32 22.52
C ASP B 59 -5.09 44.88 22.68
N TRP B 60 -4.78 43.64 22.25
CA TRP B 60 -3.46 43.00 22.30
C TRP B 60 -2.97 42.67 23.75
N SER B 61 -3.71 43.09 24.79
CA SER B 61 -3.33 42.84 26.18
C SER B 61 -3.58 41.40 26.55
N PHE B 62 -2.68 40.81 27.35
CA PHE B 62 -2.74 39.41 27.77
C PHE B 62 -3.72 39.10 28.87
N TYR B 63 -4.19 37.84 28.91
CA TYR B 63 -5.12 37.33 29.89
C TYR B 63 -4.83 35.86 30.20
N ILE B 64 -5.00 35.46 31.47
CA ILE B 64 -4.76 34.09 31.93
C ILE B 64 -5.67 33.71 33.11
N LEU B 65 -6.06 32.44 33.17
CA LEU B 65 -6.91 31.95 34.23
C LEU B 65 -6.23 30.84 35.05
N ALA B 66 -6.05 31.14 36.33
CA ALA B 66 -5.51 30.20 37.31
C ALA B 66 -6.75 29.62 38.00
N HIS B 67 -6.69 28.35 38.38
CA HIS B 67 -7.79 27.69 39.06
C HIS B 67 -7.32 26.50 39.85
N THR B 68 -7.92 26.27 41.03
CA THR B 68 -7.60 25.13 41.85
C THR B 68 -8.84 24.54 42.51
N GLU B 69 -8.80 23.22 42.75
CA GLU B 69 -9.88 22.52 43.43
C GLU B 69 -9.75 22.91 44.90
N PHE B 70 -10.87 23.32 45.53
CA PHE B 70 -10.85 23.72 46.92
C PHE B 70 -12.19 23.44 47.61
N THR B 71 -12.12 23.15 48.92
CA THR B 71 -13.30 22.94 49.74
C THR B 71 -13.41 24.15 50.69
N PRO B 72 -14.23 25.17 50.33
CA PRO B 72 -14.33 26.37 51.18
C PRO B 72 -14.88 26.08 52.55
N THR B 73 -14.37 26.80 53.57
CA THR B 73 -14.85 26.68 54.94
C THR B 73 -15.11 28.07 55.49
N GLU B 74 -15.81 28.14 56.62
CA GLU B 74 -16.15 29.37 57.31
C GLU B 74 -14.88 30.11 57.82
N THR B 75 -13.80 29.35 58.13
CA THR B 75 -12.56 29.85 58.76
C THR B 75 -11.31 30.07 57.90
N ASP B 76 -11.24 29.47 56.71
CA ASP B 76 -10.08 29.61 55.82
C ASP B 76 -10.19 30.79 54.87
N THR B 77 -9.02 31.39 54.52
CA THR B 77 -8.93 32.51 53.57
C THR B 77 -8.19 32.07 52.31
N TYR B 78 -8.58 32.60 51.16
CA TYR B 78 -7.97 32.28 49.87
C TYR B 78 -7.61 33.56 49.12
N ALA B 79 -6.43 33.58 48.48
CA ALA B 79 -5.92 34.75 47.77
C ALA B 79 -5.21 34.40 46.48
N CYS B 80 -4.91 35.44 45.69
CA CYS B 80 -4.18 35.33 44.44
C CYS B 80 -3.04 36.35 44.46
N ARG B 81 -1.79 35.86 44.55
CA ARG B 81 -0.59 36.69 44.60
C ARG B 81 -0.02 36.75 43.19
N VAL B 82 0.06 37.95 42.61
CA VAL B 82 0.54 38.12 41.23
C VAL B 82 1.78 39.02 41.15
N LYS B 83 2.86 38.50 40.54
CA LYS B 83 4.12 39.22 40.33
C LYS B 83 4.24 39.56 38.83
N HIS B 84 4.34 40.86 38.52
CA HIS B 84 4.46 41.34 37.15
C HIS B 84 5.37 42.57 37.05
N ALA B 85 6.17 42.64 35.97
CA ALA B 85 7.13 43.71 35.69
C ALA B 85 6.61 45.12 35.93
N SER B 86 5.32 45.36 35.60
CA SER B 86 4.64 46.65 35.76
C SER B 86 4.41 47.06 37.21
N MET B 87 4.64 46.16 38.16
CA MET B 87 4.44 46.42 39.58
C MET B 87 5.72 46.26 40.38
N ALA B 88 5.98 47.22 41.28
CA ALA B 88 7.15 47.21 42.14
C ALA B 88 7.00 46.17 43.24
N GLU B 89 5.75 45.91 43.66
CA GLU B 89 5.39 44.99 44.73
C GLU B 89 4.23 44.05 44.27
N PRO B 90 4.30 42.73 44.61
CA PRO B 90 3.23 41.81 44.17
C PRO B 90 1.87 42.12 44.74
N LYS B 91 0.85 42.20 43.87
CA LYS B 91 -0.55 42.46 44.25
C LYS B 91 -1.19 41.16 44.73
N THR B 92 -1.91 41.24 45.85
CA THR B 92 -2.59 40.10 46.47
C THR B 92 -4.06 40.46 46.74
N VAL B 93 -4.97 39.90 45.93
CA VAL B 93 -6.42 40.09 46.09
C VAL B 93 -7.00 38.87 46.81
N TYR B 94 -7.68 39.10 47.93
CA TYR B 94 -8.29 38.04 48.71
C TYR B 94 -9.67 37.70 48.21
N TRP B 95 -10.02 36.40 48.21
CA TRP B 95 -11.34 35.91 47.79
C TRP B 95 -12.38 36.36 48.82
N ASP B 96 -13.35 37.14 48.36
CA ASP B 96 -14.44 37.70 49.15
C ASP B 96 -15.75 37.23 48.52
N ARG B 97 -16.22 36.05 48.92
CA ARG B 97 -17.43 35.39 48.39
C ARG B 97 -18.73 36.20 48.42
N ASP B 98 -18.73 37.37 49.08
CA ASP B 98 -19.92 38.22 49.18
C ASP B 98 -19.95 39.34 48.11
N MET B 99 -18.88 39.47 47.31
CA MET B 99 -18.81 40.47 46.24
C MET B 99 -18.88 39.83 44.85
N GLN C 3 -6.58 13.91 -19.88
CA GLN C 3 -5.36 14.26 -19.13
C GLN C 3 -5.61 15.40 -18.12
N LYS C 4 -4.81 15.44 -17.03
CA LYS C 4 -4.93 16.44 -15.96
C LYS C 4 -4.54 17.87 -16.40
N VAL C 5 -3.45 18.02 -17.18
CA VAL C 5 -2.95 19.31 -17.66
C VAL C 5 -2.83 19.28 -19.20
N GLN C 6 -3.75 19.97 -19.89
CA GLN C 6 -3.75 20.03 -21.35
C GLN C 6 -3.04 21.28 -21.86
N GLN C 7 -2.07 21.09 -22.77
CA GLN C 7 -1.29 22.18 -23.36
C GLN C 7 -1.48 22.27 -24.86
N SER C 8 -1.47 23.49 -25.40
CA SER C 8 -1.60 23.72 -26.84
C SER C 8 -0.73 24.92 -27.27
N PRO C 9 -0.05 24.85 -28.43
CA PRO C 9 0.03 23.74 -29.39
C PRO C 9 1.04 22.67 -28.98
N GLU C 10 1.11 21.54 -29.72
CA GLU C 10 2.09 20.47 -29.46
C GLU C 10 3.48 21.04 -29.68
N SER C 11 3.61 21.83 -30.78
CA SER C 11 4.81 22.49 -31.23
C SER C 11 4.44 23.82 -31.88
N LEU C 12 5.39 24.76 -31.82
CA LEU C 12 5.26 26.13 -32.30
C LEU C 12 6.58 26.57 -32.92
N SER C 13 6.52 27.35 -34.01
CA SER C 13 7.70 27.88 -34.68
C SER C 13 7.50 29.39 -34.79
N VAL C 14 8.43 30.16 -34.22
CA VAL C 14 8.33 31.62 -34.18
C VAL C 14 9.57 32.29 -34.76
N PRO C 15 9.46 33.36 -35.60
CA PRO C 15 10.69 34.01 -36.08
C PRO C 15 11.39 34.80 -34.97
N GLU C 16 12.71 35.05 -35.11
CA GLU C 16 13.47 35.85 -34.14
C GLU C 16 12.82 37.23 -34.05
N GLY C 17 12.63 37.72 -32.82
CA GLY C 17 12.01 39.01 -32.56
C GLY C 17 10.49 38.96 -32.57
N GLY C 18 9.95 37.81 -33.00
CA GLY C 18 8.52 37.57 -33.07
C GLY C 18 7.87 37.23 -31.74
N MET C 19 6.58 36.89 -31.82
CA MET C 19 5.78 36.56 -30.66
C MET C 19 5.27 35.14 -30.65
N ALA C 20 5.14 34.59 -29.44
CA ALA C 20 4.61 33.25 -29.25
C ALA C 20 3.71 33.21 -28.05
N SER C 21 2.51 32.65 -28.23
CA SER C 21 1.52 32.47 -27.18
C SER C 21 1.36 30.98 -26.91
N LEU C 22 1.44 30.58 -25.64
CA LEU C 22 1.27 29.19 -25.22
C LEU C 22 0.05 29.12 -24.33
N ASN C 23 -0.79 28.11 -24.52
CA ASN C 23 -1.99 27.92 -23.73
C ASN C 23 -1.95 26.64 -22.87
N CYS C 24 -2.64 26.67 -21.71
CA CYS C 24 -2.68 25.55 -20.76
C CYS C 24 -3.97 25.54 -19.94
N THR C 25 -4.63 24.36 -19.85
CA THR C 25 -5.88 24.19 -19.10
C THR C 25 -5.83 22.99 -18.16
N SER C 26 -6.38 23.20 -16.97
CA SER C 26 -6.53 22.20 -15.92
C SER C 26 -7.94 21.56 -16.02
N SER C 27 -8.01 20.22 -15.87
CA SER C 27 -9.27 19.48 -15.91
C SER C 27 -9.86 19.32 -14.51
N ASP C 28 -9.05 19.58 -13.46
CA ASP C 28 -9.42 19.48 -12.04
C ASP C 28 -9.54 20.86 -11.42
N ARG C 29 -10.64 21.12 -10.71
CA ARG C 29 -10.87 22.41 -10.05
C ARG C 29 -9.89 22.67 -8.91
N ASN C 30 -9.36 21.61 -8.28
CA ASN C 30 -8.39 21.74 -7.20
C ASN C 30 -7.01 22.08 -7.72
N PHE C 31 -6.71 21.69 -8.96
CA PHE C 31 -5.44 21.97 -9.61
C PHE C 31 -5.52 23.31 -10.35
N GLN C 32 -5.61 24.40 -9.58
CA GLN C 32 -5.76 25.77 -10.07
C GLN C 32 -4.51 26.66 -10.01
N TYR C 33 -3.42 26.21 -9.37
CA TYR C 33 -2.21 27.00 -9.22
C TYR C 33 -1.14 26.54 -10.18
N PHE C 34 -0.58 27.46 -10.97
CA PHE C 34 0.33 27.09 -12.04
C PHE C 34 1.79 27.55 -11.99
N TRP C 35 2.62 26.75 -12.65
CA TRP C 35 4.04 26.98 -12.83
C TRP C 35 4.38 26.80 -14.31
N TRP C 36 5.28 27.64 -14.82
CA TRP C 36 5.77 27.53 -16.18
C TRP C 36 7.25 27.14 -16.06
N TYR C 37 7.57 25.91 -16.48
CA TYR C 37 8.92 25.38 -16.47
C TYR C 37 9.39 25.29 -17.90
N ARG C 38 10.70 25.35 -18.10
CA ARG C 38 11.31 25.27 -19.43
C ARG C 38 12.53 24.35 -19.38
N GLN C 39 12.55 23.34 -20.29
CA GLN C 39 13.63 22.36 -20.37
C GLN C 39 14.34 22.45 -21.70
N HIS C 40 15.65 22.70 -21.67
CA HIS C 40 16.47 22.74 -22.88
C HIS C 40 16.89 21.32 -23.15
N SER C 41 16.69 20.84 -24.39
CA SER C 41 17.01 19.46 -24.79
C SER C 41 18.29 18.90 -24.14
N GLY C 42 18.09 17.84 -23.35
CA GLY C 42 19.16 17.14 -22.65
C GLY C 42 19.65 17.80 -21.38
N GLU C 43 18.74 18.50 -20.65
CA GLU C 43 19.04 19.19 -19.39
C GLU C 43 17.88 19.07 -18.42
N GLY C 44 18.08 19.53 -17.19
CA GLY C 44 17.05 19.55 -16.17
C GLY C 44 16.23 20.81 -16.28
N PRO C 45 14.87 20.74 -16.22
CA PRO C 45 14.06 21.98 -16.38
C PRO C 45 14.33 23.11 -15.38
N LYS C 46 14.06 24.36 -15.84
CA LYS C 46 14.21 25.58 -15.06
C LYS C 46 12.87 26.28 -15.00
N ALA C 47 12.42 26.66 -13.79
CA ALA C 47 11.14 27.36 -13.63
C ALA C 47 11.26 28.76 -14.14
N LEU C 48 10.33 29.17 -15.03
CA LEU C 48 10.29 30.53 -15.57
C LEU C 48 9.62 31.42 -14.54
N MET C 49 8.40 31.06 -14.15
CA MET C 49 7.63 31.79 -13.13
C MET C 49 6.43 31.00 -12.63
N SER C 50 5.95 31.37 -11.43
CA SER C 50 4.75 30.80 -10.85
C SER C 50 3.66 31.78 -11.20
N ILE C 51 2.40 31.37 -11.12
CA ILE C 51 1.25 32.24 -11.39
C ILE C 51 0.08 31.67 -10.63
N PHE C 52 -0.08 32.16 -9.38
CA PHE C 52 -1.10 31.68 -8.45
C PHE C 52 -2.31 32.58 -8.33
N SER C 53 -2.20 33.84 -8.78
CA SER C 53 -3.33 34.79 -8.72
C SER C 53 -3.73 35.17 -10.14
N ASP C 54 -5.03 35.47 -10.34
CA ASP C 54 -5.60 35.85 -11.65
C ASP C 54 -4.94 37.08 -12.20
N GLY C 55 -4.86 37.16 -13.52
CA GLY C 55 -4.26 38.30 -14.21
C GLY C 55 -2.88 38.02 -14.74
N ASP C 56 -2.19 39.08 -15.22
CA ASP C 56 -0.87 39.03 -15.80
C ASP C 56 0.27 39.08 -14.76
N LYS C 57 1.42 38.46 -15.10
CA LYS C 57 2.66 38.46 -14.31
C LYS C 57 3.76 38.66 -15.34
N LYS C 58 4.31 39.87 -15.43
CA LYS C 58 5.34 40.15 -16.43
C LYS C 58 6.74 40.04 -15.88
N GLU C 59 7.52 39.15 -16.46
CA GLU C 59 8.91 38.98 -16.09
C GLU C 59 9.75 39.18 -17.36
N GLY C 60 9.99 40.44 -17.67
CA GLY C 60 10.75 40.83 -18.86
C GLY C 60 10.01 40.57 -20.16
N ARG C 61 10.57 39.68 -20.99
CA ARG C 61 9.96 39.32 -22.26
C ARG C 61 8.86 38.29 -22.10
N PHE C 62 8.62 37.84 -20.85
CA PHE C 62 7.65 36.78 -20.55
C PHE C 62 6.49 37.20 -19.68
N THR C 63 5.25 36.97 -20.16
CA THR C 63 4.06 37.28 -19.37
C THR C 63 3.15 36.08 -19.28
N ALA C 64 2.75 35.74 -18.06
CA ALA C 64 1.84 34.64 -17.82
C ALA C 64 0.51 35.20 -17.34
N HIS C 65 -0.62 34.78 -17.98
CA HIS C 65 -1.95 35.22 -17.59
C HIS C 65 -2.68 34.06 -16.99
N LEU C 66 -3.49 34.31 -15.95
CA LEU C 66 -4.26 33.26 -15.30
C LEU C 66 -5.71 33.64 -15.13
N ASN C 67 -6.60 32.66 -15.35
CA ASN C 67 -8.03 32.79 -15.11
C ASN C 67 -8.52 31.52 -14.43
N LYS C 68 -8.33 31.48 -13.10
CA LYS C 68 -8.73 30.40 -12.20
C LYS C 68 -10.20 30.02 -12.45
N ALA C 69 -11.05 31.02 -12.77
CA ALA C 69 -12.46 30.79 -13.05
C ALA C 69 -12.62 29.76 -14.16
N SER C 70 -11.83 29.88 -15.24
CA SER C 70 -11.88 28.96 -16.37
C SER C 70 -10.71 27.97 -16.38
N LEU C 71 -9.94 27.91 -15.26
CA LEU C 71 -8.76 27.05 -15.10
C LEU C 71 -7.80 27.16 -16.31
N HIS C 72 -7.58 28.38 -16.80
CA HIS C 72 -6.72 28.57 -17.94
C HIS C 72 -5.53 29.45 -17.61
N VAL C 73 -4.34 28.99 -17.98
CA VAL C 73 -3.12 29.74 -17.83
C VAL C 73 -2.48 29.81 -19.20
N SER C 74 -1.79 30.92 -19.50
CA SER C 74 -1.14 31.11 -20.78
C SER C 74 0.24 31.73 -20.59
N LEU C 75 1.13 31.62 -21.60
CA LEU C 75 2.47 32.23 -21.57
C LEU C 75 2.72 32.96 -22.88
N HIS C 76 3.06 34.24 -22.79
CA HIS C 76 3.34 35.09 -23.94
C HIS C 76 4.81 35.51 -23.95
N ILE C 77 5.51 35.13 -25.02
CA ILE C 77 6.90 35.44 -25.26
C ILE C 77 6.95 36.55 -26.30
N ARG C 78 7.62 37.66 -25.96
CA ARG C 78 7.83 38.81 -26.85
C ARG C 78 9.27 38.80 -27.27
N ASP C 79 9.59 39.35 -28.46
CA ASP C 79 10.96 39.45 -28.98
C ASP C 79 11.72 38.13 -28.82
N SER C 80 11.12 37.03 -29.34
CA SER C 80 11.66 35.66 -29.29
C SER C 80 13.11 35.61 -29.76
N GLN C 81 13.97 35.01 -28.91
CA GLN C 81 15.40 34.86 -29.12
C GLN C 81 15.74 33.38 -29.34
N PRO C 82 16.88 33.00 -29.97
CA PRO C 82 17.18 31.55 -30.12
C PRO C 82 17.38 30.80 -28.79
N SER C 83 17.79 31.54 -27.74
CA SER C 83 17.94 31.07 -26.36
C SER C 83 16.61 30.55 -25.84
N ASP C 84 15.49 31.03 -26.41
CA ASP C 84 14.12 30.65 -26.04
C ASP C 84 13.69 29.34 -26.69
N SER C 85 14.52 28.79 -27.60
CA SER C 85 14.18 27.52 -28.24
C SER C 85 14.35 26.39 -27.24
N ALA C 86 13.21 25.88 -26.75
CA ALA C 86 13.13 24.83 -25.74
C ALA C 86 11.74 24.22 -25.67
N LEU C 87 11.55 23.34 -24.68
CA LEU C 87 10.33 22.60 -24.38
C LEU C 87 9.72 23.29 -23.18
N TYR C 88 8.58 23.94 -23.42
CA TYR C 88 7.88 24.71 -22.41
C TYR C 88 6.84 23.87 -21.72
N PHE C 89 7.03 23.68 -20.41
CA PHE C 89 6.15 22.90 -19.56
C PHE C 89 5.26 23.76 -18.68
N CYS C 90 4.02 23.31 -18.55
CA CYS C 90 3.02 23.91 -17.70
C CYS C 90 2.78 22.86 -16.64
N ALA C 91 2.99 23.23 -15.38
CA ALA C 91 2.77 22.36 -14.23
C ALA C 91 1.64 22.95 -13.39
N ALA C 92 0.85 22.09 -12.76
CA ALA C 92 -0.24 22.55 -11.91
C ALA C 92 -0.06 22.00 -10.48
N SER C 93 -0.29 22.87 -9.48
CA SER C 93 -0.20 22.51 -8.08
C SER C 93 -1.61 22.46 -7.50
N GLU C 94 -1.89 21.42 -6.72
CA GLU C 94 -3.16 21.22 -6.04
C GLU C 94 -3.31 22.28 -4.95
N GLN C 95 -4.52 22.84 -4.86
CA GLN C 95 -4.92 23.84 -3.87
C GLN C 95 -4.91 23.19 -2.50
N ASN C 96 -4.39 23.93 -1.49
CA ASN C 96 -4.35 23.48 -0.09
C ASN C 96 -3.79 22.05 0.06
N ASN C 97 -2.47 21.92 -0.17
CA ASN C 97 -1.63 20.73 -0.12
C ASN C 97 -0.20 21.28 0.01
N TYR C 98 0.39 21.12 1.20
CA TYR C 98 1.69 21.69 1.49
C TYR C 98 2.92 20.83 1.17
N ALA C 99 2.73 19.59 0.71
CA ALA C 99 3.82 18.69 0.33
C ALA C 99 3.40 17.83 -0.84
N GLN C 100 3.71 18.28 -2.05
CA GLN C 100 3.31 17.60 -3.28
C GLN C 100 4.28 17.84 -4.43
N GLY C 101 4.24 16.93 -5.40
CA GLY C 101 5.05 17.00 -6.61
C GLY C 101 4.44 17.88 -7.69
N LEU C 102 5.06 17.89 -8.88
CA LEU C 102 4.51 18.70 -9.95
C LEU C 102 3.78 17.85 -10.97
N THR C 103 2.67 18.39 -11.51
CA THR C 103 1.86 17.72 -12.52
C THR C 103 2.11 18.42 -13.87
N PHE C 104 3.15 17.97 -14.59
CA PHE C 104 3.53 18.54 -15.88
C PHE C 104 2.61 18.12 -17.03
N GLY C 105 2.39 19.05 -17.96
CA GLY C 105 1.68 18.76 -19.20
C GLY C 105 2.67 18.11 -20.16
N LEU C 106 2.24 17.81 -21.39
CA LEU C 106 3.13 17.17 -22.38
C LEU C 106 4.23 18.12 -22.88
N GLY C 107 4.02 19.42 -22.68
CA GLY C 107 4.95 20.46 -23.09
C GLY C 107 4.79 20.90 -24.54
N THR C 108 5.24 22.13 -24.82
CA THR C 108 5.20 22.76 -26.14
C THR C 108 6.63 22.97 -26.62
N ARG C 109 6.95 22.39 -27.79
CA ARG C 109 8.26 22.52 -28.38
C ARG C 109 8.31 23.83 -29.19
N VAL C 110 8.98 24.83 -28.62
CA VAL C 110 9.11 26.16 -29.24
C VAL C 110 10.45 26.26 -30.01
N SER C 111 10.36 26.60 -31.31
CA SER C 111 11.50 26.71 -32.21
C SER C 111 11.63 28.13 -32.77
N VAL C 112 12.58 28.91 -32.24
CA VAL C 112 12.79 30.28 -32.70
C VAL C 112 13.71 30.24 -33.93
N PHE C 113 13.16 30.53 -35.12
CA PHE C 113 13.88 30.48 -36.39
C PHE C 113 14.33 31.85 -36.89
N PRO C 114 15.44 31.95 -37.66
CA PRO C 114 15.89 33.25 -38.16
C PRO C 114 15.40 33.58 -39.57
N TYR C 115 15.37 34.89 -39.92
CA TYR C 115 14.98 35.35 -41.25
C TYR C 115 16.20 35.30 -42.20
N ILE C 116 16.03 34.67 -43.36
CA ILE C 116 17.09 34.57 -44.36
C ILE C 116 16.98 35.73 -45.37
N GLN C 117 17.87 36.73 -45.23
CA GLN C 117 17.94 37.95 -46.04
C GLN C 117 18.08 37.65 -47.53
N ASN C 118 19.01 36.73 -47.87
CA ASN C 118 19.31 36.30 -49.24
C ASN C 118 19.54 34.79 -49.26
N PRO C 119 18.49 33.96 -49.51
CA PRO C 119 18.70 32.51 -49.53
C PRO C 119 19.36 32.03 -50.80
N ASP C 120 20.34 31.11 -50.66
CA ASP C 120 21.06 30.51 -51.77
C ASP C 120 20.90 28.96 -51.64
N PRO C 121 19.66 28.41 -51.83
CA PRO C 121 19.48 26.96 -51.63
C PRO C 121 20.21 26.08 -52.63
N ALA C 122 20.99 25.12 -52.10
CA ALA C 122 21.77 24.17 -52.89
C ALA C 122 22.04 22.88 -52.12
N VAL C 123 22.32 21.79 -52.85
CA VAL C 123 22.65 20.47 -52.30
C VAL C 123 24.07 20.12 -52.79
N TYR C 124 24.99 19.85 -51.84
CA TYR C 124 26.39 19.56 -52.15
C TYR C 124 26.81 18.15 -51.70
N GLN C 125 27.71 17.51 -52.46
CA GLN C 125 28.28 16.20 -52.16
C GLN C 125 29.61 16.40 -51.41
N LEU C 126 29.72 15.85 -50.19
CA LEU C 126 30.91 15.99 -49.35
C LEU C 126 31.68 14.66 -49.26
N ARG C 127 32.99 14.69 -49.59
CA ARG C 127 33.85 13.52 -49.55
C ARG C 127 34.47 13.34 -48.17
N ASP C 128 34.65 12.08 -47.75
CA ASP C 128 35.24 11.72 -46.46
C ASP C 128 36.71 12.15 -46.39
N SER C 129 37.18 12.51 -45.19
CA SER C 129 38.55 12.94 -44.90
C SER C 129 39.61 11.82 -45.00
N LYS C 130 39.25 10.56 -44.63
CA LYS C 130 40.17 9.41 -44.65
C LYS C 130 40.17 8.63 -45.97
N SER C 131 38.98 8.21 -46.44
CA SER C 131 38.80 7.45 -47.69
C SER C 131 37.48 7.82 -48.35
N SER C 132 37.52 8.11 -49.67
CA SER C 132 36.40 8.53 -50.52
C SER C 132 35.16 7.60 -50.53
N ASP C 133 35.32 6.33 -50.08
CA ASP C 133 34.30 5.27 -50.00
C ASP C 133 32.91 5.67 -49.46
N LYS C 134 32.84 6.81 -48.74
CA LYS C 134 31.62 7.37 -48.16
C LYS C 134 31.29 8.72 -48.77
N SER C 135 29.99 9.02 -48.92
CA SER C 135 29.48 10.27 -49.47
C SER C 135 28.22 10.75 -48.76
N VAL C 136 28.14 12.08 -48.53
CA VAL C 136 27.00 12.72 -47.87
C VAL C 136 26.46 13.89 -48.71
N CYS C 137 25.12 14.10 -48.67
CA CYS C 137 24.44 15.19 -49.39
C CYS C 137 24.00 16.26 -48.41
N LEU C 138 24.50 17.50 -48.59
CA LEU C 138 24.19 18.65 -47.74
C LEU C 138 23.31 19.70 -48.41
N PHE C 139 22.07 19.79 -47.94
CA PHE C 139 21.11 20.80 -48.41
C PHE C 139 21.21 21.99 -47.44
N THR C 140 21.83 23.10 -47.91
CA THR C 140 22.09 24.30 -47.11
C THR C 140 21.54 25.62 -47.70
N ASP C 141 21.75 26.73 -46.97
CA ASP C 141 21.40 28.12 -47.27
C ASP C 141 19.95 28.38 -47.75
N PHE C 142 19.03 27.48 -47.42
CA PHE C 142 17.62 27.62 -47.79
C PHE C 142 16.86 28.50 -46.79
N ASP C 143 15.72 29.07 -47.24
CA ASP C 143 14.85 29.93 -46.45
C ASP C 143 14.13 29.17 -45.34
N SER C 144 13.52 29.91 -44.40
CA SER C 144 12.82 29.31 -43.26
C SER C 144 11.47 28.66 -43.61
N GLN C 145 10.89 29.01 -44.78
CA GLN C 145 9.62 28.47 -45.28
C GLN C 145 9.75 27.00 -45.69
N THR C 146 10.90 26.62 -46.29
CA THR C 146 11.22 25.28 -46.76
C THR C 146 11.28 24.26 -45.60
N ASN C 147 10.46 23.20 -45.70
CA ASN C 147 10.40 22.13 -44.69
C ASN C 147 11.00 20.84 -45.23
N VAL C 148 12.09 20.38 -44.59
CA VAL C 148 12.81 19.15 -44.94
C VAL C 148 11.97 17.96 -44.47
N SER C 149 11.39 17.23 -45.43
CA SER C 149 10.53 16.08 -45.20
C SER C 149 11.32 14.80 -44.87
N GLN C 150 10.68 13.91 -44.10
CA GLN C 150 11.27 12.64 -43.67
C GLN C 150 11.47 11.65 -44.82
N SER C 151 12.53 10.85 -44.73
CA SER C 151 12.92 9.84 -45.71
C SER C 151 11.87 8.72 -45.86
N LYS C 152 11.55 8.36 -47.12
CA LYS C 152 10.63 7.28 -47.48
C LYS C 152 11.42 5.96 -47.52
N ASP C 153 12.54 5.95 -48.27
CA ASP C 153 13.45 4.82 -48.44
C ASP C 153 14.26 4.62 -47.15
N SER C 154 14.23 3.40 -46.60
CA SER C 154 14.91 3.01 -45.36
C SER C 154 16.44 3.00 -45.49
N ASP C 155 16.96 2.77 -46.71
CA ASP C 155 18.40 2.73 -47.00
C ASP C 155 19.07 4.11 -46.89
N VAL C 156 18.31 5.19 -47.13
CA VAL C 156 18.78 6.57 -47.05
C VAL C 156 18.24 7.29 -45.78
N TYR C 157 19.15 7.98 -45.05
CA TYR C 157 18.81 8.70 -43.83
C TYR C 157 18.92 10.19 -44.03
N ILE C 158 17.84 10.93 -43.72
CA ILE C 158 17.76 12.38 -43.85
C ILE C 158 17.49 13.00 -42.49
N THR C 159 18.41 13.87 -42.01
CA THR C 159 18.29 14.55 -40.71
C THR C 159 17.31 15.73 -40.78
N ASP C 160 16.86 16.20 -39.61
CA ASP C 160 15.96 17.35 -39.52
C ASP C 160 16.76 18.64 -39.75
N LYS C 161 16.05 19.76 -40.04
CA LYS C 161 16.58 21.11 -40.23
C LYS C 161 17.45 21.51 -39.03
N CYS C 162 18.56 22.21 -39.30
CA CYS C 162 19.53 22.64 -38.30
C CYS C 162 19.90 24.12 -38.56
N VAL C 163 20.09 24.93 -37.50
CA VAL C 163 20.43 26.34 -37.64
C VAL C 163 21.82 26.69 -37.08
N LEU C 164 22.74 27.14 -37.97
CA LEU C 164 24.10 27.58 -37.59
C LEU C 164 24.12 29.08 -37.44
N ASP C 165 24.94 29.60 -36.51
CA ASP C 165 25.10 31.04 -36.32
C ASP C 165 26.58 31.36 -36.28
N MET C 166 27.04 32.13 -37.29
CA MET C 166 28.42 32.55 -37.43
C MET C 166 28.55 33.93 -36.77
N ARG C 167 28.71 33.94 -35.43
CA ARG C 167 28.79 35.11 -34.53
C ARG C 167 29.62 36.28 -35.04
N SER C 168 30.86 36.00 -35.52
CA SER C 168 31.78 37.01 -36.04
C SER C 168 31.22 37.69 -37.29
N MET C 169 30.83 36.87 -38.30
CA MET C 169 30.31 37.29 -39.59
C MET C 169 28.87 37.84 -39.57
N ASP C 170 28.10 37.51 -38.51
CA ASP C 170 26.68 37.84 -38.34
C ASP C 170 25.85 37.23 -39.50
N PHE C 171 26.07 35.93 -39.74
CA PHE C 171 25.43 35.13 -40.76
C PHE C 171 24.84 33.86 -40.13
N LYS C 172 23.65 33.47 -40.56
CA LYS C 172 22.95 32.27 -40.10
C LYS C 172 22.44 31.51 -41.31
N SER C 173 22.45 30.16 -41.23
CA SER C 173 21.96 29.33 -42.33
C SER C 173 21.33 28.02 -41.85
N ASN C 174 20.30 27.57 -42.57
CA ASN C 174 19.60 26.33 -42.29
C ASN C 174 20.32 25.22 -43.06
N SER C 175 20.32 23.99 -42.53
CA SER C 175 21.01 22.86 -43.17
C SER C 175 20.40 21.50 -42.86
N ALA C 176 20.33 20.63 -43.88
CA ALA C 176 19.86 19.25 -43.73
C ALA C 176 20.92 18.31 -44.26
N VAL C 177 21.08 17.14 -43.62
CA VAL C 177 22.10 16.17 -44.03
C VAL C 177 21.47 14.83 -44.41
N ALA C 178 21.97 14.25 -45.52
CA ALA C 178 21.52 12.95 -46.04
C ALA C 178 22.71 12.10 -46.50
N TRP C 179 22.68 10.80 -46.20
CA TRP C 179 23.73 9.85 -46.58
C TRP C 179 23.17 8.45 -46.86
N SER C 180 23.89 7.65 -47.66
CA SER C 180 23.46 6.29 -48.01
C SER C 180 24.60 5.28 -48.07
N ASN C 181 24.33 4.06 -47.56
CA ASN C 181 25.22 2.91 -47.54
C ASN C 181 25.26 2.25 -48.93
N LYS C 182 24.26 2.58 -49.77
CA LYS C 182 24.09 2.08 -51.14
C LYS C 182 24.83 2.97 -52.14
N SER C 183 25.56 2.32 -53.08
CA SER C 183 26.33 2.99 -54.14
C SER C 183 25.40 3.70 -55.13
N ASP C 184 24.20 3.11 -55.36
CA ASP C 184 23.16 3.68 -56.23
C ASP C 184 22.49 4.86 -55.49
N PHE C 185 23.26 5.94 -55.28
CA PHE C 185 22.85 7.14 -54.56
C PHE C 185 23.37 8.41 -55.22
N ALA C 186 22.46 9.37 -55.47
CA ALA C 186 22.74 10.65 -56.09
C ALA C 186 22.07 11.78 -55.33
N CYS C 187 22.78 12.91 -55.16
CA CYS C 187 22.28 14.10 -54.44
C CYS C 187 21.08 14.74 -55.13
N ALA C 188 21.01 14.65 -56.48
CA ALA C 188 19.89 15.17 -57.26
C ALA C 188 18.65 14.32 -56.97
N ASN C 189 18.81 12.98 -57.02
CA ASN C 189 17.75 12.02 -56.73
C ASN C 189 17.66 11.66 -55.23
N ALA C 190 18.15 12.56 -54.37
CA ALA C 190 18.06 12.51 -52.90
C ALA C 190 17.15 13.68 -52.51
N PHE C 191 16.55 13.63 -51.32
CA PHE C 191 15.63 14.66 -50.83
C PHE C 191 14.34 14.79 -51.69
N ASN C 192 14.13 13.88 -52.69
CA ASN C 192 12.97 13.87 -53.60
C ASN C 192 11.63 13.95 -52.89
N ASN C 193 11.56 13.36 -51.68
CA ASN C 193 10.36 13.34 -50.84
C ASN C 193 10.11 14.70 -50.20
N SER C 194 11.09 15.64 -50.32
CA SER C 194 10.96 16.95 -49.66
C SER C 194 10.54 18.04 -50.60
N ILE C 195 9.87 19.07 -50.05
CA ILE C 195 9.35 20.22 -50.80
C ILE C 195 10.44 21.29 -50.99
N ILE C 196 11.45 20.95 -51.81
CA ILE C 196 12.62 21.78 -52.14
C ILE C 196 12.22 22.87 -53.14
N PRO C 197 12.67 24.16 -52.95
CA PRO C 197 12.31 25.22 -53.92
C PRO C 197 12.89 25.00 -55.32
N GLU C 198 12.25 25.60 -56.33
CA GLU C 198 12.62 25.49 -57.76
C GLU C 198 13.91 26.26 -58.12
N ASP C 199 14.35 27.22 -57.26
CA ASP C 199 15.54 28.04 -57.47
C ASP C 199 16.83 27.37 -56.94
N THR C 200 16.74 26.06 -56.64
CA THR C 200 17.83 25.26 -56.10
C THR C 200 18.96 24.98 -57.07
N PHE C 201 20.21 25.15 -56.58
CA PHE C 201 21.44 24.92 -57.33
C PHE C 201 21.96 23.51 -57.15
N PHE C 202 22.50 22.92 -58.22
CA PHE C 202 23.07 21.57 -58.23
C PHE C 202 24.38 21.51 -59.02
N PRO C 203 25.43 20.85 -58.47
CA PRO C 203 26.72 20.80 -59.18
C PRO C 203 26.74 19.80 -60.35
N PRO D 3 24.89 26.03 -5.10
CA PRO D 3 23.49 26.45 -5.28
C PRO D 3 22.76 25.69 -6.41
N LYS D 4 23.33 24.57 -6.85
CA LYS D 4 22.77 23.74 -7.92
C LYS D 4 22.68 22.28 -7.49
N VAL D 5 21.57 21.62 -7.86
CA VAL D 5 21.35 20.19 -7.58
C VAL D 5 22.27 19.36 -8.49
N LEU D 6 23.15 18.55 -7.88
CA LEU D 6 24.12 17.73 -8.59
C LEU D 6 23.75 16.27 -8.60
N GLN D 7 24.06 15.56 -9.70
CA GLN D 7 23.77 14.14 -9.87
C GLN D 7 24.95 13.37 -10.44
N ILE D 8 25.33 12.27 -9.75
CA ILE D 8 26.41 11.34 -10.11
C ILE D 8 25.78 9.92 -10.21
N PRO D 9 25.93 9.18 -11.33
CA PRO D 9 26.65 9.52 -12.58
C PRO D 9 25.78 10.29 -13.57
N SER D 10 26.34 10.61 -14.75
CA SER D 10 25.61 11.30 -15.82
C SER D 10 24.79 10.25 -16.57
N HIS D 11 25.45 9.13 -16.91
CA HIS D 11 24.88 8.00 -17.64
C HIS D 11 25.27 6.73 -16.88
N GLN D 12 24.43 5.69 -16.96
CA GLN D 12 24.68 4.38 -16.33
C GLN D 12 23.99 3.25 -17.11
N ILE D 13 24.77 2.22 -17.45
CA ILE D 13 24.30 1.04 -18.17
C ILE D 13 24.32 -0.15 -17.21
N ILE D 14 23.14 -0.70 -16.92
CA ILE D 14 22.98 -1.84 -16.02
C ILE D 14 22.23 -3.01 -16.67
N ASP D 15 22.53 -4.23 -16.22
CA ASP D 15 21.89 -5.46 -16.70
C ASP D 15 20.69 -5.76 -15.77
N MET D 16 19.62 -6.38 -16.33
CA MET D 16 18.39 -6.73 -15.61
C MET D 16 18.64 -7.45 -14.29
N GLY D 17 17.81 -7.15 -13.29
CA GLY D 17 17.87 -7.77 -11.96
C GLY D 17 18.85 -7.16 -10.99
N GLN D 18 19.92 -6.51 -11.50
CA GLN D 18 20.97 -5.88 -10.70
C GLN D 18 20.51 -4.62 -9.97
N MET D 19 21.14 -4.33 -8.82
CA MET D 19 20.85 -3.17 -7.99
C MET D 19 21.61 -1.96 -8.51
N VAL D 20 20.92 -0.83 -8.64
CA VAL D 20 21.50 0.42 -9.10
C VAL D 20 21.20 1.58 -8.16
N THR D 21 22.20 2.42 -7.88
CA THR D 21 22.06 3.57 -6.99
C THR D 21 22.31 4.87 -7.73
N LEU D 22 21.30 5.76 -7.71
CA LEU D 22 21.33 7.07 -8.36
C LEU D 22 21.54 8.13 -7.30
N ASN D 23 22.70 8.79 -7.36
CA ASN D 23 23.09 9.80 -6.39
C ASN D 23 22.64 11.19 -6.74
N CYS D 24 22.38 11.99 -5.69
CA CYS D 24 21.98 13.37 -5.80
C CYS D 24 22.42 14.19 -4.62
N ASP D 25 23.04 15.35 -4.90
CA ASP D 25 23.47 16.30 -3.90
C ASP D 25 22.56 17.53 -4.04
N PRO D 26 21.50 17.65 -3.19
CA PRO D 26 20.60 18.81 -3.29
C PRO D 26 21.26 20.15 -2.95
N VAL D 27 20.47 21.21 -3.04
CA VAL D 27 20.91 22.56 -2.70
C VAL D 27 21.03 22.62 -1.17
N SER D 28 22.10 23.28 -0.67
CA SER D 28 22.30 23.46 0.76
C SER D 28 21.16 24.36 1.27
N ASN D 29 20.63 24.03 2.47
CA ASN D 29 19.52 24.71 3.13
C ASN D 29 18.14 24.28 2.62
N HIS D 30 18.07 23.46 1.53
CA HIS D 30 16.79 22.94 1.04
C HIS D 30 16.33 21.78 1.90
N LEU D 31 15.02 21.71 2.17
CA LEU D 31 14.41 20.73 3.06
C LEU D 31 13.69 19.58 2.37
N TYR D 32 12.88 19.88 1.33
CA TYR D 32 12.07 18.92 0.58
C TYR D 32 12.80 18.40 -0.66
N PHE D 33 12.90 17.07 -0.80
CA PHE D 33 13.60 16.44 -1.92
C PHE D 33 12.70 15.58 -2.78
N TYR D 34 13.01 15.51 -4.08
CA TYR D 34 12.17 14.86 -5.08
C TYR D 34 12.95 13.99 -6.06
N TRP D 35 12.22 13.05 -6.67
CA TRP D 35 12.72 12.19 -7.74
C TRP D 35 11.67 12.17 -8.83
N TYR D 36 12.10 12.42 -10.08
CA TYR D 36 11.25 12.45 -11.27
C TYR D 36 11.81 11.48 -12.31
N LYS D 37 10.93 10.87 -13.12
CA LYS D 37 11.28 9.92 -14.18
C LYS D 37 10.88 10.56 -15.53
N GLN D 38 11.84 10.71 -16.48
CA GLN D 38 11.51 11.29 -17.79
C GLN D 38 11.82 10.37 -18.95
N ILE D 39 10.75 9.91 -19.62
CA ILE D 39 10.78 8.98 -20.75
C ILE D 39 10.85 9.63 -22.14
N LEU D 40 11.99 9.40 -22.82
CA LEU D 40 12.31 9.88 -24.18
C LEU D 40 12.37 11.41 -24.29
N GLY D 41 12.76 12.08 -23.19
CA GLY D 41 12.87 13.54 -23.13
C GLY D 41 11.56 14.27 -23.32
N GLN D 42 10.46 13.59 -22.96
CA GLN D 42 9.10 14.09 -23.09
C GLN D 42 8.44 14.12 -21.71
N GLN D 43 7.48 13.19 -21.44
CA GLN D 43 6.71 13.12 -20.20
C GLN D 43 7.55 13.08 -18.94
N MET D 44 7.36 14.09 -18.09
CA MET D 44 8.03 14.21 -16.80
C MET D 44 7.09 13.64 -15.72
N GLU D 45 7.51 12.54 -15.08
CA GLU D 45 6.71 11.85 -14.07
C GLU D 45 7.25 11.93 -12.65
N PHE D 46 6.41 12.42 -11.71
CA PHE D 46 6.75 12.50 -10.29
C PHE D 46 6.84 11.08 -9.74
N LEU D 47 7.82 10.84 -8.83
CA LEU D 47 8.01 9.54 -8.20
C LEU D 47 7.86 9.61 -6.71
N VAL D 48 8.67 10.47 -6.06
CA VAL D 48 8.71 10.55 -4.59
C VAL D 48 9.07 11.92 -4.04
N ASN D 49 8.49 12.24 -2.88
CA ASN D 49 8.74 13.45 -2.10
C ASN D 49 9.34 12.96 -0.76
N PHE D 50 10.51 13.48 -0.40
CA PHE D 50 11.20 13.08 0.82
C PHE D 50 11.53 14.29 1.68
N TYR D 51 11.15 14.25 2.96
CA TYR D 51 11.39 15.33 3.92
C TYR D 51 11.43 14.80 5.36
N ASN D 52 12.29 15.39 6.21
CA ASN D 52 12.46 15.08 7.64
C ASN D 52 12.98 13.66 7.88
N GLY D 53 13.48 13.03 6.82
CA GLY D 53 14.00 11.67 6.87
C GLY D 53 12.97 10.61 6.54
N LYS D 54 11.79 11.01 6.05
CA LYS D 54 10.73 10.08 5.68
C LYS D 54 10.13 10.46 4.33
N VAL D 55 9.37 9.54 3.70
CA VAL D 55 8.70 9.83 2.44
C VAL D 55 7.41 10.61 2.74
N MET D 56 7.26 11.81 2.14
CA MET D 56 6.05 12.59 2.37
C MET D 56 4.93 12.31 1.37
N GLU D 57 5.30 11.94 0.12
CA GLU D 57 4.35 11.61 -0.94
C GLU D 57 4.99 10.70 -1.97
N LYS D 58 4.22 9.73 -2.47
CA LYS D 58 4.68 8.80 -3.51
C LYS D 58 3.62 8.55 -4.57
N SER D 59 4.03 8.53 -5.85
CA SER D 59 3.13 8.28 -6.98
C SER D 59 2.99 6.76 -7.22
N LYS D 60 2.01 6.37 -8.07
CA LYS D 60 1.74 4.97 -8.43
C LYS D 60 2.95 4.33 -9.15
N LEU D 61 3.73 5.17 -9.84
CA LEU D 61 4.96 4.82 -10.56
C LEU D 61 6.10 4.45 -9.60
N PHE D 62 5.95 4.76 -8.30
CA PHE D 62 6.96 4.42 -7.29
C PHE D 62 6.71 3.00 -6.78
N LYS D 63 7.32 2.02 -7.46
CA LYS D 63 7.23 0.58 -7.19
C LYS D 63 7.86 0.18 -5.85
N ASP D 64 7.71 -1.10 -5.48
CA ASP D 64 8.30 -1.68 -4.27
C ASP D 64 9.81 -1.95 -4.49
N GLN D 65 10.24 -1.91 -5.78
CA GLN D 65 11.63 -2.08 -6.23
C GLN D 65 12.43 -0.82 -5.86
N PHE D 66 11.77 0.35 -5.91
CA PHE D 66 12.33 1.65 -5.58
C PHE D 66 12.39 1.86 -4.06
N SER D 67 13.53 2.40 -3.59
CA SER D 67 13.81 2.74 -2.21
C SER D 67 14.56 4.07 -2.20
N VAL D 68 14.14 4.98 -1.32
CA VAL D 68 14.71 6.32 -1.23
C VAL D 68 15.17 6.62 0.18
N GLU D 69 16.34 7.29 0.32
CA GLU D 69 16.91 7.66 1.62
C GLU D 69 17.94 8.79 1.56
N ARG D 70 18.11 9.51 2.69
CA ARG D 70 19.10 10.56 2.86
C ARG D 70 19.77 10.54 4.25
N PRO D 71 20.85 9.71 4.40
CA PRO D 71 21.57 9.67 5.68
C PRO D 71 22.40 10.94 5.87
N ASP D 72 22.65 11.33 7.12
CA ASP D 72 23.39 12.54 7.48
C ASP D 72 24.82 12.53 6.96
N GLY D 73 25.12 13.46 6.06
CA GLY D 73 26.44 13.63 5.47
C GLY D 73 26.68 12.92 4.16
N SER D 74 25.63 12.32 3.60
CA SER D 74 25.71 11.63 2.32
C SER D 74 24.56 12.03 1.37
N TYR D 75 24.70 11.68 0.08
CA TYR D 75 23.74 11.97 -0.98
C TYR D 75 22.32 11.45 -0.71
N PHE D 76 21.34 12.11 -1.36
CA PHE D 76 19.93 11.73 -1.37
C PHE D 76 19.92 10.72 -2.52
N THR D 77 19.64 9.46 -2.20
CA THR D 77 19.74 8.38 -3.17
C THR D 77 18.43 7.76 -3.57
N LEU D 78 18.44 7.06 -4.71
CA LEU D 78 17.33 6.26 -5.23
C LEU D 78 17.89 4.90 -5.69
N LYS D 79 17.50 3.82 -4.98
CA LYS D 79 17.91 2.45 -5.27
C LYS D 79 16.84 1.76 -6.10
N ILE D 80 17.25 0.93 -7.06
CA ILE D 80 16.31 0.17 -7.89
C ILE D 80 16.76 -1.28 -7.86
N GLN D 81 16.02 -2.12 -7.11
CA GLN D 81 16.31 -3.54 -6.96
C GLN D 81 15.05 -4.43 -6.84
N PRO D 82 14.82 -5.32 -7.83
CA PRO D 82 15.63 -5.56 -9.04
C PRO D 82 15.28 -4.59 -10.17
N THR D 83 16.17 -4.49 -11.17
CA THR D 83 15.95 -3.62 -12.32
C THR D 83 15.19 -4.32 -13.44
N ALA D 84 14.31 -3.57 -14.11
CA ALA D 84 13.49 -4.03 -15.24
C ALA D 84 13.79 -3.19 -16.47
N LEU D 85 13.56 -3.74 -17.69
CA LEU D 85 13.79 -3.05 -18.97
C LEU D 85 13.06 -1.69 -19.07
N GLU D 86 11.83 -1.61 -18.50
CA GLU D 86 11.00 -0.40 -18.49
C GLU D 86 11.59 0.73 -17.64
N ASP D 87 12.50 0.40 -16.70
CA ASP D 87 13.17 1.39 -15.84
C ASP D 87 14.21 2.24 -16.58
N SER D 88 14.46 1.95 -17.89
CA SER D 88 15.37 2.71 -18.74
C SER D 88 14.71 4.07 -19.00
N ALA D 89 15.19 5.11 -18.29
CA ALA D 89 14.71 6.51 -18.38
C ALA D 89 15.75 7.47 -17.79
N VAL D 90 15.47 8.78 -17.85
CA VAL D 90 16.34 9.79 -17.24
C VAL D 90 15.73 10.13 -15.89
N TYR D 91 16.52 9.98 -14.82
CA TYR D 91 16.05 10.23 -13.48
C TYR D 91 16.48 11.60 -12.97
N PHE D 92 15.50 12.44 -12.62
CA PHE D 92 15.74 13.79 -12.15
C PHE D 92 15.60 13.99 -10.66
N CYS D 93 16.64 14.56 -10.04
CA CYS D 93 16.59 14.92 -8.64
C CYS D 93 16.13 16.37 -8.56
N ALA D 94 15.35 16.69 -7.53
CA ALA D 94 14.88 18.05 -7.34
C ALA D 94 14.82 18.40 -5.88
N SER D 95 15.13 19.64 -5.55
CA SER D 95 15.06 20.13 -4.16
C SER D 95 14.38 21.48 -4.12
N SER D 96 13.64 21.75 -3.03
CA SER D 96 12.95 23.02 -2.79
C SER D 96 13.01 23.42 -1.31
N PHE D 97 12.74 24.72 -1.02
CA PHE D 97 12.74 25.21 0.36
C PHE D 97 11.45 24.80 1.05
N TRP D 98 10.39 24.60 0.25
CA TRP D 98 9.07 24.17 0.66
C TRP D 98 8.59 22.93 -0.10
N GLY D 99 7.55 22.29 0.42
CA GLY D 99 6.93 21.11 -0.18
C GLY D 99 5.98 21.43 -1.32
N ALA D 100 5.47 22.67 -1.33
CA ALA D 100 4.55 23.15 -2.35
C ALA D 100 4.58 24.67 -2.46
N TYR D 101 4.20 25.19 -3.66
CA TYR D 101 4.07 26.61 -4.01
C TYR D 101 5.40 27.38 -4.08
N ALA D 102 6.52 26.63 -4.06
CA ALA D 102 7.88 27.18 -4.16
C ALA D 102 8.66 26.48 -5.26
N GLU D 103 9.58 27.20 -5.91
CA GLU D 103 10.40 26.65 -7.00
C GLU D 103 11.18 25.39 -6.63
N GLN D 104 11.05 24.36 -7.48
CA GLN D 104 11.79 23.09 -7.34
C GLN D 104 12.96 23.22 -8.29
N PHE D 105 14.16 22.96 -7.78
CA PHE D 105 15.43 23.07 -8.52
C PHE D 105 15.84 21.68 -9.00
N PHE D 106 15.89 21.50 -10.32
CA PHE D 106 16.22 20.22 -10.95
C PHE D 106 17.71 20.01 -11.22
N GLY D 107 18.12 18.75 -11.23
CA GLY D 107 19.49 18.36 -11.50
C GLY D 107 19.70 18.04 -12.97
N PRO D 108 20.93 17.68 -13.40
CA PRO D 108 21.14 17.36 -14.82
C PRO D 108 20.52 16.04 -15.25
N GLY D 109 20.24 15.18 -14.26
CA GLY D 109 19.66 13.86 -14.48
C GLY D 109 20.69 12.79 -14.74
N THR D 110 20.29 11.53 -14.47
CA THR D 110 21.12 10.35 -14.71
C THR D 110 20.40 9.52 -15.79
N ARG D 111 21.13 9.15 -16.87
CA ARG D 111 20.53 8.36 -17.92
C ARG D 111 20.73 6.89 -17.62
N LEU D 112 19.69 6.25 -17.07
CA LEU D 112 19.70 4.83 -16.72
C LEU D 112 19.28 4.01 -17.94
N THR D 113 20.06 2.97 -18.26
CA THR D 113 19.76 2.09 -19.38
C THR D 113 19.82 0.63 -18.94
N VAL D 114 18.63 0.03 -18.74
CA VAL D 114 18.50 -1.38 -18.34
C VAL D 114 18.33 -2.20 -19.63
N LEU D 115 19.27 -3.13 -19.86
CA LEU D 115 19.28 -3.97 -21.06
C LEU D 115 19.16 -5.46 -20.70
N GLU D 116 18.71 -6.27 -21.69
CA GLU D 116 18.55 -7.71 -21.57
C GLU D 116 19.94 -8.35 -21.53
N ASP D 117 20.81 -7.97 -22.49
CA ASP D 117 22.20 -8.39 -22.61
C ASP D 117 23.04 -7.18 -23.00
N LEU D 118 24.28 -7.10 -22.49
CA LEU D 118 25.22 -6.00 -22.78
C LEU D 118 25.92 -6.20 -24.14
N LYS D 119 25.58 -7.28 -24.85
CA LYS D 119 26.10 -7.66 -26.17
C LYS D 119 25.64 -6.68 -27.26
N ASN D 120 24.58 -5.90 -26.94
CA ASN D 120 23.96 -4.86 -27.79
C ASN D 120 24.68 -3.50 -27.69
N VAL D 121 25.65 -3.35 -26.73
CA VAL D 121 26.40 -2.10 -26.52
C VAL D 121 27.54 -1.97 -27.54
N PHE D 122 27.52 -0.86 -28.32
CA PHE D 122 28.52 -0.56 -29.35
C PHE D 122 28.97 0.91 -29.30
N PRO D 123 30.30 1.19 -29.37
CA PRO D 123 30.74 2.59 -29.34
C PRO D 123 30.56 3.26 -30.72
N PRO D 124 30.68 4.61 -30.85
CA PRO D 124 30.47 5.22 -32.18
C PRO D 124 31.67 5.14 -33.10
N GLU D 125 31.40 5.18 -34.42
CA GLU D 125 32.38 5.20 -35.50
C GLU D 125 32.24 6.62 -36.07
N VAL D 126 33.26 7.47 -35.86
CA VAL D 126 33.22 8.88 -36.23
C VAL D 126 34.04 9.22 -37.47
N ALA D 127 33.43 9.96 -38.41
CA ALA D 127 34.05 10.38 -39.66
C ALA D 127 33.67 11.82 -40.01
N VAL D 128 34.64 12.59 -40.52
CA VAL D 128 34.48 14.00 -40.92
C VAL D 128 34.47 14.09 -42.45
N PHE D 129 33.47 14.77 -43.01
CA PHE D 129 33.31 14.97 -44.45
C PHE D 129 33.76 16.37 -44.83
N GLU D 130 34.85 16.45 -45.60
CA GLU D 130 35.48 17.68 -46.08
C GLU D 130 34.52 18.54 -46.92
N PRO D 131 34.57 19.89 -46.80
CA PRO D 131 33.64 20.74 -47.56
C PRO D 131 33.73 20.63 -49.07
N SER D 132 32.58 20.85 -49.75
CA SER D 132 32.43 20.80 -51.21
C SER D 132 33.12 22.00 -51.87
N GLU D 133 33.97 21.74 -52.90
CA GLU D 133 34.68 22.79 -53.65
C GLU D 133 33.68 23.69 -54.40
N ALA D 134 32.47 23.15 -54.72
CA ALA D 134 31.38 23.85 -55.37
C ALA D 134 30.85 24.95 -54.44
N GLU D 135 30.63 24.59 -53.16
CA GLU D 135 30.13 25.46 -52.08
C GLU D 135 31.12 26.60 -51.80
N ILE D 136 32.42 26.29 -51.76
CA ILE D 136 33.51 27.26 -51.55
C ILE D 136 33.50 28.34 -52.66
N SER D 137 33.25 27.93 -53.93
CA SER D 137 33.19 28.83 -55.08
C SER D 137 31.83 29.54 -55.23
N HIS D 138 30.75 28.91 -54.73
CA HIS D 138 29.38 29.45 -54.83
C HIS D 138 29.01 30.38 -53.68
N THR D 139 29.38 30.00 -52.44
CA THR D 139 29.04 30.75 -51.22
C THR D 139 30.22 31.42 -50.51
N GLN D 140 31.47 30.97 -50.78
CA GLN D 140 32.71 31.44 -50.14
C GLN D 140 32.73 31.14 -48.63
N LYS D 141 31.97 30.10 -48.25
CA LYS D 141 31.82 29.55 -46.91
C LYS D 141 32.00 28.03 -47.01
N ALA D 142 32.75 27.43 -46.07
CA ALA D 142 33.01 26.00 -46.07
C ALA D 142 32.37 25.27 -44.89
N THR D 143 31.33 24.47 -45.18
CA THR D 143 30.60 23.67 -44.19
C THR D 143 31.13 22.24 -44.24
N LEU D 144 31.64 21.75 -43.11
CA LEU D 144 32.13 20.38 -42.97
C LEU D 144 31.21 19.63 -42.01
N VAL D 145 30.77 18.42 -42.43
CA VAL D 145 29.82 17.61 -41.67
C VAL D 145 30.50 16.42 -40.98
N CYS D 146 30.09 16.14 -39.74
CA CYS D 146 30.57 15.03 -38.94
C CYS D 146 29.48 13.99 -38.80
N LEU D 147 29.85 12.71 -38.92
CA LEU D 147 28.91 11.61 -38.77
C LEU D 147 29.39 10.59 -37.75
N ALA D 148 28.61 10.45 -36.66
CA ALA D 148 28.84 9.47 -35.60
C ALA D 148 27.88 8.33 -35.91
N THR D 149 28.41 7.11 -36.11
CA THR D 149 27.60 5.96 -36.51
C THR D 149 27.79 4.69 -35.68
N GLY D 150 26.75 3.85 -35.70
CA GLY D 150 26.70 2.54 -35.07
C GLY D 150 26.87 2.49 -33.57
N PHE D 151 26.32 3.48 -32.85
CA PHE D 151 26.42 3.50 -31.40
C PHE D 151 25.12 3.09 -30.74
N TYR D 152 25.25 2.35 -29.62
CA TYR D 152 24.16 1.87 -28.80
C TYR D 152 24.68 1.74 -27.36
N PRO D 153 23.98 2.29 -26.34
CA PRO D 153 22.73 3.07 -26.41
C PRO D 153 23.00 4.54 -26.78
N ASP D 154 21.93 5.36 -26.82
CA ASP D 154 21.98 6.79 -27.14
C ASP D 154 22.68 7.58 -26.00
N HIS D 155 24.00 7.36 -25.83
CA HIS D 155 24.85 7.93 -24.79
C HIS D 155 26.00 8.74 -25.46
N VAL D 156 25.68 9.78 -26.27
CA VAL D 156 26.73 10.54 -26.97
C VAL D 156 26.72 12.05 -26.74
N GLU D 157 27.93 12.64 -26.78
CA GLU D 157 28.18 14.08 -26.63
C GLU D 157 29.16 14.54 -27.72
N LEU D 158 28.63 15.13 -28.80
CA LEU D 158 29.43 15.62 -29.93
C LEU D 158 29.91 17.05 -29.68
N SER D 159 31.19 17.31 -29.98
CA SER D 159 31.84 18.63 -29.83
C SER D 159 32.91 18.87 -30.89
N TRP D 160 32.93 20.08 -31.46
CA TRP D 160 33.91 20.47 -32.47
C TRP D 160 35.15 21.13 -31.85
N TRP D 161 36.35 20.73 -32.30
CA TRP D 161 37.63 21.25 -31.81
C TRP D 161 38.50 21.80 -32.96
N VAL D 162 38.66 23.13 -33.00
CA VAL D 162 39.45 23.82 -34.02
C VAL D 162 40.72 24.37 -33.38
N ASN D 163 41.89 23.89 -33.87
CA ASN D 163 43.23 24.25 -33.41
C ASN D 163 43.41 24.05 -31.89
N GLY D 164 42.96 22.89 -31.41
CA GLY D 164 43.04 22.48 -30.00
C GLY D 164 41.99 23.06 -29.08
N LYS D 165 41.25 24.09 -29.54
CA LYS D 165 40.22 24.76 -28.74
C LYS D 165 38.80 24.33 -29.17
N GLU D 166 37.89 24.15 -28.19
CA GLU D 166 36.52 23.77 -28.49
C GLU D 166 35.75 25.01 -28.96
N VAL D 167 35.13 24.92 -30.15
CA VAL D 167 34.37 26.01 -30.78
C VAL D 167 32.86 25.78 -30.66
N HIS D 168 32.08 26.88 -30.60
CA HIS D 168 30.62 26.86 -30.49
C HIS D 168 29.93 27.67 -31.60
N SER D 169 30.66 28.64 -32.20
CA SER D 169 30.19 29.47 -33.29
C SER D 169 30.11 28.63 -34.58
N GLY D 170 29.05 28.80 -35.35
CA GLY D 170 28.82 28.11 -36.63
C GLY D 170 28.71 26.60 -36.56
N VAL D 171 28.34 26.05 -35.39
CA VAL D 171 28.20 24.62 -35.10
C VAL D 171 26.71 24.25 -35.03
N CYS D 172 26.31 23.10 -35.61
CA CYS D 172 24.93 22.62 -35.54
C CYS D 172 24.81 21.13 -35.41
N THR D 173 24.74 20.64 -34.17
CA THR D 173 24.59 19.21 -33.89
C THR D 173 23.10 18.89 -33.90
N ASP D 174 22.72 17.72 -34.41
CA ASP D 174 21.33 17.26 -34.44
C ASP D 174 20.84 17.10 -32.99
N PRO D 175 19.57 17.50 -32.67
CA PRO D 175 19.11 17.37 -31.27
C PRO D 175 18.97 15.92 -30.82
N GLN D 176 18.39 15.07 -31.67
CA GLN D 176 18.19 13.65 -31.36
C GLN D 176 18.69 12.74 -32.51
N PRO D 177 19.41 11.64 -32.22
CA PRO D 177 19.88 10.75 -33.30
C PRO D 177 18.77 9.90 -33.92
N LEU D 178 19.12 9.19 -35.00
CA LEU D 178 18.21 8.34 -35.75
C LEU D 178 18.63 6.87 -35.73
N LYS D 179 17.64 5.97 -35.66
CA LYS D 179 17.88 4.53 -35.69
C LYS D 179 18.24 4.11 -37.12
N GLU D 180 19.27 3.28 -37.27
CA GLU D 180 19.70 2.76 -38.57
C GLU D 180 18.63 1.83 -39.17
N GLN D 181 17.90 1.11 -38.30
CA GLN D 181 16.81 0.21 -38.66
C GLN D 181 15.62 0.63 -37.76
N PRO D 182 14.80 1.63 -38.17
CA PRO D 182 13.68 2.08 -37.30
C PRO D 182 12.63 1.01 -36.96
N ALA D 183 12.56 -0.06 -37.77
CA ALA D 183 11.66 -1.20 -37.57
C ALA D 183 12.16 -2.05 -36.40
N LEU D 184 13.50 -2.13 -36.21
CA LEU D 184 14.17 -2.89 -35.15
C LEU D 184 13.99 -2.26 -33.77
N ASN D 185 13.78 -3.11 -32.73
CA ASN D 185 13.60 -2.69 -31.33
C ASN D 185 14.92 -2.18 -30.73
N ASP D 186 16.04 -2.89 -31.03
CA ASP D 186 17.39 -2.58 -30.56
C ASP D 186 18.33 -2.22 -31.74
N SER D 187 18.06 -1.06 -32.37
CA SER D 187 18.83 -0.56 -33.52
C SER D 187 19.88 0.46 -33.09
N ARG D 188 21.09 0.38 -33.69
CA ARG D 188 22.19 1.31 -33.41
C ARG D 188 21.82 2.70 -33.96
N TYR D 189 22.00 3.74 -33.12
CA TYR D 189 21.70 5.11 -33.49
C TYR D 189 22.82 5.76 -34.34
N ALA D 190 22.51 6.92 -34.96
CA ALA D 190 23.42 7.70 -35.79
C ALA D 190 23.14 9.19 -35.59
N LEU D 191 24.18 10.00 -35.37
CA LEU D 191 24.07 11.44 -35.13
C LEU D 191 25.04 12.24 -36.01
N SER D 192 24.58 13.40 -36.49
CA SER D 192 25.39 14.29 -37.32
C SER D 192 25.44 15.74 -36.82
N SER D 193 26.57 16.43 -37.09
CA SER D 193 26.84 17.82 -36.74
C SER D 193 27.54 18.50 -37.89
N ARG D 194 27.32 19.81 -38.03
CA ARG D 194 27.89 20.60 -39.12
C ARG D 194 28.64 21.82 -38.57
N LEU D 195 29.82 22.10 -39.14
CA LEU D 195 30.63 23.25 -38.74
C LEU D 195 30.92 24.10 -39.98
N ARG D 196 30.57 25.40 -39.92
CA ARG D 196 30.79 26.33 -41.01
C ARG D 196 31.83 27.39 -40.64
N VAL D 197 32.81 27.57 -41.54
CA VAL D 197 33.92 28.53 -41.45
C VAL D 197 34.05 29.26 -42.80
N SER D 198 34.77 30.40 -42.83
CA SER D 198 35.00 31.13 -44.08
C SER D 198 35.93 30.30 -44.98
N ALA D 199 35.80 30.45 -46.31
CA ALA D 199 36.63 29.72 -47.28
C ALA D 199 38.12 29.94 -47.01
N THR D 200 38.52 31.18 -46.66
CA THR D 200 39.90 31.58 -46.33
C THR D 200 40.45 30.77 -45.16
N PHE D 201 39.57 30.47 -44.18
CA PHE D 201 39.93 29.67 -43.01
C PHE D 201 40.11 28.19 -43.36
N TRP D 202 39.14 27.60 -44.12
CA TRP D 202 39.22 26.21 -44.56
C TRP D 202 40.40 25.95 -45.51
N GLN D 203 40.67 26.89 -46.45
CA GLN D 203 41.76 26.79 -47.44
C GLN D 203 43.17 26.77 -46.84
N ASN D 204 43.32 27.28 -45.58
CA ASN D 204 44.58 27.27 -44.84
C ASN D 204 44.94 25.83 -44.37
N PRO D 205 46.02 25.20 -44.91
CA PRO D 205 46.35 23.82 -44.50
C PRO D 205 46.99 23.67 -43.12
N ARG D 206 47.13 24.80 -42.39
CA ARG D 206 47.72 24.89 -41.05
C ARG D 206 46.63 24.89 -39.97
N ASN D 207 45.36 24.88 -40.40
CA ASN D 207 44.21 24.84 -39.51
C ASN D 207 43.72 23.40 -39.33
N HIS D 208 43.62 22.97 -38.06
CA HIS D 208 43.22 21.63 -37.68
C HIS D 208 41.81 21.57 -37.07
N PHE D 209 40.89 20.91 -37.79
CA PHE D 209 39.48 20.72 -37.41
C PHE D 209 39.25 19.29 -36.95
N ARG D 210 38.71 19.11 -35.72
CA ARG D 210 38.44 17.79 -35.14
C ARG D 210 37.01 17.64 -34.59
N CYS D 211 36.40 16.48 -34.85
CA CYS D 211 35.08 16.15 -34.35
C CYS D 211 35.24 15.15 -33.22
N GLN D 212 34.87 15.56 -32.01
CA GLN D 212 35.02 14.75 -30.80
C GLN D 212 33.68 14.21 -30.31
N VAL D 213 33.57 12.88 -30.17
CA VAL D 213 32.35 12.25 -29.68
C VAL D 213 32.66 11.49 -28.39
N GLN D 214 32.07 11.94 -27.27
CA GLN D 214 32.22 11.30 -25.95
C GLN D 214 31.09 10.31 -25.76
N PHE D 215 31.44 9.03 -25.63
CA PHE D 215 30.49 7.94 -25.43
C PHE D 215 30.47 7.58 -23.94
N TYR D 216 29.29 7.22 -23.43
CA TYR D 216 29.13 6.80 -22.05
C TYR D 216 28.75 5.33 -22.06
N GLY D 217 29.78 4.48 -22.00
CA GLY D 217 29.62 3.03 -22.07
C GLY D 217 29.57 2.28 -20.76
N LEU D 218 30.26 1.14 -20.74
CA LEU D 218 30.33 0.23 -19.60
C LEU D 218 31.50 0.54 -18.67
N SER D 219 31.47 0.00 -17.45
CA SER D 219 32.51 0.17 -16.43
C SER D 219 33.48 -1.01 -16.49
N GLU D 220 34.58 -0.95 -15.70
CA GLU D 220 35.57 -2.04 -15.62
C GLU D 220 35.00 -3.22 -14.81
N ASN D 221 33.97 -2.94 -13.98
CA ASN D 221 33.25 -3.89 -13.13
C ASN D 221 32.43 -4.86 -14.00
N ASP D 222 31.88 -4.37 -15.13
CA ASP D 222 31.05 -5.13 -16.07
C ASP D 222 31.84 -6.23 -16.78
N GLU D 223 31.18 -7.37 -17.06
CA GLU D 223 31.81 -8.51 -17.72
C GLU D 223 31.57 -8.51 -19.22
N TRP D 224 32.67 -8.59 -19.99
CA TRP D 224 32.66 -8.59 -21.46
C TRP D 224 33.17 -9.94 -21.99
N THR D 225 32.22 -10.83 -22.35
CA THR D 225 32.48 -12.20 -22.85
C THR D 225 32.85 -12.27 -24.32
N GLN D 226 32.23 -11.42 -25.16
CA GLN D 226 32.44 -11.37 -26.61
C GLN D 226 33.84 -10.88 -27.00
N ASP D 227 34.45 -11.55 -27.97
CA ASP D 227 35.80 -11.24 -28.46
C ASP D 227 35.83 -10.02 -29.39
N ARG D 228 35.65 -8.85 -28.79
CA ARG D 228 35.64 -7.54 -29.44
C ARG D 228 36.13 -6.53 -28.40
N ALA D 229 36.49 -5.31 -28.85
CA ALA D 229 36.94 -4.25 -27.95
C ALA D 229 35.80 -3.85 -27.00
N LYS D 230 36.09 -3.71 -25.69
CA LYS D 230 35.09 -3.38 -24.66
C LYS D 230 34.47 -1.99 -24.90
N PRO D 231 33.11 -1.89 -24.98
CA PRO D 231 32.49 -0.58 -25.23
C PRO D 231 32.35 0.27 -23.96
N VAL D 232 33.49 0.78 -23.45
CA VAL D 232 33.58 1.59 -22.23
C VAL D 232 33.32 3.08 -22.48
N THR D 233 33.31 3.88 -21.39
CA THR D 233 33.13 5.34 -21.43
C THR D 233 34.41 5.90 -22.08
N GLN D 234 34.39 6.01 -23.42
CA GLN D 234 35.51 6.42 -24.26
C GLN D 234 35.21 7.62 -25.14
N ILE D 235 36.26 8.18 -25.77
CA ILE D 235 36.17 9.30 -26.70
C ILE D 235 36.64 8.82 -28.08
N VAL D 236 35.78 8.98 -29.11
CA VAL D 236 36.05 8.60 -30.51
C VAL D 236 36.14 9.88 -31.34
N SER D 237 37.35 10.40 -31.53
CA SER D 237 37.52 11.64 -32.30
C SER D 237 38.03 11.42 -33.72
N ALA D 238 37.52 12.22 -34.69
CA ALA D 238 37.88 12.19 -36.11
C ALA D 238 38.40 13.54 -36.59
N GLU D 239 39.59 13.57 -37.23
CA GLU D 239 40.23 14.82 -37.66
C GLU D 239 40.44 15.04 -39.16
N ALA D 240 40.58 16.33 -39.55
CA ALA D 240 40.83 16.83 -40.90
C ALA D 240 41.58 18.18 -40.85
N TRP D 241 42.35 18.46 -41.89
CA TRP D 241 43.16 19.67 -42.07
C TRP D 241 42.59 20.48 -43.21
N GLY D 242 42.94 21.77 -43.26
CA GLY D 242 42.51 22.63 -44.35
C GLY D 242 43.16 22.23 -45.67
N ARG D 243 42.42 22.36 -46.79
CA ARG D 243 42.95 22.01 -48.12
C ARG D 243 43.13 23.20 -49.03
N ALA D 244 44.35 23.42 -49.54
CA ALA D 244 44.69 24.53 -50.44
C ALA D 244 44.45 24.13 -51.90
N ASN E 7 1.12 -19.82 -27.95
CA ASN E 7 0.57 -20.73 -26.94
C ASN E 7 1.68 -21.49 -26.21
N TYR E 8 1.63 -21.49 -24.86
CA TYR E 8 2.64 -22.17 -24.05
C TYR E 8 2.04 -23.30 -23.18
N THR E 9 2.85 -24.34 -22.90
CA THR E 9 2.45 -25.44 -22.03
C THR E 9 3.39 -25.52 -20.84
N PHE E 10 2.81 -25.42 -19.63
CA PHE E 10 3.51 -25.52 -18.36
C PHE E 10 3.42 -26.99 -17.92
N ARG E 11 4.58 -27.59 -17.64
CA ARG E 11 4.69 -29.01 -17.33
C ARG E 11 5.52 -29.30 -16.08
N CYS E 12 4.91 -30.04 -15.10
CA CYS E 12 5.57 -30.52 -13.88
C CYS E 12 5.75 -32.00 -14.10
N LEU E 13 6.99 -32.42 -14.26
CA LEU E 13 7.27 -33.81 -14.55
C LEU E 13 7.85 -34.50 -13.34
N GLN E 14 7.07 -35.39 -12.71
CA GLN E 14 7.51 -36.11 -11.54
C GLN E 14 7.94 -37.52 -11.92
N MET E 15 9.11 -37.93 -11.40
CA MET E 15 9.71 -39.24 -11.62
C MET E 15 9.89 -39.92 -10.29
N SER E 16 9.08 -40.95 -10.03
CA SER E 16 9.16 -41.72 -8.80
C SER E 16 9.58 -43.16 -9.09
N SER E 17 10.57 -43.66 -8.32
CA SER E 17 11.10 -45.01 -8.47
C SER E 17 11.20 -45.69 -7.11
N PHE E 18 10.63 -46.89 -7.02
CA PHE E 18 10.57 -47.69 -5.81
C PHE E 18 11.29 -49.00 -6.05
N ALA E 19 12.41 -49.23 -5.34
CA ALA E 19 13.22 -50.45 -5.49
C ALA E 19 12.80 -51.55 -4.51
N ASN E 20 12.45 -51.14 -3.27
CA ASN E 20 12.00 -52.00 -2.18
C ASN E 20 11.14 -51.28 -1.14
N ARG E 21 10.78 -51.97 -0.03
CA ARG E 21 9.96 -51.43 1.06
C ARG E 21 10.64 -50.28 1.84
N SER E 22 11.96 -50.08 1.60
CA SER E 22 12.78 -49.06 2.24
C SER E 22 13.36 -48.04 1.25
N TRP E 23 13.80 -48.48 0.05
CA TRP E 23 14.38 -47.62 -0.98
C TRP E 23 13.34 -47.09 -1.96
N SER E 24 13.30 -45.75 -2.11
CA SER E 24 12.43 -44.99 -3.00
C SER E 24 13.13 -43.68 -3.39
N ARG E 25 12.70 -43.04 -4.49
CA ARG E 25 13.29 -41.78 -4.95
C ARG E 25 12.29 -40.97 -5.78
N THR E 26 12.07 -39.70 -5.42
CA THR E 26 11.15 -38.82 -6.15
C THR E 26 11.82 -37.52 -6.58
N ASP E 27 11.99 -37.36 -7.91
CA ASP E 27 12.60 -36.19 -8.52
C ASP E 27 11.65 -35.53 -9.51
N SER E 28 11.59 -34.20 -9.49
CA SER E 28 10.70 -33.43 -10.37
C SER E 28 11.45 -32.33 -11.13
N VAL E 29 11.00 -32.04 -12.36
CA VAL E 29 11.50 -30.98 -13.24
C VAL E 29 10.31 -30.22 -13.81
N VAL E 30 10.43 -28.89 -13.90
CA VAL E 30 9.32 -28.06 -14.38
C VAL E 30 9.74 -27.28 -15.63
N TRP E 31 8.87 -27.28 -16.67
CA TRP E 31 9.10 -26.61 -17.97
C TRP E 31 7.98 -25.68 -18.38
N LEU E 32 8.33 -24.50 -18.89
CA LEU E 32 7.41 -23.53 -19.49
C LEU E 32 7.90 -23.50 -20.92
N GLY E 33 7.22 -24.29 -21.76
CA GLY E 33 7.61 -24.48 -23.15
C GLY E 33 8.85 -25.34 -23.20
N ASP E 34 9.92 -24.80 -23.83
CA ASP E 34 11.20 -25.50 -23.93
C ASP E 34 12.26 -24.98 -22.94
N LEU E 35 11.83 -24.20 -21.93
CA LEU E 35 12.73 -23.63 -20.92
C LEU E 35 12.46 -24.25 -19.55
N GLN E 36 13.51 -24.72 -18.87
CA GLN E 36 13.34 -25.29 -17.54
C GLN E 36 13.19 -24.16 -16.51
N THR E 37 12.15 -24.25 -15.70
CA THR E 37 11.86 -23.24 -14.68
C THR E 37 12.20 -23.73 -13.27
N HIS E 38 12.03 -25.04 -12.99
CA HIS E 38 12.31 -25.60 -11.66
C HIS E 38 12.91 -27.01 -11.70
N ARG E 39 13.46 -27.46 -10.56
CA ARG E 39 13.99 -28.81 -10.33
C ARG E 39 13.85 -29.15 -8.86
N TRP E 40 13.27 -30.32 -8.55
CA TRP E 40 13.13 -30.75 -7.15
C TRP E 40 13.63 -32.18 -6.93
N SER E 41 14.94 -32.31 -6.70
CA SER E 41 15.58 -33.61 -6.49
C SER E 41 15.33 -34.12 -5.09
N ASN E 42 15.17 -35.46 -4.94
CA ASN E 42 14.90 -36.13 -3.68
C ASN E 42 15.77 -35.60 -2.53
N ASP E 43 17.10 -35.47 -2.74
CA ASP E 43 18.05 -34.96 -1.74
C ASP E 43 17.77 -33.55 -1.22
N SER E 44 17.13 -32.69 -2.04
CA SER E 44 16.76 -31.32 -1.68
C SER E 44 15.36 -31.31 -1.05
N ALA E 45 15.23 -30.67 0.14
CA ALA E 45 13.96 -30.58 0.87
C ALA E 45 13.04 -29.50 0.30
N THR E 46 13.59 -28.54 -0.47
CA THR E 46 12.83 -27.44 -1.08
C THR E 46 12.95 -27.43 -2.60
N ILE E 47 11.93 -26.86 -3.28
CA ILE E 47 11.89 -26.69 -4.74
C ILE E 47 12.87 -25.56 -5.10
N SER E 48 13.79 -25.85 -6.04
CA SER E 48 14.84 -24.96 -6.51
C SER E 48 14.48 -24.32 -7.85
N PHE E 49 14.69 -23.00 -7.95
CA PHE E 49 14.43 -22.20 -9.16
C PHE E 49 15.62 -22.32 -10.12
N THR E 50 15.35 -22.50 -11.43
CA THR E 50 16.43 -22.61 -12.42
C THR E 50 16.57 -21.34 -13.28
N LYS E 51 15.73 -20.32 -13.00
CA LYS E 51 15.74 -19.03 -13.69
C LYS E 51 15.50 -17.94 -12.65
N PRO E 52 16.00 -16.71 -12.87
CA PRO E 52 15.72 -15.64 -11.90
C PRO E 52 14.24 -15.35 -11.69
N TRP E 53 13.40 -15.60 -12.70
CA TRP E 53 11.97 -15.34 -12.72
C TRP E 53 11.08 -16.58 -12.40
N SER E 54 11.68 -17.67 -11.89
CA SER E 54 10.98 -18.92 -11.58
C SER E 54 9.88 -18.82 -10.52
N GLN E 55 9.92 -17.82 -9.63
CA GLN E 55 8.89 -17.63 -8.61
C GLN E 55 7.64 -16.93 -9.20
N GLY E 56 7.78 -16.39 -10.42
CA GLY E 56 6.74 -15.65 -11.12
C GLY E 56 6.37 -14.39 -10.37
N LYS E 57 5.07 -14.09 -10.33
CA LYS E 57 4.59 -12.90 -9.61
C LYS E 57 4.03 -13.19 -8.21
N LEU E 58 4.34 -14.40 -7.67
CA LEU E 58 3.93 -14.84 -6.33
C LEU E 58 4.81 -14.15 -5.27
N SER E 59 4.20 -13.79 -4.14
CA SER E 59 4.91 -13.19 -3.01
C SER E 59 5.73 -14.29 -2.31
N ASN E 60 6.71 -13.91 -1.48
CA ASN E 60 7.51 -14.91 -0.78
C ASN E 60 6.64 -15.78 0.13
N GLN E 61 5.62 -15.17 0.78
CA GLN E 61 4.64 -15.88 1.63
C GLN E 61 3.85 -16.87 0.79
N GLN E 62 3.33 -16.43 -0.39
CA GLN E 62 2.56 -17.26 -1.33
C GLN E 62 3.37 -18.49 -1.74
N TRP E 63 4.64 -18.29 -2.17
CA TRP E 63 5.50 -19.40 -2.58
C TRP E 63 5.76 -20.40 -1.43
N GLU E 64 6.03 -19.87 -0.21
CA GLU E 64 6.30 -20.65 1.00
C GLU E 64 5.13 -21.59 1.31
N LYS E 65 3.89 -21.06 1.22
CA LYS E 65 2.64 -21.79 1.45
C LYS E 65 2.50 -22.95 0.47
N LEU E 66 2.87 -22.71 -0.80
CA LEU E 66 2.83 -23.69 -1.86
C LEU E 66 3.90 -24.78 -1.63
N GLN E 67 5.13 -24.38 -1.25
CA GLN E 67 6.22 -25.32 -0.98
C GLN E 67 5.86 -26.24 0.17
N HIS E 68 5.32 -25.69 1.26
CA HIS E 68 4.90 -26.43 2.44
C HIS E 68 3.95 -27.57 2.11
N MET E 69 2.91 -27.30 1.30
CA MET E 69 1.98 -28.35 0.90
C MET E 69 2.64 -29.37 -0.06
N PHE E 70 3.57 -28.92 -0.93
CA PHE E 70 4.29 -29.80 -1.86
C PHE E 70 5.19 -30.74 -1.10
N GLN E 71 5.83 -30.23 -0.03
CA GLN E 71 6.70 -30.98 0.88
C GLN E 71 5.90 -32.08 1.60
N VAL E 72 4.66 -31.74 2.08
CA VAL E 72 3.72 -32.65 2.76
C VAL E 72 3.33 -33.72 1.76
N TYR E 73 3.00 -33.30 0.52
CA TYR E 73 2.62 -34.16 -0.58
C TYR E 73 3.66 -35.24 -0.86
N ARG E 74 4.92 -34.84 -1.13
CA ARG E 74 6.00 -35.77 -1.46
C ARG E 74 6.12 -36.91 -0.45
N VAL E 75 6.11 -36.56 0.85
CA VAL E 75 6.21 -37.46 1.99
C VAL E 75 5.03 -38.45 1.96
N SER E 76 3.81 -37.89 1.95
CA SER E 76 2.55 -38.63 1.95
C SER E 76 2.44 -39.53 0.72
N PHE E 77 2.85 -39.05 -0.46
CA PHE E 77 2.82 -39.80 -1.73
C PHE E 77 3.68 -41.05 -1.67
N THR E 78 4.83 -40.98 -0.98
CA THR E 78 5.74 -42.13 -0.83
C THR E 78 5.06 -43.14 0.09
N ARG E 79 4.54 -42.69 1.26
CA ARG E 79 3.82 -43.53 2.23
C ARG E 79 2.65 -44.22 1.58
N ASP E 80 1.85 -43.46 0.80
CA ASP E 80 0.67 -43.93 0.11
C ASP E 80 0.97 -45.01 -0.92
N ILE E 81 1.96 -44.81 -1.80
CA ILE E 81 2.33 -45.82 -2.80
C ILE E 81 2.86 -47.10 -2.14
N GLN E 82 3.85 -46.97 -1.23
CA GLN E 82 4.44 -48.11 -0.52
C GLN E 82 3.37 -49.02 0.13
N GLU E 83 2.27 -48.41 0.61
CA GLU E 83 1.15 -49.13 1.20
C GLU E 83 0.22 -49.74 0.14
N LEU E 84 0.03 -49.04 -1.01
CA LEU E 84 -0.81 -49.54 -2.12
C LEU E 84 -0.12 -50.65 -2.88
N VAL E 85 1.21 -50.80 -2.69
CA VAL E 85 2.05 -51.83 -3.32
C VAL E 85 1.72 -53.19 -2.68
N LYS E 86 1.47 -53.21 -1.35
CA LYS E 86 1.10 -54.40 -0.58
C LYS E 86 -0.23 -54.97 -1.09
N MET E 87 -1.24 -54.08 -1.28
CA MET E 87 -2.58 -54.40 -1.77
C MET E 87 -2.58 -54.85 -3.23
N MET E 88 -1.75 -54.19 -4.09
CA MET E 88 -1.60 -54.46 -5.53
C MET E 88 -1.30 -55.91 -5.83
N SER E 89 -1.90 -56.43 -6.92
CA SER E 89 -1.72 -57.81 -7.36
C SER E 89 -1.14 -57.89 -8.79
N PRO E 90 -0.10 -58.74 -9.05
CA PRO E 90 0.59 -59.67 -8.13
C PRO E 90 1.30 -58.94 -6.97
N LYS E 91 1.34 -59.58 -5.77
CA LYS E 91 1.94 -59.03 -4.55
C LYS E 91 3.41 -58.57 -4.70
N GLU E 92 3.63 -57.23 -4.64
CA GLU E 92 4.91 -56.52 -4.78
C GLU E 92 5.64 -56.81 -6.09
N ASP E 93 5.35 -56.01 -7.14
CA ASP E 93 5.95 -56.17 -8.46
C ASP E 93 7.18 -55.23 -8.65
N TYR E 94 8.06 -55.11 -7.63
CA TYR E 94 9.27 -54.28 -7.70
C TYR E 94 10.21 -54.70 -8.86
N PRO E 95 10.84 -53.77 -9.60
CA PRO E 95 10.82 -52.30 -9.47
C PRO E 95 9.50 -51.63 -9.83
N ILE E 96 9.19 -50.50 -9.18
CA ILE E 96 7.98 -49.73 -9.44
C ILE E 96 8.33 -48.37 -9.98
N GLU E 97 7.89 -48.08 -11.21
CA GLU E 97 8.14 -46.81 -11.88
C GLU E 97 6.86 -46.00 -12.09
N ILE E 98 6.67 -44.96 -11.26
CA ILE E 98 5.52 -44.06 -11.35
C ILE E 98 5.96 -42.68 -11.85
N GLN E 99 5.33 -42.24 -12.94
CA GLN E 99 5.59 -40.93 -13.54
C GLN E 99 4.31 -40.11 -13.52
N LEU E 100 4.42 -38.84 -13.16
CA LEU E 100 3.28 -37.93 -13.08
C LEU E 100 3.55 -36.69 -13.95
N SER E 101 2.60 -36.35 -14.84
CA SER E 101 2.69 -35.20 -15.75
C SER E 101 1.53 -34.23 -15.49
N ALA E 102 1.80 -33.15 -14.75
CA ALA E 102 0.76 -32.18 -14.39
C ALA E 102 1.11 -30.77 -14.82
N GLY E 103 0.09 -30.00 -15.15
CA GLY E 103 0.27 -28.61 -15.55
C GLY E 103 -0.91 -28.06 -16.31
N CYS E 104 -0.69 -26.97 -17.05
CA CYS E 104 -1.71 -26.30 -17.85
C CYS E 104 -1.18 -25.72 -19.14
N GLU E 105 -2.04 -25.66 -20.16
CA GLU E 105 -1.73 -25.10 -21.48
C GLU E 105 -2.42 -23.75 -21.58
N MET E 106 -1.65 -22.69 -21.82
CA MET E 106 -2.18 -21.33 -21.90
C MET E 106 -2.66 -20.98 -23.30
N TYR E 107 -3.85 -20.35 -23.36
CA TYR E 107 -4.50 -19.90 -24.59
C TYR E 107 -4.78 -18.39 -24.50
N PRO E 108 -4.98 -17.66 -25.64
CA PRO E 108 -5.26 -16.22 -25.55
C PRO E 108 -6.47 -15.85 -24.69
N GLY E 109 -6.29 -14.79 -23.89
CA GLY E 109 -7.29 -14.28 -22.95
C GLY E 109 -7.13 -14.94 -21.59
N ASN E 110 -8.25 -15.20 -20.92
CA ASN E 110 -8.23 -15.90 -19.63
C ASN E 110 -8.40 -17.43 -19.80
N ALA E 111 -8.36 -17.91 -21.06
CA ALA E 111 -8.48 -19.31 -21.43
C ALA E 111 -7.21 -20.10 -21.13
N SER E 112 -7.38 -21.28 -20.50
CA SER E 112 -6.34 -22.22 -20.10
C SER E 112 -6.97 -23.61 -19.89
N GLU E 113 -6.17 -24.67 -20.07
CA GLU E 113 -6.66 -26.03 -19.88
C GLU E 113 -5.65 -26.82 -19.07
N SER E 114 -6.03 -27.24 -17.85
CA SER E 114 -5.15 -28.02 -16.96
C SER E 114 -5.24 -29.53 -17.20
N PHE E 115 -4.23 -30.27 -16.72
CA PHE E 115 -4.12 -31.73 -16.89
C PHE E 115 -3.28 -32.35 -15.78
N LEU E 116 -3.55 -33.61 -15.45
CA LEU E 116 -2.76 -34.38 -14.49
C LEU E 116 -2.82 -35.81 -14.99
N HIS E 117 -1.71 -36.30 -15.55
CA HIS E 117 -1.65 -37.65 -16.10
C HIS E 117 -0.63 -38.48 -15.36
N VAL E 118 -0.98 -39.76 -15.10
CA VAL E 118 -0.11 -40.70 -14.37
C VAL E 118 0.14 -41.96 -15.19
N ALA E 119 1.41 -42.39 -15.25
CA ALA E 119 1.86 -43.60 -15.94
C ALA E 119 2.58 -44.56 -14.99
N PHE E 120 2.06 -45.79 -14.91
CA PHE E 120 2.62 -46.85 -14.09
C PHE E 120 3.37 -47.79 -15.01
N GLN E 121 4.68 -47.96 -14.74
CA GLN E 121 5.64 -48.75 -15.51
C GLN E 121 5.71 -48.24 -16.96
N GLY E 122 5.76 -46.92 -17.10
CA GLY E 122 5.81 -46.24 -18.39
C GLY E 122 4.57 -46.34 -19.26
N LYS E 123 3.42 -46.77 -18.68
CA LYS E 123 2.14 -46.91 -19.38
C LYS E 123 1.10 -46.02 -18.71
N TYR E 124 0.55 -45.04 -19.47
CA TYR E 124 -0.48 -44.09 -19.01
C TYR E 124 -1.73 -44.83 -18.51
N VAL E 125 -1.97 -44.76 -17.19
CA VAL E 125 -3.07 -45.48 -16.54
C VAL E 125 -4.15 -44.62 -15.88
N VAL E 126 -3.75 -43.57 -15.15
CA VAL E 126 -4.67 -42.72 -14.39
C VAL E 126 -4.61 -41.24 -14.81
N ARG E 127 -5.75 -40.55 -14.64
CA ARG E 127 -5.88 -39.13 -14.90
C ARG E 127 -6.77 -38.47 -13.85
N PHE E 128 -6.53 -37.19 -13.54
CA PHE E 128 -7.42 -36.48 -12.65
C PHE E 128 -8.36 -35.75 -13.57
N TRP E 129 -9.64 -36.06 -13.51
CA TRP E 129 -10.59 -35.42 -14.40
C TRP E 129 -11.77 -34.83 -13.65
N GLY E 130 -11.91 -33.51 -13.77
CA GLY E 130 -12.97 -32.72 -13.15
C GLY E 130 -12.82 -32.60 -11.64
N THR E 131 -13.38 -33.59 -10.92
CA THR E 131 -13.39 -33.65 -9.46
C THR E 131 -12.84 -34.97 -8.88
N SER E 132 -12.55 -35.95 -9.74
CA SER E 132 -12.09 -37.27 -9.30
C SER E 132 -10.91 -37.84 -10.09
N TRP E 133 -10.21 -38.81 -9.48
CA TRP E 133 -9.15 -39.61 -10.11
C TRP E 133 -9.88 -40.67 -10.90
N GLN E 134 -9.45 -40.93 -12.13
CA GLN E 134 -10.07 -41.97 -12.95
C GLN E 134 -9.10 -42.74 -13.81
N THR E 135 -9.38 -44.03 -13.97
CA THR E 135 -8.59 -44.93 -14.80
C THR E 135 -8.93 -44.61 -16.26
N VAL E 136 -7.95 -44.76 -17.15
CA VAL E 136 -8.14 -44.50 -18.57
C VAL E 136 -8.48 -45.81 -19.31
N PRO E 137 -9.21 -45.80 -20.46
CA PRO E 137 -9.53 -47.08 -21.13
C PRO E 137 -8.27 -47.90 -21.42
N GLY E 138 -8.34 -49.18 -21.06
CA GLY E 138 -7.23 -50.11 -21.23
C GLY E 138 -6.43 -50.40 -19.97
N ALA E 139 -6.43 -49.45 -18.99
CA ALA E 139 -5.72 -49.55 -17.70
C ALA E 139 -6.07 -50.86 -16.95
N PRO E 140 -5.13 -51.44 -16.15
CA PRO E 140 -5.43 -52.72 -15.51
C PRO E 140 -6.48 -52.66 -14.42
N SER E 141 -7.52 -53.52 -14.57
CA SER E 141 -8.68 -53.63 -13.68
C SER E 141 -8.41 -53.65 -12.18
N TRP E 142 -7.20 -54.06 -11.75
CA TRP E 142 -6.83 -54.09 -10.33
C TRP E 142 -6.69 -52.69 -9.72
N LEU E 143 -6.47 -51.67 -10.57
CA LEU E 143 -6.32 -50.26 -10.17
C LEU E 143 -7.61 -49.59 -9.71
N ASP E 144 -8.78 -50.17 -10.02
CA ASP E 144 -10.08 -49.59 -9.67
C ASP E 144 -10.31 -49.39 -8.17
N LEU E 145 -9.86 -50.36 -7.35
CA LEU E 145 -9.98 -50.27 -5.88
C LEU E 145 -9.09 -49.16 -5.31
N PRO E 146 -7.74 -49.14 -5.52
CA PRO E 146 -6.93 -48.01 -4.98
C PRO E 146 -7.46 -46.63 -5.41
N ILE E 147 -8.10 -46.55 -6.61
CA ILE E 147 -8.71 -45.34 -7.15
C ILE E 147 -9.93 -44.95 -6.29
N LYS E 148 -10.81 -45.93 -5.97
CA LYS E 148 -11.99 -45.69 -5.13
C LYS E 148 -11.57 -45.17 -3.76
N VAL E 149 -10.49 -45.77 -3.20
CA VAL E 149 -9.86 -45.43 -1.93
C VAL E 149 -9.27 -44.01 -2.03
N LEU E 150 -8.61 -43.68 -3.16
CA LEU E 150 -8.03 -42.36 -3.40
C LEU E 150 -9.08 -41.27 -3.42
N ASN E 151 -10.23 -41.56 -4.04
CA ASN E 151 -11.32 -40.60 -4.18
C ASN E 151 -12.00 -40.29 -2.86
N ALA E 152 -11.84 -41.16 -1.83
CA ALA E 152 -12.38 -40.97 -0.48
C ALA E 152 -11.71 -39.78 0.22
N ASP E 153 -10.42 -39.50 -0.11
CA ASP E 153 -9.66 -38.36 0.44
C ASP E 153 -10.26 -37.09 -0.11
N GLN E 154 -11.08 -36.42 0.70
CA GLN E 154 -11.72 -35.16 0.33
C GLN E 154 -10.70 -34.02 0.24
N GLY E 155 -9.72 -34.00 1.12
CA GLY E 155 -8.66 -33.00 1.16
C GLY E 155 -7.72 -33.05 -0.03
N THR E 156 -7.51 -34.25 -0.59
CA THR E 156 -6.67 -34.45 -1.76
C THR E 156 -7.41 -33.95 -3.00
N SER E 157 -8.70 -34.37 -3.20
CA SER E 157 -9.47 -33.92 -4.37
C SER E 157 -9.68 -32.41 -4.37
N ALA E 158 -9.87 -31.78 -3.19
CA ALA E 158 -10.01 -30.34 -3.07
C ALA E 158 -8.68 -29.63 -3.44
N THR E 159 -7.54 -30.10 -2.91
CA THR E 159 -6.22 -29.53 -3.21
C THR E 159 -5.89 -29.64 -4.69
N VAL E 160 -6.07 -30.85 -5.27
CA VAL E 160 -5.80 -31.08 -6.70
C VAL E 160 -6.65 -30.16 -7.59
N GLN E 161 -7.93 -29.99 -7.22
CA GLN E 161 -8.87 -29.08 -7.90
C GLN E 161 -8.40 -27.62 -7.87
N MET E 162 -7.86 -27.15 -6.72
CA MET E 162 -7.36 -25.77 -6.63
C MET E 162 -6.08 -25.62 -7.42
N LEU E 163 -5.19 -26.62 -7.33
CA LEU E 163 -3.90 -26.60 -8.04
C LEU E 163 -4.11 -26.50 -9.52
N LEU E 164 -4.93 -27.39 -10.05
CA LEU E 164 -5.25 -27.44 -11.47
C LEU E 164 -6.12 -26.26 -11.93
N ASN E 165 -7.29 -26.03 -11.30
CA ASN E 165 -8.20 -24.95 -11.71
C ASN E 165 -7.71 -23.53 -11.49
N ASP E 166 -7.12 -23.22 -10.31
CA ASP E 166 -6.69 -21.87 -9.97
C ASP E 166 -5.19 -21.66 -10.08
N THR E 167 -4.44 -22.26 -9.15
CA THR E 167 -3.00 -22.11 -9.00
C THR E 167 -2.23 -22.19 -10.29
N CYS E 168 -2.34 -23.30 -11.06
CA CYS E 168 -1.63 -23.47 -12.31
C CYS E 168 -1.79 -22.28 -13.29
N PRO E 169 -2.99 -21.98 -13.84
CA PRO E 169 -3.09 -20.85 -14.78
C PRO E 169 -2.64 -19.51 -14.21
N LEU E 170 -3.06 -19.20 -12.95
CA LEU E 170 -2.69 -17.97 -12.26
C LEU E 170 -1.18 -17.81 -12.17
N PHE E 171 -0.45 -18.90 -11.79
CA PHE E 171 1.02 -18.94 -11.68
C PHE E 171 1.71 -18.70 -13.03
N VAL E 172 1.29 -19.48 -14.06
CA VAL E 172 1.80 -19.39 -15.44
C VAL E 172 1.58 -17.98 -16.04
N ARG E 173 0.39 -17.38 -15.81
CA ARG E 173 0.09 -16.03 -16.30
C ARG E 173 1.20 -15.04 -15.85
N GLY E 174 1.52 -15.06 -14.55
CA GLY E 174 2.54 -14.23 -13.93
C GLY E 174 3.96 -14.64 -14.30
N LEU E 175 4.15 -15.92 -14.65
CA LEU E 175 5.43 -16.52 -15.06
C LEU E 175 5.82 -16.02 -16.46
N LEU E 176 4.85 -15.97 -17.39
CA LEU E 176 5.04 -15.49 -18.76
C LEU E 176 5.38 -13.99 -18.75
N GLU E 177 4.82 -13.25 -17.78
CA GLU E 177 5.05 -11.82 -17.63
C GLU E 177 6.46 -11.60 -17.06
N ALA E 178 6.82 -12.34 -16.01
CA ALA E 178 8.11 -12.24 -15.33
C ALA E 178 9.31 -12.65 -16.18
N GLY E 179 9.12 -13.64 -17.04
CA GLY E 179 10.18 -14.13 -17.90
C GLY E 179 10.01 -13.89 -19.38
N LYS E 180 9.26 -12.84 -19.77
CA LYS E 180 9.01 -12.55 -21.18
C LYS E 180 10.26 -12.27 -21.97
N SER E 181 11.20 -11.48 -21.40
CA SER E 181 12.50 -11.14 -22.00
C SER E 181 13.28 -12.41 -22.35
N ASP E 182 13.29 -13.37 -21.42
CA ASP E 182 13.98 -14.64 -21.56
C ASP E 182 13.23 -15.64 -22.45
N LEU E 183 11.89 -15.53 -22.55
CA LEU E 183 11.06 -16.42 -23.38
C LEU E 183 11.03 -15.93 -24.83
N GLU E 184 11.12 -14.61 -25.02
CA GLU E 184 11.13 -13.95 -26.33
C GLU E 184 12.57 -13.65 -26.81
N LYS E 185 13.59 -14.36 -26.23
CA LYS E 185 15.00 -14.17 -26.60
C LYS E 185 15.31 -14.65 -28.01
N GLN E 186 16.17 -13.91 -28.72
CA GLN E 186 16.58 -14.25 -30.07
C GLN E 186 18.07 -14.57 -30.08
N GLU E 187 18.39 -15.86 -30.30
CA GLU E 187 19.77 -16.36 -30.31
C GLU E 187 20.18 -16.76 -31.72
N LYS E 188 21.22 -16.12 -32.25
CA LYS E 188 21.70 -16.35 -33.62
C LYS E 188 22.30 -17.75 -33.92
N PRO E 189 21.81 -18.46 -34.98
CA PRO E 189 22.39 -19.76 -35.33
C PRO E 189 23.78 -19.61 -35.94
N VAL E 190 24.50 -20.72 -36.01
CA VAL E 190 25.83 -20.80 -36.61
C VAL E 190 25.87 -22.09 -37.45
N ALA E 191 26.36 -22.00 -38.69
CA ALA E 191 26.36 -23.16 -39.56
C ALA E 191 27.72 -23.63 -40.05
N TRP E 192 27.83 -24.94 -40.36
CA TRP E 192 29.02 -25.59 -40.92
C TRP E 192 28.68 -26.82 -41.77
N LEU E 193 29.60 -27.22 -42.66
CA LEU E 193 29.38 -28.34 -43.56
C LEU E 193 30.33 -29.53 -43.36
N SER E 194 29.89 -30.73 -43.79
CA SER E 194 30.62 -32.00 -43.76
C SER E 194 30.05 -32.99 -44.79
N SER E 195 30.77 -34.08 -45.07
CA SER E 195 30.33 -35.11 -46.01
C SER E 195 30.70 -36.51 -45.51
N VAL E 196 29.82 -37.48 -45.79
CA VAL E 196 29.95 -38.89 -45.36
C VAL E 196 29.58 -39.85 -46.52
N PRO E 197 30.31 -40.98 -46.73
CA PRO E 197 29.97 -41.88 -47.86
C PRO E 197 28.60 -42.57 -47.81
N GLY E 202 28.16 -45.35 -54.76
CA GLY E 202 28.48 -44.19 -55.57
C GLY E 202 27.85 -42.89 -55.12
N HIS E 203 27.27 -42.88 -53.90
CA HIS E 203 26.61 -41.71 -53.31
C HIS E 203 27.36 -41.18 -52.10
N ARG E 204 27.27 -39.86 -51.87
CA ARG E 204 27.92 -39.15 -50.79
C ARG E 204 26.90 -38.20 -50.13
N GLN E 205 26.73 -38.29 -48.80
CA GLN E 205 25.78 -37.48 -48.03
C GLN E 205 26.43 -36.18 -47.57
N LEU E 206 25.81 -35.03 -47.91
CA LEU E 206 26.28 -33.71 -47.56
C LEU E 206 25.50 -33.19 -46.37
N VAL E 207 26.19 -32.99 -45.24
CA VAL E 207 25.56 -32.56 -43.99
C VAL E 207 25.70 -31.05 -43.77
N CYS E 208 24.59 -30.39 -43.41
CA CYS E 208 24.62 -28.97 -43.07
C CYS E 208 24.20 -28.83 -41.62
N HIS E 209 25.18 -28.50 -40.76
CA HIS E 209 24.99 -28.36 -39.32
C HIS E 209 24.58 -26.95 -38.96
N VAL E 210 23.54 -26.81 -38.13
CA VAL E 210 23.02 -25.52 -37.67
C VAL E 210 22.88 -25.59 -36.15
N SER E 211 23.58 -24.70 -35.42
CA SER E 211 23.60 -24.73 -33.97
C SER E 211 23.54 -23.38 -33.28
N GLY E 212 22.94 -23.37 -32.08
CA GLY E 212 22.86 -22.21 -31.20
C GLY E 212 21.72 -21.23 -31.45
N PHE E 213 20.68 -21.66 -32.17
CA PHE E 213 19.54 -20.82 -32.49
C PHE E 213 18.42 -20.96 -31.48
N TYR E 214 17.71 -19.85 -31.26
CA TYR E 214 16.54 -19.77 -30.39
C TYR E 214 15.69 -18.58 -30.85
N PRO E 215 14.34 -18.70 -30.92
CA PRO E 215 13.49 -19.86 -30.60
C PRO E 215 13.58 -20.99 -31.63
N LYS E 216 13.00 -22.15 -31.29
CA LYS E 216 13.00 -23.38 -32.08
C LYS E 216 12.72 -23.32 -33.61
N PRO E 217 11.72 -22.59 -34.18
CA PRO E 217 11.52 -22.66 -35.64
C PRO E 217 12.63 -22.10 -36.54
N VAL E 218 13.04 -22.93 -37.54
CA VAL E 218 14.06 -22.62 -38.56
C VAL E 218 13.68 -23.08 -39.96
N TRP E 219 14.58 -22.80 -40.91
CA TRP E 219 14.50 -23.19 -42.31
C TRP E 219 15.92 -23.41 -42.77
N VAL E 220 16.22 -24.67 -43.13
CA VAL E 220 17.54 -25.09 -43.57
C VAL E 220 17.32 -25.88 -44.85
N MET E 221 17.86 -25.40 -45.96
CA MET E 221 17.68 -26.06 -47.26
C MET E 221 18.93 -26.04 -48.11
N TRP E 222 19.20 -27.18 -48.78
CA TRP E 222 20.29 -27.30 -49.72
C TRP E 222 19.78 -26.72 -51.04
N MET E 223 20.54 -25.76 -51.59
CA MET E 223 20.20 -25.04 -52.81
C MET E 223 21.23 -25.26 -53.90
N ARG E 224 20.80 -25.13 -55.15
CA ARG E 224 21.66 -25.15 -56.33
C ARG E 224 21.21 -23.89 -57.05
N GLY E 225 21.67 -22.76 -56.52
CA GLY E 225 21.30 -21.43 -56.97
C GLY E 225 20.03 -20.98 -56.27
N ASP E 226 18.92 -20.95 -57.02
CA ASP E 226 17.61 -20.58 -56.50
C ASP E 226 16.71 -21.82 -56.37
N GLN E 227 17.20 -22.95 -56.90
CA GLN E 227 16.49 -24.23 -56.89
C GLN E 227 16.65 -25.01 -55.60
N GLU E 228 15.53 -25.19 -54.87
CA GLU E 228 15.45 -25.94 -53.62
C GLU E 228 15.60 -27.44 -53.93
N GLN E 229 16.67 -28.08 -53.39
CA GLN E 229 16.92 -29.50 -53.63
C GLN E 229 15.95 -30.35 -52.79
N GLN E 230 14.96 -30.95 -53.47
CA GLN E 230 13.87 -31.76 -52.92
C GLN E 230 14.27 -32.96 -52.06
N GLY E 231 15.50 -33.45 -52.25
CA GLY E 231 16.05 -34.58 -51.51
C GLY E 231 16.69 -34.24 -50.18
N THR E 232 16.35 -33.06 -49.61
CA THR E 232 16.87 -32.60 -48.30
C THR E 232 16.12 -33.30 -47.17
N HIS E 233 16.86 -33.91 -46.24
CA HIS E 233 16.29 -34.58 -45.06
C HIS E 233 16.64 -33.78 -43.83
N ARG E 234 15.64 -33.17 -43.23
CA ARG E 234 15.82 -32.41 -42.01
C ARG E 234 15.81 -33.38 -40.83
N GLY E 235 16.80 -33.25 -39.96
CA GLY E 235 16.93 -34.07 -38.76
C GLY E 235 16.09 -33.57 -37.61
N ASP E 236 16.18 -34.23 -36.45
CA ASP E 236 15.42 -33.82 -35.26
C ASP E 236 16.10 -32.66 -34.56
N PHE E 237 15.34 -31.91 -33.77
CA PHE E 237 15.87 -30.79 -33.01
C PHE E 237 16.59 -31.37 -31.80
N LEU E 238 17.87 -31.04 -31.65
CA LEU E 238 18.67 -31.56 -30.55
C LEU E 238 19.06 -30.42 -29.61
N PRO E 239 18.84 -30.58 -28.30
CA PRO E 239 19.13 -29.47 -27.37
C PRO E 239 20.61 -29.23 -27.10
N ASN E 240 20.94 -27.98 -26.75
CA ASN E 240 22.28 -27.57 -26.34
C ASN E 240 22.20 -27.20 -24.86
N ALA E 241 23.33 -27.27 -24.13
CA ALA E 241 23.41 -26.99 -22.71
C ALA E 241 22.93 -25.59 -22.32
N ASP E 242 23.26 -24.58 -23.15
CA ASP E 242 22.93 -23.16 -22.93
C ASP E 242 21.44 -22.82 -23.21
N GLU E 243 20.60 -23.85 -23.39
CA GLU E 243 19.17 -23.74 -23.70
C GLU E 243 18.89 -23.15 -25.11
N THR E 244 19.67 -23.61 -26.10
CA THR E 244 19.53 -23.28 -27.53
C THR E 244 19.31 -24.59 -28.29
N TRP E 245 19.30 -24.54 -29.62
CA TRP E 245 19.01 -25.71 -30.46
C TRP E 245 20.05 -26.07 -31.49
N TYR E 246 20.03 -27.34 -31.90
CA TYR E 246 20.89 -27.90 -32.93
C TYR E 246 20.01 -28.64 -33.92
N LEU E 247 20.28 -28.46 -35.21
CA LEU E 247 19.54 -29.13 -36.28
C LEU E 247 20.48 -29.35 -37.44
N GLN E 248 20.27 -30.44 -38.18
CA GLN E 248 21.04 -30.73 -39.37
C GLN E 248 20.19 -31.14 -40.57
N ALA E 249 20.62 -30.76 -41.78
CA ALA E 249 19.95 -31.08 -43.04
C ALA E 249 20.94 -31.87 -43.90
N THR E 250 20.49 -33.03 -44.42
CA THR E 250 21.35 -33.90 -45.25
C THR E 250 20.89 -33.97 -46.70
N LEU E 251 21.84 -34.13 -47.62
CA LEU E 251 21.57 -34.27 -49.05
C LEU E 251 22.42 -35.37 -49.67
N ASP E 252 21.78 -36.45 -50.16
CA ASP E 252 22.49 -37.56 -50.79
C ASP E 252 22.73 -37.22 -52.25
N VAL E 253 24.01 -37.13 -52.64
CA VAL E 253 24.45 -36.76 -53.99
C VAL E 253 25.51 -37.70 -54.57
N GLU E 254 25.44 -37.96 -55.89
CA GLU E 254 26.40 -38.77 -56.62
C GLU E 254 27.74 -38.03 -56.71
N ALA E 255 28.85 -38.73 -57.00
CA ALA E 255 30.19 -38.13 -57.08
C ALA E 255 30.27 -37.01 -58.14
N GLY E 256 30.82 -35.88 -57.75
CA GLY E 256 30.98 -34.70 -58.61
C GLY E 256 29.79 -33.75 -58.60
N GLU E 257 28.60 -34.24 -58.18
CA GLU E 257 27.36 -33.47 -58.10
C GLU E 257 27.38 -32.43 -56.96
N GLU E 258 28.43 -32.48 -56.09
CA GLU E 258 28.62 -31.56 -54.96
C GLU E 258 28.77 -30.11 -55.42
N ALA E 259 29.47 -29.91 -56.56
CA ALA E 259 29.73 -28.61 -57.17
C ALA E 259 28.43 -27.85 -57.43
N GLY E 260 28.41 -26.57 -57.05
CA GLY E 260 27.26 -25.69 -57.21
C GLY E 260 26.24 -25.72 -56.09
N LEU E 261 26.46 -26.60 -55.09
CA LEU E 261 25.55 -26.72 -53.95
C LEU E 261 25.88 -25.71 -52.86
N ALA E 262 24.84 -25.30 -52.10
CA ALA E 262 24.96 -24.36 -51.00
C ALA E 262 23.86 -24.58 -49.96
N CYS E 263 24.18 -24.39 -48.68
CA CYS E 263 23.21 -24.52 -47.61
C CYS E 263 22.69 -23.12 -47.23
N ARG E 264 21.36 -22.93 -47.25
CA ARG E 264 20.76 -21.65 -46.89
C ARG E 264 20.02 -21.80 -45.56
N VAL E 265 20.34 -20.90 -44.61
CA VAL E 265 19.75 -20.91 -43.27
C VAL E 265 18.96 -19.60 -43.03
N LYS E 266 17.66 -19.74 -42.75
CA LYS E 266 16.74 -18.64 -42.44
C LYS E 266 16.23 -18.85 -40.99
N HIS E 267 16.35 -17.81 -40.16
CA HIS E 267 15.94 -17.81 -38.74
C HIS E 267 15.63 -16.39 -38.25
N SER E 268 14.62 -16.27 -37.38
CA SER E 268 14.12 -15.03 -36.77
C SER E 268 15.17 -14.04 -36.21
N SER E 269 16.20 -14.57 -35.53
CA SER E 269 17.28 -13.76 -34.93
C SER E 269 18.20 -13.07 -35.95
N LEU E 270 18.34 -13.65 -37.18
CA LEU E 270 19.19 -13.14 -38.26
C LEU E 270 18.72 -11.80 -38.84
N GLY E 271 17.40 -11.62 -38.89
CA GLY E 271 16.76 -10.40 -39.39
C GLY E 271 16.95 -10.12 -40.87
N GLY E 272 16.71 -11.14 -41.70
CA GLY E 272 16.82 -11.02 -43.14
C GLY E 272 18.19 -11.32 -43.71
N GLN E 273 19.22 -11.39 -42.83
CA GLN E 273 20.57 -11.71 -43.25
C GLN E 273 20.88 -13.18 -43.07
N ASP E 274 20.33 -13.99 -44.01
CA ASP E 274 20.42 -15.45 -44.09
C ASP E 274 21.83 -15.97 -44.21
N ILE E 275 22.13 -17.08 -43.50
CA ILE E 275 23.43 -17.73 -43.56
C ILE E 275 23.46 -18.54 -44.88
N ILE E 276 24.45 -18.24 -45.74
CA ILE E 276 24.63 -18.97 -46.99
C ILE E 276 26.05 -19.54 -46.97
N LEU E 277 26.15 -20.87 -46.99
CA LEU E 277 27.44 -21.57 -46.99
C LEU E 277 27.61 -22.25 -48.31
N TYR E 278 28.65 -21.87 -49.06
CA TYR E 278 28.89 -22.45 -50.38
C TYR E 278 29.81 -23.66 -50.30
N TRP E 279 29.34 -24.81 -50.83
CA TRP E 279 30.17 -26.03 -50.88
C TRP E 279 31.22 -25.80 -51.97
N GLY E 280 32.48 -25.95 -51.61
CA GLY E 280 33.51 -25.76 -52.60
C GLY E 280 34.89 -26.12 -52.12
N SER E 281 35.88 -25.43 -52.70
CA SER E 281 37.30 -25.59 -52.45
C SER E 281 37.73 -25.26 -51.03
N LEU E 282 37.11 -24.23 -50.42
CA LEU E 282 37.43 -23.81 -49.06
C LEU E 282 36.48 -24.48 -48.05
N HIS E 283 36.14 -25.79 -48.22
CA HIS E 283 35.25 -26.48 -47.30
C HIS E 283 35.70 -26.41 -45.85
N HIS E 284 37.02 -26.46 -45.59
CA HIS E 284 37.61 -26.31 -44.28
C HIS E 284 37.96 -24.80 -44.02
N ILE E 285 37.31 -24.05 -43.09
CA ILE E 285 36.15 -24.24 -42.18
C ILE E 285 35.17 -23.07 -42.41
N LEU E 286 35.69 -21.82 -42.47
CA LEU E 286 34.92 -20.59 -42.73
C LEU E 286 34.50 -20.53 -44.23
N ASP E 287 33.25 -21.00 -44.46
CA ASP E 287 32.57 -21.20 -45.74
C ASP E 287 32.01 -19.96 -46.48
N ALA E 288 32.51 -19.75 -47.73
CA ALA E 288 32.14 -18.66 -48.66
C ALA E 288 32.66 -18.80 -50.13
N GLN E 289 32.15 -17.91 -51.03
CA GLN E 289 32.36 -17.70 -52.49
C GLN E 289 33.61 -18.27 -53.18
N LYS E 290 33.53 -19.59 -53.39
CA LYS E 290 34.51 -20.48 -54.04
C LYS E 290 34.12 -21.92 -53.72
N GLN F 2 10.68 -52.25 -20.87
CA GLN F 2 12.00 -51.67 -21.10
C GLN F 2 12.18 -51.10 -22.51
N LYS F 3 12.91 -49.98 -22.61
CA LYS F 3 13.17 -49.31 -23.89
C LYS F 3 14.67 -49.02 -24.07
N THR F 4 15.25 -49.44 -25.22
CA THR F 4 16.68 -49.24 -25.55
C THR F 4 16.99 -47.78 -25.88
N PRO F 5 17.99 -47.19 -25.18
CA PRO F 5 18.31 -45.78 -25.42
C PRO F 5 18.96 -45.43 -26.76
N GLN F 6 18.66 -44.23 -27.28
CA GLN F 6 19.24 -43.71 -28.52
C GLN F 6 20.25 -42.61 -28.20
N ILE F 7 21.52 -42.90 -28.49
CA ILE F 7 22.61 -41.97 -28.22
C ILE F 7 22.96 -41.15 -29.47
N GLN F 8 23.09 -39.81 -29.31
CA GLN F 8 23.41 -38.84 -30.36
C GLN F 8 24.50 -37.88 -29.87
N VAL F 9 25.71 -37.99 -30.45
CA VAL F 9 26.88 -37.18 -30.10
C VAL F 9 27.13 -36.10 -31.16
N TYR F 10 27.24 -34.83 -30.73
CA TYR F 10 27.44 -33.65 -31.59
C TYR F 10 28.11 -32.49 -30.85
N SER F 11 28.92 -31.69 -31.58
CA SER F 11 29.60 -30.50 -31.06
C SER F 11 28.64 -29.28 -31.06
N ARG F 12 28.81 -28.37 -30.09
CA ARG F 12 28.00 -27.15 -29.94
C ARG F 12 28.30 -26.12 -31.02
N HIS F 13 29.59 -25.88 -31.28
CA HIS F 13 30.07 -24.92 -32.27
C HIS F 13 30.75 -25.71 -33.41
N PRO F 14 31.11 -25.09 -34.57
CA PRO F 14 31.78 -25.85 -35.64
C PRO F 14 33.06 -26.54 -35.15
N PRO F 15 33.27 -27.83 -35.53
CA PRO F 15 34.45 -28.57 -35.04
C PRO F 15 35.81 -28.10 -35.56
N GLU F 16 36.13 -26.81 -35.36
CA GLU F 16 37.41 -26.23 -35.75
C GLU F 16 38.43 -26.74 -34.76
N ASN F 17 39.54 -27.26 -35.27
CA ASN F 17 40.60 -27.81 -34.46
C ASN F 17 41.35 -26.73 -33.71
N GLY F 18 41.69 -27.04 -32.46
CA GLY F 18 42.41 -26.13 -31.59
C GLY F 18 41.53 -25.09 -30.91
N LYS F 19 40.28 -24.95 -31.38
CA LYS F 19 39.34 -24.00 -30.82
C LYS F 19 38.49 -24.67 -29.74
N PRO F 20 38.45 -24.09 -28.51
CA PRO F 20 37.61 -24.67 -27.44
C PRO F 20 36.15 -24.70 -27.85
N ASN F 21 35.53 -25.85 -27.61
CA ASN F 21 34.14 -26.14 -27.97
C ASN F 21 33.49 -26.93 -26.81
N ILE F 22 32.25 -27.38 -26.99
CA ILE F 22 31.48 -28.19 -26.04
C ILE F 22 30.91 -29.36 -26.83
N LEU F 23 31.13 -30.60 -26.35
CA LEU F 23 30.63 -31.81 -26.99
C LEU F 23 29.41 -32.32 -26.25
N ASN F 24 28.29 -32.44 -26.96
CA ASN F 24 27.04 -32.91 -26.37
C ASN F 24 26.79 -34.37 -26.69
N CYS F 25 26.16 -35.07 -25.76
CA CYS F 25 25.72 -36.46 -25.90
C CYS F 25 24.27 -36.47 -25.44
N TYR F 26 23.37 -36.76 -26.37
CA TYR F 26 21.93 -36.75 -26.14
C TYR F 26 21.28 -38.14 -26.13
N VAL F 27 21.16 -38.71 -24.91
CA VAL F 27 20.54 -40.01 -24.67
C VAL F 27 19.02 -39.85 -24.50
N THR F 28 18.24 -40.59 -25.32
CA THR F 28 16.77 -40.55 -25.36
C THR F 28 16.12 -41.94 -25.48
N GLN F 29 14.77 -41.98 -25.49
CA GLN F 29 13.91 -43.16 -25.69
C GLN F 29 14.25 -44.34 -24.77
N PHE F 30 14.56 -44.07 -23.49
CA PHE F 30 14.91 -45.15 -22.56
C PHE F 30 13.97 -45.33 -21.38
N HIS F 31 13.93 -46.57 -20.86
CA HIS F 31 13.14 -46.94 -19.71
C HIS F 31 13.73 -48.22 -19.12
N PRO F 32 14.00 -48.34 -17.79
CA PRO F 32 13.75 -47.39 -16.68
C PRO F 32 14.67 -46.16 -16.65
N PRO F 33 14.41 -45.16 -15.77
CA PRO F 33 15.28 -43.96 -15.72
C PRO F 33 16.72 -44.18 -15.27
N HIS F 34 17.02 -45.32 -14.62
CA HIS F 34 18.38 -45.58 -14.16
C HIS F 34 19.31 -45.84 -15.33
N ILE F 35 20.26 -44.91 -15.54
CA ILE F 35 21.22 -44.97 -16.63
C ILE F 35 22.62 -44.54 -16.15
N GLU F 36 23.66 -44.96 -16.89
CA GLU F 36 25.04 -44.62 -16.60
C GLU F 36 25.67 -44.11 -17.90
N ILE F 37 25.91 -42.78 -17.98
CA ILE F 37 26.49 -42.16 -19.17
C ILE F 37 27.92 -41.74 -18.92
N GLN F 38 28.83 -42.20 -19.79
CA GLN F 38 30.26 -41.95 -19.73
C GLN F 38 30.72 -41.24 -21.01
N MET F 39 31.51 -40.17 -20.87
CA MET F 39 32.05 -39.48 -22.05
C MET F 39 33.54 -39.78 -22.10
N LEU F 40 34.01 -40.18 -23.28
CA LEU F 40 35.38 -40.64 -23.45
C LEU F 40 36.22 -39.84 -24.41
N LYS F 41 37.50 -39.64 -24.05
CA LYS F 41 38.50 -38.97 -24.87
C LYS F 41 39.56 -40.02 -25.12
N ASN F 42 39.60 -40.54 -26.37
CA ASN F 42 40.50 -41.62 -26.80
C ASN F 42 40.28 -42.88 -25.95
N GLY F 43 39.02 -43.16 -25.65
CA GLY F 43 38.62 -44.31 -24.85
C GLY F 43 38.84 -44.20 -23.35
N LYS F 44 39.35 -43.05 -22.88
CA LYS F 44 39.61 -42.76 -21.46
C LYS F 44 38.48 -41.86 -20.94
N LYS F 45 37.95 -42.18 -19.75
CA LYS F 45 36.85 -41.45 -19.11
C LYS F 45 37.16 -39.97 -18.87
N ILE F 46 36.33 -39.07 -19.44
CA ILE F 46 36.45 -37.61 -19.24
C ILE F 46 35.90 -37.31 -17.82
N PRO F 47 36.62 -36.54 -16.98
CA PRO F 47 36.13 -36.33 -15.61
C PRO F 47 35.06 -35.26 -15.42
N LYS F 48 35.29 -34.03 -15.95
CA LYS F 48 34.36 -32.90 -15.82
C LYS F 48 33.13 -32.94 -16.76
N VAL F 49 32.41 -34.08 -16.74
CA VAL F 49 31.21 -34.26 -17.55
C VAL F 49 30.00 -33.75 -16.77
N GLU F 50 29.27 -32.79 -17.36
CA GLU F 50 28.08 -32.21 -16.74
C GLU F 50 26.81 -32.82 -17.33
N MET F 51 25.85 -33.11 -16.46
CA MET F 51 24.58 -33.69 -16.87
C MET F 51 23.41 -32.77 -16.63
N SER F 52 22.43 -32.87 -17.52
CA SER F 52 21.17 -32.16 -17.43
C SER F 52 20.30 -32.92 -16.42
N ASP F 53 19.29 -32.25 -15.85
CA ASP F 53 18.37 -32.93 -14.96
C ASP F 53 17.57 -33.92 -15.79
N MET F 54 17.28 -35.12 -15.25
CA MET F 54 16.51 -36.08 -16.03
C MET F 54 15.06 -35.65 -16.16
N SER F 55 14.51 -35.82 -17.37
CA SER F 55 13.15 -35.48 -17.75
C SER F 55 12.61 -36.57 -18.68
N PHE F 56 11.33 -36.49 -19.08
CA PHE F 56 10.72 -37.49 -19.98
C PHE F 56 9.86 -36.82 -21.03
N SER F 57 9.63 -37.49 -22.17
CA SER F 57 8.84 -36.92 -23.26
C SER F 57 7.37 -37.32 -23.21
N LYS F 58 6.59 -36.83 -24.18
CA LYS F 58 5.15 -37.06 -24.34
C LYS F 58 4.78 -38.53 -24.28
N ASP F 59 5.70 -39.42 -24.70
CA ASP F 59 5.51 -40.87 -24.70
C ASP F 59 6.02 -41.55 -23.41
N TRP F 60 6.22 -40.74 -22.36
CA TRP F 60 6.70 -41.15 -21.02
C TRP F 60 8.16 -41.64 -20.99
N SER F 61 8.83 -41.74 -22.17
CA SER F 61 10.21 -42.21 -22.24
C SER F 61 11.17 -41.12 -21.79
N PHE F 62 12.23 -41.51 -21.07
CA PHE F 62 13.22 -40.58 -20.52
C PHE F 62 14.25 -40.06 -21.51
N TYR F 63 14.80 -38.87 -21.20
CA TYR F 63 15.82 -38.20 -21.99
C TYR F 63 16.78 -37.43 -21.09
N ILE F 64 18.07 -37.39 -21.48
CA ILE F 64 19.13 -36.70 -20.72
C ILE F 64 20.25 -36.20 -21.64
N LEU F 65 20.85 -35.06 -21.28
CA LEU F 65 21.94 -34.47 -22.04
C LEU F 65 23.23 -34.37 -21.23
N ALA F 66 24.25 -35.10 -21.70
CA ALA F 66 25.60 -35.07 -21.15
C ALA F 66 26.37 -34.09 -22.05
N HIS F 67 27.29 -33.33 -21.45
CA HIS F 67 28.10 -32.38 -22.21
C HIS F 67 29.39 -32.06 -21.48
N THR F 68 30.48 -31.87 -22.24
CA THR F 68 31.77 -31.53 -21.68
C THR F 68 32.51 -30.52 -22.55
N GLU F 69 33.34 -29.69 -21.91
CA GLU F 69 34.18 -28.72 -22.58
C GLU F 69 35.30 -29.53 -23.22
N PHE F 70 35.58 -29.29 -24.51
CA PHE F 70 36.63 -30.00 -25.23
C PHE F 70 37.26 -29.16 -26.34
N THR F 71 38.55 -29.41 -26.60
CA THR F 71 39.29 -28.75 -27.69
C THR F 71 39.57 -29.83 -28.75
N PRO F 72 38.72 -29.92 -29.80
CA PRO F 72 38.91 -30.97 -30.82
C PRO F 72 40.22 -30.82 -31.58
N THR F 73 40.82 -31.96 -31.94
CA THR F 73 42.06 -32.00 -32.73
C THR F 73 41.87 -32.98 -33.87
N GLU F 74 42.81 -32.93 -34.83
CA GLU F 74 42.86 -33.78 -36.01
C GLU F 74 43.05 -35.27 -35.65
N THR F 75 43.74 -35.54 -34.52
CA THR F 75 44.15 -36.88 -34.06
C THR F 75 43.35 -37.57 -32.92
N ASP F 76 42.60 -36.80 -32.11
CA ASP F 76 41.84 -37.37 -30.98
C ASP F 76 40.46 -37.84 -31.36
N THR F 77 39.96 -38.89 -30.67
CA THR F 77 38.62 -39.45 -30.86
C THR F 77 37.78 -39.24 -29.60
N TYR F 78 36.49 -39.01 -29.78
CA TYR F 78 35.55 -38.78 -28.68
C TYR F 78 34.34 -39.68 -28.80
N ALA F 79 33.88 -40.24 -27.67
CA ALA F 79 32.75 -41.17 -27.64
C ALA F 79 31.84 -40.99 -26.44
N CYS F 80 30.70 -41.68 -26.48
CA CYS F 80 29.71 -41.69 -25.41
C CYS F 80 29.36 -43.14 -25.09
N ARG F 81 29.81 -43.62 -23.91
CA ARG F 81 29.57 -44.99 -23.44
C ARG F 81 28.36 -44.97 -22.53
N VAL F 82 27.30 -45.71 -22.90
CA VAL F 82 26.06 -45.72 -22.13
C VAL F 82 25.71 -47.12 -21.65
N LYS F 83 25.50 -47.27 -20.32
CA LYS F 83 25.11 -48.52 -19.65
C LYS F 83 23.64 -48.41 -19.22
N HIS F 84 22.80 -49.31 -19.73
CA HIS F 84 21.37 -49.33 -19.42
C HIS F 84 20.82 -50.75 -19.34
N ALA F 85 19.91 -51.01 -18.39
CA ALA F 85 19.27 -52.29 -18.12
C ALA F 85 18.78 -53.03 -19.36
N SER F 86 18.25 -52.29 -20.36
CA SER F 86 17.72 -52.81 -21.62
C SER F 86 18.80 -53.40 -22.54
N MET F 87 20.09 -53.17 -22.22
CA MET F 87 21.21 -53.66 -23.02
C MET F 87 22.09 -54.60 -22.25
N ALA F 88 22.49 -55.72 -22.89
CA ALA F 88 23.37 -56.71 -22.29
C ALA F 88 24.81 -56.20 -22.25
N GLU F 89 25.18 -55.35 -23.21
CA GLU F 89 26.52 -54.75 -23.36
C GLU F 89 26.42 -53.22 -23.57
N PRO F 90 27.30 -52.41 -22.92
CA PRO F 90 27.23 -50.94 -23.10
C PRO F 90 27.47 -50.46 -24.53
N LYS F 91 26.57 -49.61 -25.03
CA LYS F 91 26.64 -49.02 -26.37
C LYS F 91 27.59 -47.83 -26.34
N THR F 92 28.48 -47.76 -27.34
CA THR F 92 29.48 -46.69 -27.49
C THR F 92 29.41 -46.09 -28.88
N VAL F 93 28.85 -44.87 -29.00
CA VAL F 93 28.74 -44.13 -30.27
C VAL F 93 29.89 -43.11 -30.31
N TYR F 94 30.69 -43.17 -31.37
CA TYR F 94 31.84 -42.26 -31.55
C TYR F 94 31.40 -40.99 -32.26
N TRP F 95 31.98 -39.85 -31.84
CA TRP F 95 31.72 -38.55 -32.44
C TRP F 95 32.35 -38.51 -33.85
N ASP F 96 31.49 -38.29 -34.86
CA ASP F 96 31.85 -38.24 -36.26
C ASP F 96 31.71 -36.82 -36.84
N GLN G 3 -19.39 -6.04 5.27
CA GLN G 3 -18.79 -7.28 5.78
C GLN G 3 -18.38 -8.24 4.65
N LYS G 4 -17.35 -9.08 4.90
CA LYS G 4 -16.84 -10.04 3.92
C LYS G 4 -17.79 -11.18 3.57
N VAL G 5 -18.49 -11.75 4.58
CA VAL G 5 -19.44 -12.86 4.41
C VAL G 5 -20.82 -12.46 4.99
N GLN G 6 -21.79 -12.18 4.10
CA GLN G 6 -23.13 -11.79 4.53
C GLN G 6 -24.08 -12.98 4.54
N GLN G 7 -24.76 -13.20 5.69
CA GLN G 7 -25.71 -14.29 5.88
C GLN G 7 -27.12 -13.80 6.14
N SER G 8 -28.12 -14.51 5.63
CA SER G 8 -29.52 -14.17 5.85
C SER G 8 -30.38 -15.43 6.01
N PRO G 9 -31.35 -15.48 6.95
CA PRO G 9 -31.74 -14.45 7.92
C PRO G 9 -30.85 -14.45 9.17
N GLU G 10 -31.02 -13.47 10.07
CA GLU G 10 -30.28 -13.38 11.34
C GLU G 10 -30.66 -14.63 12.18
N SER G 11 -31.97 -14.93 12.19
CA SER G 11 -32.60 -16.04 12.90
C SER G 11 -33.79 -16.55 12.07
N LEU G 12 -34.08 -17.83 12.27
CA LEU G 12 -35.12 -18.58 11.57
C LEU G 12 -35.78 -19.55 12.56
N SER G 13 -37.11 -19.71 12.45
CA SER G 13 -37.91 -20.62 13.27
CA SER G 13 -37.91 -20.61 13.27
C SER G 13 -38.67 -21.54 12.33
N VAL G 14 -38.43 -22.85 12.43
CA VAL G 14 -39.05 -23.83 11.52
C VAL G 14 -39.76 -24.94 12.30
N PRO G 15 -40.99 -25.38 11.91
CA PRO G 15 -41.62 -26.49 12.64
C PRO G 15 -40.91 -27.82 12.36
N GLU G 16 -41.08 -28.80 13.28
CA GLU G 16 -40.50 -30.14 13.08
C GLU G 16 -41.06 -30.71 11.77
N GLY G 17 -40.18 -31.28 10.96
CA GLY G 17 -40.56 -31.84 9.68
C GLY G 17 -40.62 -30.82 8.56
N GLY G 18 -40.52 -29.55 8.93
CA GLY G 18 -40.54 -28.44 8.00
C GLY G 18 -39.24 -28.18 7.27
N MET G 19 -39.23 -27.11 6.48
CA MET G 19 -38.08 -26.73 5.67
C MET G 19 -37.47 -25.40 6.05
N ALA G 20 -36.15 -25.31 5.89
CA ALA G 20 -35.43 -24.10 6.17
C ALA G 20 -34.37 -23.87 5.11
N SER G 21 -34.34 -22.64 4.56
CA SER G 21 -33.36 -22.22 3.57
C SER G 21 -32.48 -21.15 4.20
N LEU G 22 -31.16 -21.31 4.08
CA LEU G 22 -30.20 -20.35 4.59
C LEU G 22 -29.43 -19.81 3.40
N ASN G 23 -29.23 -18.50 3.36
CA ASN G 23 -28.51 -17.85 2.28
C ASN G 23 -27.19 -17.22 2.75
N CYS G 24 -26.19 -17.14 1.84
CA CYS G 24 -24.86 -16.59 2.13
C CYS G 24 -24.20 -16.01 0.89
N THR G 25 -23.65 -14.79 0.99
CA THR G 25 -22.97 -14.10 -0.10
C THR G 25 -21.60 -13.55 0.30
N SER G 26 -20.64 -13.71 -0.61
CA SER G 26 -19.29 -13.19 -0.50
C SER G 26 -19.19 -11.81 -1.21
N SER G 27 -18.52 -10.85 -0.57
CA SER G 27 -18.32 -9.51 -1.13
C SER G 27 -17.01 -9.43 -1.94
N ASP G 28 -16.12 -10.44 -1.78
CA ASP G 28 -14.82 -10.56 -2.45
C ASP G 28 -14.85 -11.67 -3.49
N ARG G 29 -14.39 -11.37 -4.71
CA ARG G 29 -14.36 -12.34 -5.80
C ARG G 29 -13.36 -13.49 -5.54
N ASN G 30 -12.33 -13.24 -4.73
CA ASN G 30 -11.33 -14.25 -4.38
C ASN G 30 -11.87 -15.23 -3.33
N PHE G 31 -12.81 -14.76 -2.51
CA PHE G 31 -13.42 -15.58 -1.47
C PHE G 31 -14.66 -16.29 -2.04
N GLN G 32 -14.43 -17.23 -2.94
CA GLN G 32 -15.46 -17.98 -3.66
C GLN G 32 -15.71 -19.43 -3.21
N TYR G 33 -14.86 -19.97 -2.32
CA TYR G 33 -15.00 -21.35 -1.85
C TYR G 33 -15.61 -21.41 -0.46
N PHE G 34 -16.68 -22.19 -0.30
CA PHE G 34 -17.44 -22.17 0.94
C PHE G 34 -17.51 -23.43 1.81
N TRP G 35 -17.74 -23.19 3.10
CA TRP G 35 -17.91 -24.19 4.12
C TRP G 35 -19.15 -23.85 4.95
N TRP G 36 -19.92 -24.87 5.34
CA TRP G 36 -21.08 -24.70 6.20
C TRP G 36 -20.71 -25.37 7.52
N TYR G 37 -20.56 -24.55 8.57
CA TYR G 37 -20.25 -25.02 9.91
C TYR G 37 -21.49 -24.85 10.77
N ARG G 38 -21.62 -25.66 11.82
CA ARG G 38 -22.75 -25.62 12.74
C ARG G 38 -22.25 -25.73 14.17
N GLN G 39 -22.64 -24.76 15.02
CA GLN G 39 -22.24 -24.70 16.42
C GLN G 39 -23.46 -24.82 17.34
N HIS G 40 -23.46 -25.86 18.20
CA HIS G 40 -24.52 -26.04 19.19
C HIS G 40 -24.14 -25.21 20.39
N SER G 41 -25.07 -24.39 20.88
CA SER G 41 -24.85 -23.50 22.02
C SER G 41 -23.93 -24.08 23.12
N GLY G 42 -22.79 -23.42 23.31
CA GLY G 42 -21.78 -23.79 24.30
C GLY G 42 -20.88 -24.95 23.91
N GLU G 43 -20.58 -25.08 22.61
CA GLU G 43 -19.71 -26.13 22.07
C GLU G 43 -18.85 -25.59 20.93
N GLY G 44 -17.92 -26.40 20.46
CA GLY G 44 -17.07 -26.05 19.34
C GLY G 44 -17.75 -26.41 18.03
N PRO G 45 -17.75 -25.52 17.00
CA PRO G 45 -18.45 -25.85 15.75
C PRO G 45 -18.00 -27.13 15.01
N LYS G 46 -18.95 -27.72 14.27
CA LYS G 46 -18.75 -28.93 13.45
C LYS G 46 -19.07 -28.58 12.02
N ALA G 47 -18.16 -28.90 11.07
CA ALA G 47 -18.38 -28.65 9.66
C ALA G 47 -19.45 -29.61 9.14
N LEU G 48 -20.48 -29.06 8.49
CA LEU G 48 -21.54 -29.87 7.88
C LEU G 48 -21.01 -30.40 6.56
N MET G 49 -20.58 -29.49 5.67
CA MET G 49 -20.02 -29.84 4.37
C MET G 49 -19.30 -28.66 3.73
N SER G 50 -18.40 -28.97 2.79
CA SER G 50 -17.69 -27.98 1.98
C SER G 50 -18.49 -27.91 0.71
N ILE G 51 -18.31 -26.84 -0.06
CA ILE G 51 -18.98 -26.67 -1.34
C ILE G 51 -18.11 -25.73 -2.17
N PHE G 52 -17.20 -26.35 -2.94
CA PHE G 52 -16.22 -25.64 -3.76
C PHE G 52 -16.55 -25.59 -5.24
N SER G 53 -17.49 -26.44 -5.69
CA SER G 53 -17.92 -26.47 -7.09
C SER G 53 -19.38 -26.05 -7.19
N ASP G 54 -19.76 -25.39 -8.32
CA ASP G 54 -21.12 -24.92 -8.57
C ASP G 54 -22.11 -26.07 -8.55
N GLY G 55 -23.34 -25.78 -8.14
CA GLY G 55 -24.40 -26.76 -8.10
C GLY G 55 -24.69 -27.26 -6.70
N ASP G 56 -25.52 -28.31 -6.61
CA ASP G 56 -25.96 -28.93 -5.37
C ASP G 56 -24.98 -29.98 -4.82
N LYS G 57 -24.98 -30.15 -3.49
CA LYS G 57 -24.22 -31.16 -2.75
C LYS G 57 -25.19 -31.68 -1.70
N LYS G 58 -25.77 -32.86 -1.93
CA LYS G 58 -26.77 -33.39 -1.00
C LYS G 58 -26.17 -34.37 -0.02
N GLU G 59 -26.29 -34.06 1.25
CA GLU G 59 -25.82 -34.92 2.31
C GLU G 59 -27.04 -35.22 3.21
N GLY G 60 -27.86 -36.16 2.76
CA GLY G 60 -29.06 -36.55 3.47
C GLY G 60 -30.17 -35.51 3.44
N ARG G 61 -30.53 -34.97 4.62
CA ARG G 61 -31.55 -33.93 4.73
C ARG G 61 -30.97 -32.57 4.42
N PHE G 62 -29.66 -32.47 4.11
CA PHE G 62 -28.99 -31.20 3.88
C PHE G 62 -28.41 -31.03 2.48
N THR G 63 -28.79 -29.93 1.80
CA THR G 63 -28.25 -29.64 0.49
C THR G 63 -27.69 -28.25 0.43
N ALA G 64 -26.44 -28.14 -0.06
CA ALA G 64 -25.80 -26.85 -0.23
C ALA G 64 -25.68 -26.55 -1.73
N HIS G 65 -26.12 -25.37 -2.17
CA HIS G 65 -26.04 -24.98 -3.57
C HIS G 65 -25.03 -23.85 -3.68
N LEU G 66 -24.24 -23.83 -4.77
CA LEU G 66 -23.25 -22.79 -4.99
C LEU G 66 -23.35 -22.21 -6.39
N ASN G 67 -23.18 -20.89 -6.48
CA ASN G 67 -23.10 -20.16 -7.72
C ASN G 67 -21.98 -19.13 -7.63
N LYS G 68 -20.74 -19.61 -7.88
CA LYS G 68 -19.50 -18.85 -7.86
C LYS G 68 -19.65 -17.58 -8.72
N ALA G 69 -20.40 -17.67 -9.84
CA ALA G 69 -20.66 -16.54 -10.73
C ALA G 69 -21.24 -15.37 -9.95
N SER G 70 -22.21 -15.64 -9.07
CA SER G 70 -22.86 -14.61 -8.24
C SER G 70 -22.38 -14.62 -6.78
N LEU G 71 -21.31 -15.39 -6.50
CA LEU G 71 -20.72 -15.56 -5.15
C LEU G 71 -21.79 -15.88 -4.09
N HIS G 72 -22.73 -16.76 -4.44
CA HIS G 72 -23.80 -17.09 -3.53
C HIS G 72 -23.80 -18.56 -3.19
N VAL G 73 -23.87 -18.85 -1.89
CA VAL G 73 -23.98 -20.21 -1.40
C VAL G 73 -25.23 -20.26 -0.52
N SER G 74 -25.92 -21.41 -0.50
CA SER G 74 -27.14 -21.57 0.28
C SER G 74 -27.16 -22.93 0.96
N LEU G 75 -27.99 -23.09 2.01
CA LEU G 75 -28.15 -24.37 2.71
C LEU G 75 -29.64 -24.65 2.91
N HIS G 76 -30.10 -25.81 2.43
CA HIS G 76 -31.49 -26.22 2.53
C HIS G 76 -31.60 -27.44 3.44
N ILE G 77 -32.38 -27.29 4.52
CA ILE G 77 -32.67 -28.31 5.49
C ILE G 77 -34.09 -28.82 5.22
N ARG G 78 -34.24 -30.14 5.02
CA ARG G 78 -35.53 -30.78 4.80
C ARG G 78 -35.84 -31.57 6.05
N ASP G 79 -37.13 -31.77 6.36
CA ASP G 79 -37.57 -32.58 7.52
C ASP G 79 -36.82 -32.19 8.80
N SER G 80 -36.84 -30.87 9.11
CA SER G 80 -36.16 -30.26 10.26
C SER G 80 -36.46 -31.01 11.56
N GLN G 81 -35.41 -31.40 12.29
CA GLN G 81 -35.44 -32.15 13.54
C GLN G 81 -34.96 -31.26 14.69
N PRO G 82 -35.28 -31.53 15.98
CA PRO G 82 -34.78 -30.65 17.06
C PRO G 82 -33.26 -30.66 17.20
N SER G 83 -32.60 -31.77 16.79
CA SER G 83 -31.15 -31.94 16.73
C SER G 83 -30.52 -30.87 15.85
N ASP G 84 -31.31 -30.32 14.89
CA ASP G 84 -30.88 -29.29 13.95
C ASP G 84 -30.92 -27.90 14.56
N SER G 85 -31.47 -27.76 15.79
CA SER G 85 -31.53 -26.45 16.42
C SER G 85 -30.14 -26.05 16.87
N ALA G 86 -29.52 -25.11 16.11
CA ALA G 86 -28.18 -24.60 16.32
C ALA G 86 -27.94 -23.29 15.58
N LEU G 87 -26.68 -22.85 15.60
CA LEU G 87 -26.18 -21.64 14.98
C LEU G 87 -25.40 -22.09 13.74
N TYR G 88 -25.97 -21.78 12.58
CA TYR G 88 -25.42 -22.18 11.30
C TYR G 88 -24.50 -21.12 10.74
N PHE G 89 -23.22 -21.48 10.58
CA PHE G 89 -22.17 -20.60 10.07
C PHE G 89 -21.78 -20.92 8.65
N CYS G 90 -21.54 -19.87 7.89
CA CYS G 90 -21.09 -19.92 6.53
C CYS G 90 -19.70 -19.32 6.58
N ALA G 91 -18.70 -20.09 6.16
CA ALA G 91 -17.31 -19.66 6.12
C ALA G 91 -16.86 -19.62 4.66
N ALA G 92 -15.95 -18.70 4.32
CA ALA G 92 -15.43 -18.59 2.96
C ALA G 92 -13.91 -18.73 2.95
N SER G 93 -13.38 -19.50 1.98
CA SER G 93 -11.95 -19.72 1.82
C SER G 93 -11.49 -18.98 0.57
N GLU G 94 -10.36 -18.27 0.68
CA GLU G 94 -9.75 -17.53 -0.41
C GLU G 94 -9.21 -18.50 -1.45
N GLN G 95 -9.44 -18.17 -2.72
CA GLN G 95 -9.00 -18.91 -3.90
C GLN G 95 -7.48 -18.84 -3.96
N ASN G 96 -6.82 -19.98 -4.28
CA ASN G 96 -5.36 -20.06 -4.44
C ASN G 96 -4.59 -19.43 -3.25
N ASN G 97 -4.65 -20.12 -2.09
CA ASN G 97 -4.06 -19.79 -0.79
C ASN G 97 -4.06 -21.11 -0.03
N TYR G 98 -2.89 -21.72 0.13
CA TYR G 98 -2.79 -23.03 0.75
C TYR G 98 -2.67 -23.11 2.27
N ALA G 99 -2.54 -21.96 2.95
CA ALA G 99 -2.44 -21.88 4.41
C ALA G 99 -3.18 -20.66 4.93
N GLN G 100 -4.46 -20.84 5.29
CA GLN G 100 -5.32 -19.74 5.73
C GLN G 100 -6.39 -20.16 6.71
N GLY G 101 -6.92 -19.20 7.46
CA GLY G 101 -8.00 -19.42 8.41
C GLY G 101 -9.38 -19.37 7.78
N LEU G 102 -10.42 -19.42 8.62
CA LEU G 102 -11.78 -19.36 8.10
C LEU G 102 -12.38 -17.99 8.33
N THR G 103 -13.18 -17.52 7.35
CA THR G 103 -13.86 -16.23 7.42
C THR G 103 -15.36 -16.51 7.64
N PHE G 104 -15.77 -16.62 8.91
CA PHE G 104 -17.15 -16.89 9.30
C PHE G 104 -18.06 -15.68 9.17
N GLY G 105 -19.31 -15.93 8.79
CA GLY G 105 -20.35 -14.93 8.78
C GLY G 105 -20.89 -14.79 10.20
N LEU G 106 -21.92 -13.95 10.41
CA LEU G 106 -22.49 -13.76 11.76
C LEU G 106 -23.29 -14.98 12.23
N GLY G 107 -23.67 -15.84 11.28
CA GLY G 107 -24.41 -17.06 11.55
C GLY G 107 -25.90 -16.87 11.64
N THR G 108 -26.65 -17.96 11.39
CA THR G 108 -28.11 -18.00 11.44
C THR G 108 -28.56 -18.91 12.59
N ARG G 109 -29.33 -18.35 13.52
CA ARG G 109 -29.86 -19.08 14.67
C ARG G 109 -31.15 -19.81 14.24
N VAL G 110 -31.03 -21.13 14.00
CA VAL G 110 -32.14 -21.97 13.57
C VAL G 110 -32.79 -22.67 14.79
N SER G 111 -34.12 -22.47 14.93
CA SER G 111 -34.92 -23.00 16.04
C SER G 111 -36.03 -23.90 15.53
N VAL G 112 -35.84 -25.22 15.65
CA VAL G 112 -36.83 -26.18 15.20
C VAL G 112 -37.84 -26.38 16.33
N PHE G 113 -39.08 -25.90 16.14
CA PHE G 113 -40.14 -25.96 17.14
C PHE G 113 -41.15 -27.09 16.89
N PRO G 114 -41.78 -27.66 17.95
CA PRO G 114 -42.75 -28.74 17.73
C PRO G 114 -44.20 -28.27 17.62
N TYR G 115 -45.06 -29.08 16.96
CA TYR G 115 -46.48 -28.80 16.82
C TYR G 115 -47.21 -29.37 18.05
N ILE G 116 -48.04 -28.53 18.70
CA ILE G 116 -48.79 -28.96 19.88
C ILE G 116 -50.18 -29.46 19.44
N GLN G 117 -50.37 -30.81 19.44
CA GLN G 117 -51.61 -31.48 19.03
C GLN G 117 -52.81 -31.03 19.83
N ASN G 118 -52.66 -30.94 21.17
CA ASN G 118 -53.70 -30.53 22.11
C ASN G 118 -53.10 -29.60 23.19
N PRO G 119 -53.12 -28.26 22.98
CA PRO G 119 -52.54 -27.35 23.98
C PRO G 119 -53.45 -27.15 25.17
N ASP G 120 -52.88 -27.16 26.38
CA ASP G 120 -53.59 -26.92 27.63
C ASP G 120 -52.89 -25.73 28.36
N PRO G 121 -52.95 -24.48 27.81
CA PRO G 121 -52.23 -23.37 28.44
C PRO G 121 -52.73 -22.96 29.81
N ALA G 122 -51.79 -22.91 30.78
CA ALA G 122 -52.06 -22.54 32.16
C ALA G 122 -50.82 -21.96 32.85
N VAL G 123 -51.05 -21.17 33.91
CA VAL G 123 -50.00 -20.55 34.74
C VAL G 123 -50.17 -21.11 36.16
N TYR G 124 -49.10 -21.72 36.71
CA TYR G 124 -49.11 -22.33 38.04
C TYR G 124 -48.12 -21.65 38.98
N GLN G 125 -48.53 -21.47 40.25
CA GLN G 125 -47.69 -20.86 41.28
C GLN G 125 -47.01 -21.97 42.08
N LEU G 126 -45.66 -21.96 42.13
CA LEU G 126 -44.88 -23.00 42.80
C LEU G 126 -44.30 -22.56 44.13
N PHE G 139 -45.81 -20.73 33.29
CA PHE G 139 -46.70 -20.74 32.13
C PHE G 139 -46.29 -21.89 31.21
N THR G 140 -47.08 -22.99 31.20
CA THR G 140 -46.78 -24.22 30.45
C THR G 140 -47.90 -24.67 29.48
N ASP G 141 -47.65 -25.78 28.76
CA ASP G 141 -48.50 -26.48 27.79
C ASP G 141 -49.18 -25.61 26.71
N PHE G 142 -48.62 -24.43 26.41
CA PHE G 142 -49.15 -23.53 25.38
C PHE G 142 -48.65 -23.91 23.99
N ASP G 143 -49.39 -23.47 22.94
CA ASP G 143 -49.07 -23.72 21.52
C ASP G 143 -47.82 -22.96 21.07
N SER G 144 -47.30 -23.32 19.87
CA SER G 144 -46.10 -22.70 19.32
C SER G 144 -46.29 -21.27 18.78
N GLN G 145 -47.56 -20.88 18.53
CA GLN G 145 -47.94 -19.54 18.04
C GLN G 145 -47.75 -18.47 19.11
N THR G 146 -48.04 -18.81 20.39
CA THR G 146 -47.92 -17.93 21.56
C THR G 146 -46.46 -17.51 21.81
N ASN G 147 -46.23 -16.19 21.82
CA ASN G 147 -44.92 -15.59 22.04
C ASN G 147 -44.84 -14.93 23.42
N VAL G 148 -43.95 -15.47 24.29
CA VAL G 148 -43.72 -14.96 25.65
C VAL G 148 -42.94 -13.67 25.54
N SER G 149 -43.61 -12.54 25.83
CA SER G 149 -43.06 -11.20 25.76
C SER G 149 -42.18 -10.85 26.96
N GLN G 150 -41.16 -9.99 26.72
CA GLN G 150 -40.20 -9.55 27.73
C GLN G 150 -40.88 -8.68 28.79
N SER G 151 -40.39 -8.80 30.05
CA SER G 151 -40.89 -8.06 31.20
C SER G 151 -40.74 -6.54 31.07
N LYS G 152 -41.83 -5.81 31.41
CA LYS G 152 -41.91 -4.35 31.41
C LYS G 152 -41.39 -3.85 32.75
N ASP G 153 -41.93 -4.38 33.86
CA ASP G 153 -41.57 -4.06 35.23
C ASP G 153 -40.22 -4.71 35.56
N SER G 154 -39.26 -3.89 36.02
CA SER G 154 -37.90 -4.33 36.38
C SER G 154 -37.84 -5.24 37.60
N ASP G 155 -38.83 -5.12 38.52
CA ASP G 155 -38.91 -5.91 39.75
C ASP G 155 -39.25 -7.38 39.47
N VAL G 156 -39.95 -7.67 38.37
CA VAL G 156 -40.34 -9.02 37.94
C VAL G 156 -39.51 -9.52 36.74
N TYR G 157 -39.01 -10.76 36.83
CA TYR G 157 -38.18 -11.36 35.77
C TYR G 157 -38.91 -12.51 35.10
N ILE G 158 -39.01 -12.45 33.76
CA ILE G 158 -39.70 -13.45 32.93
C ILE G 158 -38.71 -14.08 31.94
N THR G 159 -38.53 -15.42 32.02
CA THR G 159 -37.62 -16.16 31.14
C THR G 159 -38.22 -16.40 29.76
N ASP G 160 -37.36 -16.74 28.78
CA ASP G 160 -37.75 -17.04 27.41
C ASP G 160 -38.39 -18.43 27.34
N LYS G 161 -39.12 -18.71 26.24
CA LYS G 161 -39.77 -19.98 25.92
C LYS G 161 -38.75 -21.13 25.97
N CYS G 162 -39.17 -22.30 26.46
CA CYS G 162 -38.33 -23.48 26.61
C CYS G 162 -39.12 -24.71 26.12
N VAL G 163 -38.44 -25.67 25.45
CA VAL G 163 -39.10 -26.88 24.93
C VAL G 163 -38.60 -28.18 25.59
N LEU G 164 -39.49 -28.87 26.33
CA LEU G 164 -39.19 -30.16 26.99
C LEU G 164 -39.65 -31.31 26.09
N ASP G 165 -38.92 -32.43 26.12
CA ASP G 165 -39.29 -33.62 25.36
C ASP G 165 -39.22 -34.82 26.28
N MET G 166 -40.37 -35.44 26.55
CA MET G 166 -40.52 -36.62 27.39
C MET G 166 -40.47 -37.86 26.48
N ARG G 167 -39.23 -38.29 26.13
CA ARG G 167 -38.87 -39.39 25.22
C ARG G 167 -39.71 -40.66 25.34
N SER G 168 -39.89 -41.16 26.58
CA SER G 168 -40.67 -42.37 26.87
C SER G 168 -42.15 -42.19 26.50
N MET G 169 -42.77 -41.11 27.03
CA MET G 169 -44.18 -40.75 26.84
C MET G 169 -44.55 -40.22 25.46
N ASP G 170 -43.53 -39.72 24.70
CA ASP G 170 -43.67 -39.06 23.38
C ASP G 170 -44.57 -37.81 23.51
N PHE G 171 -44.22 -36.97 24.50
CA PHE G 171 -44.91 -35.72 24.83
C PHE G 171 -43.90 -34.59 24.88
N LYS G 172 -44.28 -33.43 24.34
CA LYS G 172 -43.46 -32.21 24.32
C LYS G 172 -44.31 -31.04 24.77
N SER G 173 -43.70 -30.08 25.50
CA SER G 173 -44.42 -28.89 25.95
C SER G 173 -43.52 -27.66 26.04
N ASN G 174 -44.10 -26.50 25.74
CA ASN G 174 -43.43 -25.20 25.85
C ASN G 174 -43.62 -24.68 27.27
N SER G 175 -42.66 -23.94 27.81
CA SER G 175 -42.73 -23.42 29.17
C SER G 175 -41.99 -22.10 29.39
N ASN G 193 -48.34 -10.12 31.26
CA ASN G 193 -48.36 -8.99 30.34
C ASN G 193 -47.87 -9.30 28.91
N SER G 194 -47.72 -10.57 28.62
CA SER G 194 -47.40 -11.11 27.30
C SER G 194 -48.73 -11.40 26.55
N ILE G 195 -48.66 -11.80 25.26
CA ILE G 195 -49.85 -12.11 24.45
C ILE G 195 -50.34 -13.57 24.69
N ILE G 196 -50.87 -13.81 25.89
CA ILE G 196 -51.38 -15.08 26.39
C ILE G 196 -52.77 -15.38 25.77
N PRO G 197 -53.04 -16.62 25.29
CA PRO G 197 -54.37 -16.92 24.71
C PRO G 197 -55.52 -16.81 25.72
N GLU G 198 -56.75 -16.57 25.21
CA GLU G 198 -57.96 -16.43 26.05
C GLU G 198 -58.47 -17.73 26.71
N ASP G 199 -58.01 -18.89 26.22
CA ASP G 199 -58.38 -20.22 26.73
C ASP G 199 -57.50 -20.67 27.91
N THR G 200 -56.73 -19.74 28.49
CA THR G 200 -55.82 -19.99 29.60
C THR G 200 -56.48 -20.29 30.93
N PHE G 201 -55.98 -21.34 31.62
CA PHE G 201 -56.46 -21.81 32.91
C PHE G 201 -55.68 -21.15 34.06
N PHE G 202 -56.39 -20.83 35.16
CA PHE G 202 -55.80 -20.21 36.35
C PHE G 202 -56.37 -20.82 37.64
N PRO G 203 -55.51 -21.17 38.62
CA PRO G 203 -56.01 -21.79 39.86
C PRO G 203 -56.67 -20.81 40.83
N GLY H 2 -5.54 -37.90 19.84
CA GLY H 2 -6.72 -37.69 19.00
C GLY H 2 -7.90 -38.56 19.44
N PRO H 3 -9.07 -38.57 18.74
CA PRO H 3 -9.46 -37.89 17.49
C PRO H 3 -10.20 -36.58 17.68
N LYS H 4 -10.10 -36.00 18.89
CA LYS H 4 -10.76 -34.74 19.24
C LYS H 4 -9.79 -33.72 19.79
N VAL H 5 -9.96 -32.43 19.37
CA VAL H 5 -9.14 -31.32 19.84
C VAL H 5 -9.55 -30.98 21.28
N LEU H 6 -8.59 -31.08 22.21
CA LEU H 6 -8.84 -30.84 23.65
C LEU H 6 -8.30 -29.51 24.12
N GLN H 7 -9.00 -28.87 25.07
CA GLN H 7 -8.60 -27.57 25.63
C GLN H 7 -8.73 -27.52 27.15
N ILE H 8 -7.63 -27.11 27.82
CA ILE H 8 -7.51 -26.95 29.27
C ILE H 8 -7.07 -25.48 29.55
N PRO H 9 -7.78 -24.68 30.39
CA PRO H 9 -8.99 -25.01 31.15
C PRO H 9 -10.27 -24.80 30.35
N SER H 10 -11.43 -25.05 30.97
CA SER H 10 -12.73 -24.83 30.34
C SER H 10 -13.07 -23.34 30.45
N HIS H 11 -12.88 -22.80 31.67
CA HIS H 11 -13.14 -21.41 32.02
C HIS H 11 -11.92 -20.89 32.78
N GLN H 12 -11.66 -19.57 32.69
CA GLN H 12 -10.56 -18.89 33.39
C GLN H 12 -10.89 -17.43 33.65
N ILE H 13 -10.73 -17.01 34.92
CA ILE H 13 -10.96 -15.63 35.36
C ILE H 13 -9.62 -15.02 35.72
N ILE H 14 -9.24 -13.97 34.98
CA ILE H 14 -7.96 -13.27 35.18
C ILE H 14 -8.17 -11.76 35.38
N ASP H 15 -7.26 -11.13 36.13
CA ASP H 15 -7.25 -9.70 36.39
C ASP H 15 -6.40 -9.04 35.31
N MET H 16 -6.74 -7.78 34.95
CA MET H 16 -6.03 -6.97 33.93
C MET H 16 -4.51 -6.95 34.12
N GLY H 17 -3.78 -6.96 33.01
CA GLY H 17 -2.31 -6.91 32.99
C GLY H 17 -1.59 -8.23 33.18
N GLN H 18 -2.24 -9.20 33.84
CA GLN H 18 -1.68 -10.52 34.12
C GLN H 18 -1.54 -11.40 32.88
N MET H 19 -0.56 -12.32 32.90
CA MET H 19 -0.26 -13.26 31.82
C MET H 19 -1.16 -14.49 31.95
N VAL H 20 -1.77 -14.89 30.83
CA VAL H 20 -2.64 -16.06 30.79
C VAL H 20 -2.26 -17.03 29.66
N THR H 21 -2.26 -18.35 29.95
CA THR H 21 -1.90 -19.38 28.98
C THR H 21 -3.09 -20.30 28.71
N LEU H 22 -3.48 -20.39 27.42
CA LEU H 22 -4.58 -21.22 26.95
C LEU H 22 -4.02 -22.44 26.26
N ASN H 23 -4.26 -23.61 26.86
CA ASN H 23 -3.74 -24.87 26.34
C ASN H 23 -4.65 -25.57 25.36
N CYS H 24 -4.03 -26.30 24.42
CA CYS H 24 -4.71 -27.08 23.40
C CYS H 24 -3.93 -28.29 22.97
N ASP H 25 -4.60 -29.45 22.94
CA ASP H 25 -4.04 -30.70 22.46
C ASP H 25 -4.73 -31.05 21.14
N PRO H 26 -4.09 -30.75 19.98
CA PRO H 26 -4.73 -31.04 18.68
C PRO H 26 -4.92 -32.52 18.39
N VAL H 27 -5.51 -32.81 17.22
CA VAL H 27 -5.75 -34.16 16.74
C VAL H 27 -4.40 -34.76 16.35
N SER H 28 -4.19 -36.04 16.69
CA SER H 28 -2.97 -36.77 16.34
C SER H 28 -2.93 -36.87 14.80
N ASN H 29 -1.73 -36.66 14.23
CA ASN H 29 -1.45 -36.67 12.79
C ASN H 29 -1.79 -35.35 12.08
N HIS H 30 -2.45 -34.40 12.78
CA HIS H 30 -2.76 -33.08 12.17
C HIS H 30 -1.54 -32.20 12.19
N LEU H 31 -1.35 -31.43 11.11
CA LEU H 31 -0.19 -30.58 10.88
C LEU H 31 -0.40 -29.10 11.13
N TYR H 32 -1.53 -28.54 10.63
CA TYR H 32 -1.86 -27.12 10.71
C TYR H 32 -2.74 -26.82 11.92
N PHE H 33 -2.33 -25.84 12.75
CA PHE H 33 -3.05 -25.47 13.97
C PHE H 33 -3.53 -24.04 13.96
N TYR H 34 -4.67 -23.81 14.61
CA TYR H 34 -5.38 -22.54 14.60
C TYR H 34 -5.86 -22.06 15.96
N TRP H 35 -6.09 -20.75 16.07
CA TRP H 35 -6.69 -20.09 17.22
C TRP H 35 -7.75 -19.15 16.71
N TYR H 36 -8.97 -19.26 17.28
CA TYR H 36 -10.13 -18.42 16.94
C TYR H 36 -10.66 -17.74 18.20
N LYS H 37 -11.21 -16.53 18.06
CA LYS H 37 -11.79 -15.72 19.14
C LYS H 37 -13.30 -15.59 18.89
N GLN H 38 -14.15 -16.01 19.85
CA GLN H 38 -15.60 -15.89 19.67
C GLN H 38 -16.29 -15.05 20.74
N ILE H 39 -16.80 -13.89 20.33
CA ILE H 39 -17.46 -12.89 21.19
C ILE H 39 -18.98 -13.05 21.32
N LEU H 40 -19.41 -13.40 22.56
CA LEU H 40 -20.81 -13.58 22.97
C LEU H 40 -21.54 -14.73 22.22
N GLY H 41 -20.77 -15.75 21.85
CA GLY H 41 -21.28 -16.93 21.14
C GLY H 41 -21.83 -16.62 19.76
N GLN H 42 -21.32 -15.53 19.16
CA GLN H 42 -21.73 -15.04 17.84
C GLN H 42 -20.54 -15.04 16.88
N GLN H 43 -19.99 -13.85 16.54
CA GLN H 43 -18.90 -13.68 15.59
C GLN H 43 -17.67 -14.50 15.92
N MET H 44 -17.29 -15.38 14.98
CA MET H 44 -16.12 -16.24 15.07
C MET H 44 -14.97 -15.56 14.31
N GLU H 45 -13.91 -15.16 15.04
CA GLU H 45 -12.77 -14.46 14.45
C GLU H 45 -11.47 -15.24 14.43
N PHE H 46 -10.86 -15.38 13.24
CA PHE H 46 -9.57 -16.05 13.06
C PHE H 46 -8.49 -15.18 13.70
N LEU H 47 -7.50 -15.83 14.35
CA LEU H 47 -6.39 -15.14 15.00
C LEU H 47 -5.06 -15.53 14.41
N VAL H 48 -4.74 -16.85 14.42
CA VAL H 48 -3.44 -17.34 13.98
C VAL H 48 -3.45 -18.75 13.38
N ASN H 49 -2.56 -18.97 12.41
CA ASN H 49 -2.30 -20.25 11.76
C ASN H 49 -0.85 -20.61 12.09
N PHE H 50 -0.65 -21.83 12.63
CA PHE H 50 0.66 -22.30 13.04
C PHE H 50 0.98 -23.65 12.41
N TYR H 51 2.14 -23.75 11.76
CA TYR H 51 2.60 -24.98 11.10
C TYR H 51 4.12 -25.01 10.99
N ASN H 52 4.72 -26.23 11.12
CA ASN H 52 6.16 -26.51 11.00
C ASN H 52 6.98 -25.81 12.10
N GLY H 53 6.30 -25.33 13.13
CA GLY H 53 6.92 -24.64 14.25
C GLY H 53 6.99 -23.14 14.09
N LYS H 54 6.30 -22.59 13.07
CA LYS H 54 6.27 -21.15 12.82
C LYS H 54 4.85 -20.69 12.54
N VAL H 55 4.60 -19.38 12.59
CA VAL H 55 3.29 -18.82 12.27
C VAL H 55 3.15 -18.70 10.75
N MET H 56 2.12 -19.33 10.17
CA MET H 56 1.92 -19.26 8.73
C MET H 56 1.05 -18.09 8.28
N GLU H 57 0.08 -17.68 9.13
CA GLU H 57 -0.83 -16.58 8.85
C GLU H 57 -1.37 -15.98 10.15
N LYS H 58 -1.49 -14.64 10.20
CA LYS H 58 -2.03 -13.93 11.36
C LYS H 58 -2.99 -12.81 10.94
N SER H 59 -4.12 -12.68 11.66
CA SER H 59 -5.11 -11.63 11.40
C SER H 59 -4.74 -10.34 12.14
N LYS H 60 -5.43 -9.22 11.81
CA LYS H 60 -5.22 -7.91 12.42
C LYS H 60 -5.54 -7.95 13.93
N LEU H 61 -6.46 -8.85 14.33
CA LEU H 61 -6.89 -9.10 15.70
C LEU H 61 -5.79 -9.78 16.53
N PHE H 62 -4.72 -10.31 15.87
CA PHE H 62 -3.60 -10.93 16.57
C PHE H 62 -2.58 -9.86 16.96
N LYS H 63 -2.77 -9.29 18.16
CA LYS H 63 -1.96 -8.23 18.77
C LYS H 63 -0.53 -8.68 19.08
N ASP H 64 0.30 -7.73 19.53
CA ASP H 64 1.68 -8.00 19.95
C ASP H 64 1.69 -8.63 21.36
N GLN H 65 0.54 -8.54 22.07
CA GLN H 65 0.29 -9.12 23.39
C GLN H 65 0.17 -10.66 23.26
N PHE H 66 -0.38 -11.13 22.13
CA PHE H 66 -0.56 -12.54 21.80
C PHE H 66 0.76 -13.16 21.30
N SER H 67 1.05 -14.37 21.79
CA SER H 67 2.21 -15.19 21.43
C SER H 67 1.74 -16.64 21.33
N VAL H 68 2.16 -17.33 20.26
CA VAL H 68 1.75 -18.70 19.97
C VAL H 68 2.96 -19.61 19.77
N GLU H 69 2.90 -20.85 20.31
CA GLU H 69 3.98 -21.85 20.20
C GLU H 69 3.54 -23.29 20.46
N ARG H 70 4.31 -24.25 19.89
CA ARG H 70 4.11 -25.68 20.08
C ARG H 70 5.44 -26.45 20.23
N PRO H 71 5.98 -26.50 21.47
CA PRO H 71 7.23 -27.27 21.70
C PRO H 71 6.94 -28.77 21.65
N ASP H 72 7.95 -29.56 21.27
CA ASP H 72 7.84 -31.02 21.15
C ASP H 72 7.50 -31.71 22.48
N GLY H 73 6.33 -32.35 22.52
CA GLY H 73 5.83 -33.08 23.68
C GLY H 73 4.91 -32.30 24.59
N SER H 74 4.55 -31.08 24.20
CA SER H 74 3.65 -30.24 24.97
C SER H 74 2.55 -29.61 24.10
N TYR H 75 1.53 -29.05 24.77
CA TYR H 75 0.36 -28.41 24.15
C TYR H 75 0.72 -27.25 23.21
N PHE H 76 -0.20 -26.98 22.25
CA PHE H 76 -0.17 -25.86 21.33
C PHE H 76 -0.81 -24.77 22.20
N THR H 77 -0.03 -23.74 22.55
CA THR H 77 -0.49 -22.71 23.48
C THR H 77 -0.69 -21.35 22.87
N LEU H 78 -1.45 -20.50 23.59
CA LEU H 78 -1.71 -19.10 23.27
C LEU H 78 -1.54 -18.27 24.56
N LYS H 79 -0.49 -17.43 24.61
CA LYS H 79 -0.21 -16.55 25.75
C LYS H 79 -0.77 -15.16 25.49
N ILE H 80 -1.28 -14.50 26.53
CA ILE H 80 -1.81 -13.14 26.43
C ILE H 80 -1.18 -12.31 27.53
N GLN H 81 -0.21 -11.45 27.16
CA GLN H 81 0.50 -10.59 28.10
C GLN H 81 0.89 -9.21 27.53
N PRO H 82 0.31 -8.12 28.09
CA PRO H 82 -0.66 -8.08 29.20
C PRO H 82 -2.11 -8.28 28.74
N THR H 83 -2.99 -8.60 29.68
CA THR H 83 -4.42 -8.80 29.39
C THR H 83 -5.22 -7.50 29.49
N ALA H 84 -6.20 -7.35 28.58
CA ALA H 84 -7.10 -6.20 28.50
C ALA H 84 -8.55 -6.68 28.67
N LEU H 85 -9.46 -5.78 29.12
CA LEU H 85 -10.90 -6.09 29.31
C LEU H 85 -11.57 -6.64 28.05
N GLU H 86 -11.19 -6.14 26.86
CA GLU H 86 -11.71 -6.58 25.56
C GLU H 86 -11.33 -8.02 25.20
N ASP H 87 -10.26 -8.57 25.83
CA ASP H 87 -9.82 -9.94 25.60
C ASP H 87 -10.76 -11.00 26.21
N SER H 88 -11.82 -10.57 26.94
CA SER H 88 -12.83 -11.45 27.52
C SER H 88 -13.65 -12.01 26.34
N ALA H 89 -13.39 -13.29 25.98
CA ALA H 89 -14.05 -14.03 24.90
C ALA H 89 -13.80 -15.54 25.05
N VAL H 90 -14.41 -16.35 24.17
CA VAL H 90 -14.19 -17.81 24.15
C VAL H 90 -13.12 -18.07 23.08
N TYR H 91 -12.02 -18.72 23.48
CA TYR H 91 -10.92 -19.01 22.57
C TYR H 91 -10.96 -20.44 22.07
N PHE H 92 -11.04 -20.58 20.74
CA PHE H 92 -11.14 -21.88 20.08
C PHE H 92 -9.86 -22.36 19.42
N CYS H 93 -9.47 -23.57 19.77
CA CYS H 93 -8.33 -24.21 19.14
C CYS H 93 -8.87 -25.05 17.98
N ALA H 94 -8.13 -25.11 16.87
CA ALA H 94 -8.53 -25.90 15.73
C ALA H 94 -7.36 -26.54 15.06
N SER H 95 -7.56 -27.75 14.54
CA SER H 95 -6.49 -28.46 13.82
C SER H 95 -7.04 -29.06 12.53
N SER H 96 -6.20 -29.13 11.49
CA SER H 96 -6.55 -29.72 10.19
C SER H 96 -5.36 -30.48 9.60
N PHE H 97 -5.63 -31.37 8.61
CA PHE H 97 -4.55 -32.13 7.94
C PHE H 97 -3.84 -31.25 6.94
N TRP H 98 -4.56 -30.23 6.44
CA TRP H 98 -4.11 -29.23 5.49
C TRP H 98 -4.34 -27.80 6.01
N GLY H 99 -3.66 -26.84 5.38
CA GLY H 99 -3.76 -25.42 5.70
C GLY H 99 -4.98 -24.76 5.12
N ALA H 100 -5.53 -25.34 4.05
CA ALA H 100 -6.73 -24.86 3.38
C ALA H 100 -7.44 -25.96 2.61
N TYR H 101 -8.75 -25.76 2.38
CA TYR H 101 -9.66 -26.62 1.60
C TYR H 101 -9.97 -27.99 2.26
N ALA H 102 -9.58 -28.14 3.54
CA ALA H 102 -9.82 -29.33 4.35
C ALA H 102 -10.50 -28.95 5.67
N GLU H 103 -11.34 -29.86 6.22
CA GLU H 103 -12.05 -29.63 7.47
C GLU H 103 -11.14 -29.29 8.64
N GLN H 104 -11.50 -28.20 9.36
CA GLN H 104 -10.82 -27.76 10.56
C GLN H 104 -11.64 -28.29 11.72
N PHE H 105 -10.98 -28.98 12.66
CA PHE H 105 -11.60 -29.61 13.82
C PHE H 105 -11.45 -28.72 15.04
N PHE H 106 -12.58 -28.24 15.58
CA PHE H 106 -12.61 -27.32 16.70
C PHE H 106 -12.65 -27.99 18.10
N GLY H 107 -12.14 -27.27 19.09
CA GLY H 107 -12.11 -27.73 20.47
C GLY H 107 -13.31 -27.19 21.24
N PRO H 108 -13.47 -27.55 22.53
CA PRO H 108 -14.62 -27.03 23.29
C PRO H 108 -14.53 -25.54 23.62
N GLY H 109 -13.32 -25.01 23.56
CA GLY H 109 -13.02 -23.61 23.85
C GLY H 109 -12.73 -23.34 25.31
N THR H 110 -12.02 -22.23 25.58
CA THR H 110 -11.71 -21.74 26.92
C THR H 110 -12.42 -20.40 27.11
N ARG H 111 -13.21 -20.26 28.19
CA ARG H 111 -13.92 -19.01 28.46
C ARG H 111 -13.05 -18.09 29.29
N LEU H 112 -12.37 -17.14 28.63
CA LEU H 112 -11.51 -16.17 29.29
C LEU H 112 -12.34 -14.97 29.74
N THR H 113 -12.16 -14.55 31.00
CA THR H 113 -12.87 -13.40 31.56
C THR H 113 -11.88 -12.45 32.23
N VAL H 114 -11.55 -11.35 31.53
CA VAL H 114 -10.65 -10.32 32.04
C VAL H 114 -11.51 -9.24 32.70
N LEU H 115 -11.30 -9.03 34.02
CA LEU H 115 -12.05 -8.07 34.82
C LEU H 115 -11.16 -6.99 35.40
N GLU H 116 -11.77 -5.83 35.73
CA GLU H 116 -11.10 -4.68 36.34
C GLU H 116 -10.72 -5.04 37.78
N ASP H 117 -11.69 -5.58 38.55
CA ASP H 117 -11.53 -6.05 39.93
C ASP H 117 -12.30 -7.37 40.08
N LEU H 118 -11.75 -8.29 40.89
CA LEU H 118 -12.34 -9.61 41.17
C LEU H 118 -13.44 -9.53 42.25
N LYS H 119 -13.71 -8.31 42.75
CA LYS H 119 -14.70 -7.99 43.78
C LYS H 119 -16.13 -8.19 43.24
N ASN H 120 -16.26 -8.23 41.89
CA ASN H 120 -17.51 -8.43 41.14
C ASN H 120 -17.87 -9.92 40.98
N VAL H 121 -16.96 -10.86 41.36
CA VAL H 121 -17.16 -12.31 41.25
C VAL H 121 -18.05 -12.84 42.41
N PHE H 122 -19.18 -13.48 42.05
CA PHE H 122 -20.15 -14.04 43.01
C PHE H 122 -20.61 -15.44 42.58
N PRO H 123 -20.67 -16.43 43.51
CA PRO H 123 -21.14 -17.77 43.12
C PRO H 123 -22.68 -17.83 43.05
N PRO H 124 -23.31 -18.89 42.48
CA PRO H 124 -24.78 -18.90 42.41
C PRO H 124 -25.47 -19.36 43.69
N GLU H 125 -26.71 -18.90 43.88
CA GLU H 125 -27.62 -19.26 44.96
C GLU H 125 -28.70 -20.11 44.27
N VAL H 126 -28.72 -21.41 44.57
CA VAL H 126 -29.61 -22.39 43.90
C VAL H 126 -30.78 -22.84 44.76
N ALA H 127 -32.00 -22.80 44.19
CA ALA H 127 -33.24 -23.20 44.83
C ALA H 127 -34.15 -23.98 43.88
N VAL H 128 -34.79 -25.06 44.40
CA VAL H 128 -35.72 -25.92 43.65
C VAL H 128 -37.15 -25.62 44.08
N PHE H 129 -38.04 -25.39 43.11
CA PHE H 129 -39.46 -25.11 43.34
C PHE H 129 -40.29 -26.36 43.06
N GLU H 130 -40.90 -26.92 44.13
CA GLU H 130 -41.73 -28.13 44.12
C GLU H 130 -42.94 -27.98 43.18
N PRO H 131 -43.33 -29.04 42.43
CA PRO H 131 -44.47 -28.93 41.50
C PRO H 131 -45.81 -28.56 42.13
N SER H 132 -46.64 -27.84 41.35
CA SER H 132 -47.97 -27.38 41.74
C SER H 132 -48.97 -28.54 41.83
N GLU H 133 -49.72 -28.64 42.96
CA GLU H 133 -50.73 -29.69 43.17
C GLU H 133 -51.87 -29.57 42.15
N ALA H 134 -52.09 -28.34 41.64
CA ALA H 134 -53.08 -28.01 40.61
C ALA H 134 -52.70 -28.71 39.29
N GLU H 135 -51.42 -28.61 38.89
CA GLU H 135 -50.82 -29.20 37.70
C GLU H 135 -50.89 -30.73 37.73
N ILE H 136 -50.60 -31.33 38.90
CA ILE H 136 -50.65 -32.78 39.13
C ILE H 136 -52.08 -33.31 38.90
N SER H 137 -53.11 -32.56 39.34
CA SER H 137 -54.52 -32.93 39.17
C SER H 137 -55.09 -32.55 37.78
N HIS H 138 -54.50 -31.52 37.13
CA HIS H 138 -54.95 -31.04 35.82
C HIS H 138 -54.29 -31.77 34.66
N THR H 139 -52.97 -32.00 34.74
CA THR H 139 -52.18 -32.64 33.67
C THR H 139 -51.65 -34.05 33.98
N GLN H 140 -51.60 -34.44 35.28
CA GLN H 140 -51.07 -35.72 35.77
C GLN H 140 -49.55 -35.86 35.46
N LYS H 141 -48.88 -34.71 35.33
CA LYS H 141 -47.46 -34.52 35.07
C LYS H 141 -46.95 -33.48 36.07
N ALA H 142 -45.79 -33.73 36.67
CA ALA H 142 -45.20 -32.82 37.66
C ALA H 142 -43.91 -32.16 37.18
N THR H 143 -43.99 -30.84 36.90
CA THR H 143 -42.85 -30.03 36.47
C THR H 143 -42.29 -29.28 37.66
N LEU H 144 -41.00 -29.50 37.96
CA LEU H 144 -40.29 -28.80 39.03
C LEU H 144 -39.24 -27.90 38.41
N VAL H 145 -39.20 -26.63 38.86
CA VAL H 145 -38.31 -25.61 38.31
C VAL H 145 -37.15 -25.29 39.27
N CYS H 146 -35.94 -25.12 38.68
CA CYS H 146 -34.73 -24.76 39.40
C CYS H 146 -34.32 -23.34 39.06
N LEU H 147 -33.89 -22.58 40.08
CA LEU H 147 -33.44 -21.21 39.88
C LEU H 147 -32.06 -20.95 40.47
N ALA H 148 -31.10 -20.65 39.59
CA ALA H 148 -29.72 -20.31 39.95
C ALA H 148 -29.66 -18.77 39.89
N THR H 149 -29.33 -18.13 41.02
CA THR H 149 -29.33 -16.67 41.11
C THR H 149 -28.06 -16.02 41.68
N GLY H 150 -27.86 -14.75 41.30
CA GLY H 150 -26.79 -13.88 41.76
C GLY H 150 -25.37 -14.32 41.44
N PHE H 151 -25.15 -14.91 40.26
CA PHE H 151 -23.82 -15.35 39.87
C PHE H 151 -23.19 -14.42 38.85
N TYR H 152 -21.87 -14.21 38.98
CA TYR H 152 -21.02 -13.39 38.11
C TYR H 152 -19.60 -13.98 38.14
N PRO H 153 -18.96 -14.23 36.97
CA PRO H 153 -19.46 -14.06 35.59
C PRO H 153 -20.34 -15.22 35.15
N ASP H 154 -20.80 -15.20 33.89
CA ASP H 154 -21.65 -16.23 33.28
C ASP H 154 -20.83 -17.54 33.05
N HIS H 155 -20.46 -18.20 34.16
CA HIS H 155 -19.64 -19.42 34.23
C HIS H 155 -20.44 -20.55 34.92
N VAL H 156 -21.61 -20.93 34.37
CA VAL H 156 -22.45 -21.97 35.00
C VAL H 156 -22.81 -23.17 34.13
N GLU H 157 -22.95 -24.34 34.78
CA GLU H 157 -23.34 -25.60 34.17
C GLU H 157 -24.41 -26.27 35.03
N LEU H 158 -25.69 -26.11 34.63
CA LEU H 158 -26.83 -26.69 35.34
C LEU H 158 -27.10 -28.11 34.86
N SER H 159 -27.33 -29.03 35.81
CA SER H 159 -27.63 -30.44 35.55
C SER H 159 -28.57 -31.03 36.60
N TRP H 160 -29.55 -31.83 36.14
CA TRP H 160 -30.53 -32.48 37.01
C TRP H 160 -30.06 -33.89 37.41
N TRP H 161 -30.18 -34.22 38.71
CA TRP H 161 -29.79 -35.52 39.27
C TRP H 161 -30.95 -36.20 40.01
N VAL H 162 -31.48 -37.29 39.42
CA VAL H 162 -32.58 -38.07 39.99
C VAL H 162 -32.06 -39.41 40.48
N ASN H 163 -32.21 -39.66 41.79
CA ASN H 163 -31.77 -40.88 42.50
C ASN H 163 -30.29 -41.19 42.26
N GLY H 164 -29.45 -40.14 42.41
CA GLY H 164 -28.00 -40.21 42.25
C GLY H 164 -27.48 -40.21 40.83
N LYS H 165 -28.37 -40.40 39.84
CA LYS H 165 -28.01 -40.45 38.41
C LYS H 165 -28.41 -39.18 37.67
N GLU H 166 -27.54 -38.71 36.75
CA GLU H 166 -27.83 -37.51 35.97
C GLU H 166 -28.83 -37.85 34.87
N VAL H 167 -29.96 -37.12 34.82
CA VAL H 167 -31.02 -37.31 33.82
C VAL H 167 -30.99 -36.24 32.72
N HIS H 168 -31.46 -36.60 31.51
CA HIS H 168 -31.51 -35.70 30.34
C HIS H 168 -32.91 -35.60 29.72
N SER H 169 -33.75 -36.62 29.96
CA SER H 169 -35.13 -36.68 29.47
C SER H 169 -36.00 -35.72 30.29
N GLY H 170 -36.89 -35.00 29.62
CA GLY H 170 -37.82 -34.04 30.23
C GLY H 170 -37.19 -32.85 30.95
N VAL H 171 -35.94 -32.50 30.57
CA VAL H 171 -35.16 -31.41 31.14
C VAL H 171 -35.11 -30.22 30.16
N CYS H 172 -35.26 -28.98 30.67
CA CYS H 172 -35.18 -27.79 29.83
C CYS H 172 -34.49 -26.63 30.51
N THR H 173 -33.17 -26.53 30.31
CA THR H 173 -32.38 -25.44 30.88
C THR H 173 -32.42 -24.29 29.88
N ASP H 174 -32.49 -23.04 30.38
CA ASP H 174 -32.49 -21.84 29.54
C ASP H 174 -31.17 -21.77 28.77
N PRO H 175 -31.17 -21.40 27.47
CA PRO H 175 -29.90 -21.36 26.71
C PRO H 175 -28.92 -20.31 27.25
N GLN H 176 -29.41 -19.08 27.50
CA GLN H 176 -28.61 -17.97 28.01
C GLN H 176 -29.26 -17.32 29.24
N PRO H 177 -28.48 -16.99 30.31
CA PRO H 177 -29.08 -16.35 31.49
C PRO H 177 -29.45 -14.89 31.27
N ASN H 185 -23.86 -2.37 33.82
CA ASN H 185 -22.74 -2.89 33.04
C ASN H 185 -22.23 -4.24 33.60
N ASP H 186 -22.12 -4.33 34.94
CA ASP H 186 -21.66 -5.50 35.68
C ASP H 186 -22.77 -6.05 36.60
N SER H 187 -23.82 -6.60 35.99
CA SER H 187 -24.98 -7.16 36.70
C SER H 187 -24.86 -8.67 36.84
N ARG H 188 -25.26 -9.20 38.02
CA ARG H 188 -25.25 -10.64 38.31
C ARG H 188 -26.33 -11.32 37.46
N TYR H 189 -25.96 -12.43 36.80
CA TYR H 189 -26.86 -13.19 35.95
C TYR H 189 -27.76 -14.14 36.75
N ALA H 190 -28.82 -14.67 36.11
CA ALA H 190 -29.78 -15.61 36.67
C ALA H 190 -30.22 -16.61 35.60
N LEU H 191 -30.20 -17.91 35.93
CA LEU H 191 -30.55 -19.00 35.01
C LEU H 191 -31.56 -19.97 35.63
N SER H 192 -32.51 -20.46 34.80
CA SER H 192 -33.52 -21.41 35.23
C SER H 192 -33.60 -22.65 34.34
N SER H 193 -33.98 -23.79 34.95
CA SER H 193 -34.18 -25.09 34.30
C SER H 193 -35.42 -25.76 34.85
N ARG H 194 -36.10 -26.57 34.02
CA ARG H 194 -37.33 -27.26 34.39
C ARG H 194 -37.21 -28.74 34.14
N LEU H 195 -37.71 -29.57 35.07
CA LEU H 195 -37.70 -31.03 34.95
C LEU H 195 -39.12 -31.54 35.12
N ARG H 196 -39.61 -32.31 34.12
CA ARG H 196 -40.95 -32.89 34.14
C ARG H 196 -40.90 -34.42 34.24
N VAL H 197 -41.67 -34.94 35.20
CA VAL H 197 -41.85 -36.37 35.50
C VAL H 197 -43.34 -36.68 35.63
N SER H 198 -43.73 -37.96 35.59
CA SER H 198 -45.13 -38.36 35.77
C SER H 198 -45.53 -38.10 37.23
N ALA H 199 -46.82 -37.82 37.47
CA ALA H 199 -47.34 -37.56 38.82
C ALA H 199 -47.01 -38.71 39.78
N THR H 200 -47.13 -39.98 39.29
CA THR H 200 -46.83 -41.21 40.04
C THR H 200 -45.38 -41.23 40.53
N PHE H 201 -44.45 -40.70 39.72
CA PHE H 201 -43.04 -40.59 40.05
C PHE H 201 -42.78 -39.52 41.10
N TRP H 202 -43.35 -38.30 40.91
CA TRP H 202 -43.20 -37.20 41.86
C TRP H 202 -43.85 -37.52 43.23
N GLN H 203 -45.05 -38.16 43.23
CA GLN H 203 -45.79 -38.52 44.44
C GLN H 203 -45.07 -39.52 45.37
N ASN H 204 -44.10 -40.29 44.81
CA ASN H 204 -43.29 -41.27 45.54
C ASN H 204 -42.27 -40.51 46.45
N PRO H 205 -42.41 -40.59 47.80
CA PRO H 205 -41.46 -39.86 48.68
C PRO H 205 -40.08 -40.50 48.81
N ARG H 206 -39.82 -41.59 48.08
CA ARG H 206 -38.56 -42.33 48.06
C ARG H 206 -37.68 -41.91 46.87
N ASN H 207 -38.21 -41.00 46.02
CA ASN H 207 -37.50 -40.46 44.86
C ASN H 207 -36.84 -39.13 45.21
N HIS H 208 -35.52 -39.05 44.95
CA HIS H 208 -34.70 -37.89 45.25
C HIS H 208 -34.28 -37.11 44.00
N PHE H 209 -34.79 -35.87 43.87
CA PHE H 209 -34.53 -34.95 42.75
C PHE H 209 -33.57 -33.83 43.21
N ARG H 210 -32.45 -33.65 42.50
CA ARG H 210 -31.45 -32.62 42.83
C ARG H 210 -31.05 -31.75 41.63
N CYS H 211 -30.90 -30.44 41.87
CA CYS H 211 -30.47 -29.49 40.86
C CYS H 211 -29.03 -29.11 41.16
N GLN H 212 -28.11 -29.50 40.28
CA GLN H 212 -26.69 -29.26 40.45
C GLN H 212 -26.18 -28.16 39.53
N VAL H 213 -25.57 -27.12 40.13
CA VAL H 213 -25.01 -26.00 39.36
C VAL H 213 -23.50 -25.93 39.62
N GLN H 214 -22.70 -26.18 38.57
CA GLN H 214 -21.24 -26.12 38.64
C GLN H 214 -20.81 -24.74 38.21
N PHE H 215 -20.16 -24.01 39.13
CA PHE H 215 -19.65 -22.66 38.89
C PHE H 215 -18.15 -22.75 38.62
N TYR H 216 -17.67 -21.91 37.71
CA TYR H 216 -16.26 -21.84 37.37
C TYR H 216 -15.73 -20.49 37.85
N GLY H 217 -15.24 -20.47 39.09
CA GLY H 217 -14.77 -19.26 39.75
C GLY H 217 -13.28 -19.00 39.70
N LEU H 218 -12.75 -18.55 40.85
CA LEU H 218 -11.33 -18.19 41.03
C LEU H 218 -10.49 -19.38 41.51
N SER H 219 -9.16 -19.25 41.39
CA SER H 219 -8.18 -20.25 41.83
C SER H 219 -7.69 -19.91 43.25
N GLU H 220 -6.87 -20.80 43.85
CA GLU H 220 -6.26 -20.59 45.17
C GLU H 220 -5.13 -19.55 45.09
N ASN H 221 -4.59 -19.37 43.87
CA ASN H 221 -3.52 -18.42 43.54
C ASN H 221 -4.02 -16.98 43.66
N ASP H 222 -5.30 -16.74 43.30
CA ASP H 222 -5.97 -15.42 43.33
C ASP H 222 -6.12 -14.88 44.74
N GLU H 223 -6.00 -13.56 44.90
CA GLU H 223 -6.09 -12.88 46.20
C GLU H 223 -7.50 -12.37 46.48
N TRP H 224 -8.07 -12.79 47.62
CA TRP H 224 -9.41 -12.41 48.07
C TRP H 224 -9.32 -11.55 49.35
N THR H 225 -9.40 -10.21 49.18
CA THR H 225 -9.30 -9.21 50.25
C THR H 225 -10.60 -8.99 51.02
N GLN H 226 -11.75 -9.05 50.33
CA GLN H 226 -13.08 -8.83 50.90
C GLN H 226 -13.50 -9.93 51.87
N ASP H 227 -14.09 -9.53 53.01
CA ASP H 227 -14.54 -10.43 54.07
C ASP H 227 -15.84 -11.15 53.73
N ARG H 228 -15.74 -12.11 52.82
CA ARG H 228 -16.84 -12.93 52.34
C ARG H 228 -16.23 -14.26 51.87
N ALA H 229 -17.06 -15.30 51.66
CA ALA H 229 -16.61 -16.61 51.19
C ALA H 229 -16.00 -16.46 49.79
N LYS H 230 -14.83 -17.08 49.55
CA LYS H 230 -14.12 -17.01 48.26
C LYS H 230 -14.94 -17.62 47.11
N PRO H 231 -15.18 -16.88 46.00
CA PRO H 231 -15.98 -17.44 44.89
C PRO H 231 -15.16 -18.32 43.94
N VAL H 232 -14.77 -19.53 44.44
CA VAL H 232 -13.96 -20.51 43.71
C VAL H 232 -14.78 -21.42 42.78
N THR H 233 -14.10 -22.30 42.02
CA THR H 233 -14.71 -23.28 41.13
C THR H 233 -15.39 -24.31 42.05
N GLN H 234 -16.66 -24.03 42.39
CA GLN H 234 -17.47 -24.81 43.32
C GLN H 234 -18.77 -25.34 42.69
N ILE H 235 -19.46 -26.24 43.43
CA ILE H 235 -20.74 -26.82 43.05
C ILE H 235 -21.79 -26.39 44.10
N VAL H 236 -22.88 -25.75 43.64
CA VAL H 236 -23.98 -25.29 44.49
C VAL H 236 -25.23 -26.12 44.13
N SER H 237 -25.46 -27.22 44.84
CA SER H 237 -26.62 -28.08 44.55
C SER H 237 -27.78 -27.90 45.51
N ALA H 238 -29.02 -27.95 44.98
CA ALA H 238 -30.26 -27.81 45.74
C ALA H 238 -31.17 -29.05 45.56
#